data_5Z7F
# 
_entry.id   5Z7F 
# 
_audit_conform.dict_name       mmcif_pdbx.dic 
_audit_conform.dict_version    5.387 
_audit_conform.dict_location   http://mmcif.pdb.org/dictionaries/ascii/mmcif_pdbx.dic 
# 
loop_
_database_2.database_id 
_database_2.database_code 
_database_2.pdbx_database_accession 
_database_2.pdbx_DOI 
PDB   5Z7F         pdb_00005z7f 10.2210/pdb5z7f/pdb 
WWPDB D_1300006614 ?            ?                   
# 
loop_
_pdbx_audit_revision_history.ordinal 
_pdbx_audit_revision_history.data_content_type 
_pdbx_audit_revision_history.major_revision 
_pdbx_audit_revision_history.minor_revision 
_pdbx_audit_revision_history.revision_date 
1 'Structure model' 1 0 2019-01-30 
2 'Structure model' 1 1 2024-03-27 
# 
_pdbx_audit_revision_details.ordinal             1 
_pdbx_audit_revision_details.revision_ordinal    1 
_pdbx_audit_revision_details.data_content_type   'Structure model' 
_pdbx_audit_revision_details.provider            repository 
_pdbx_audit_revision_details.type                'Initial release' 
_pdbx_audit_revision_details.description         ? 
_pdbx_audit_revision_details.details             ? 
# 
loop_
_pdbx_audit_revision_group.ordinal 
_pdbx_audit_revision_group.revision_ordinal 
_pdbx_audit_revision_group.data_content_type 
_pdbx_audit_revision_group.group 
1 2 'Structure model' 'Data collection'     
2 2 'Structure model' 'Database references' 
# 
loop_
_pdbx_audit_revision_category.ordinal 
_pdbx_audit_revision_category.revision_ordinal 
_pdbx_audit_revision_category.data_content_type 
_pdbx_audit_revision_category.category 
1 2 'Structure model' chem_comp_atom 
2 2 'Structure model' chem_comp_bond 
3 2 'Structure model' database_2     
# 
loop_
_pdbx_audit_revision_item.ordinal 
_pdbx_audit_revision_item.revision_ordinal 
_pdbx_audit_revision_item.data_content_type 
_pdbx_audit_revision_item.item 
1 2 'Structure model' '_database_2.pdbx_DOI'                
2 2 'Structure model' '_database_2.pdbx_database_accession' 
# 
_pdbx_database_status.status_code                     REL 
_pdbx_database_status.status_code_sf                  REL 
_pdbx_database_status.status_code_mr                  ? 
_pdbx_database_status.entry_id                        5Z7F 
_pdbx_database_status.recvd_initial_deposition_date   2018-01-28 
_pdbx_database_status.SG_entry                        N 
_pdbx_database_status.deposit_site                    PDBJ 
_pdbx_database_status.process_site                    PDBJ 
_pdbx_database_status.status_code_cs                  ? 
_pdbx_database_status.methods_development_category    ? 
_pdbx_database_status.pdb_format_compatible           Y 
_pdbx_database_status.status_code_nmr_data            ? 
# 
_audit_author.name               'Yi, J.' 
_audit_author.pdbx_ordinal       1 
_audit_author.identifier_ORCID   ? 
# 
_citation.abstract                  ? 
_citation.abstract_id_CAS           ? 
_citation.book_id_ISBN              ? 
_citation.book_publisher            ? 
_citation.book_publisher_city       ? 
_citation.book_title                ? 
_citation.coordinate_linkage        ? 
_citation.country                   ? 
_citation.database_id_Medline       ? 
_citation.details                   ? 
_citation.id                        primary 
_citation.journal_abbrev            'To Be Published' 
_citation.journal_id_ASTM           ? 
_citation.journal_id_CSD            0353 
_citation.journal_id_ISSN           ? 
_citation.journal_full              ? 
_citation.journal_issue             ? 
_citation.journal_volume            ? 
_citation.language                  ? 
_citation.page_first                ? 
_citation.page_last                 ? 
_citation.title                     'Horse Heart Myoglobin Mutant -V68A/I107Y-Sulfide Derivative' 
_citation.year                      ? 
_citation.database_id_CSD           ? 
_citation.pdbx_database_id_DOI      ? 
_citation.pdbx_database_id_PubMed   ? 
_citation.unpublished_flag          ? 
# 
_citation_author.citation_id        primary 
_citation_author.name               'Yi, J.' 
_citation_author.ordinal            1 
_citation_author.identifier_ORCID   ? 
# 
loop_
_entity.id 
_entity.type 
_entity.src_method 
_entity.pdbx_description 
_entity.formula_weight 
_entity.pdbx_number_of_molecules 
_entity.pdbx_ec 
_entity.pdbx_mutation 
_entity.pdbx_fragment 
_entity.details 
1 polymer     man Myoglobin                         17005.479 1  ? V68A,I107Y ? ? 
2 non-polymer syn 'PROTOPORPHYRIN IX CONTAINING FE' 616.487   1  ? ?          ? ? 
3 non-polymer syn 'HYDROSULFURIC ACID'              34.081    1  ? ?          ? ? 
4 non-polymer syn 'NITRITE ION'                     46.005    1  ? ?          ? ? 
5 non-polymer syn 'SULFATE ION'                     96.063    2  ? ?          ? ? 
6 non-polymer syn GLYCEROL                          92.094    1  ? ?          ? ? 
7 water       nat water                             18.015    56 ? ?          ? ? 
# 
_entity_poly.entity_id                      1 
_entity_poly.type                           'polypeptide(L)' 
_entity_poly.nstd_linkage                   no 
_entity_poly.nstd_monomer                   no 
_entity_poly.pdbx_seq_one_letter_code       
;GLSDGEWQQVLNVWGKVEADIAGHGQEVLIRLFTGHPETLEKFDKFKHLKTEAEMKASEDLKKHGTVALTALGGILKKKG
HHEAELKPLAQSHATKHKIPIKYLEFYSDAIIHVLHSKHPGDFGADAQGAMTKALELFRNDIAAKYKELGFQG
;
_entity_poly.pdbx_seq_one_letter_code_can   
;GLSDGEWQQVLNVWGKVEADIAGHGQEVLIRLFTGHPETLEKFDKFKHLKTEAEMKASEDLKKHGTVALTALGGILKKKG
HHEAELKPLAQSHATKHKIPIKYLEFYSDAIIHVLHSKHPGDFGADAQGAMTKALELFRNDIAAKYKELGFQG
;
_entity_poly.pdbx_strand_id                 A 
_entity_poly.pdbx_target_identifier         ? 
# 
loop_
_pdbx_entity_nonpoly.entity_id 
_pdbx_entity_nonpoly.name 
_pdbx_entity_nonpoly.comp_id 
2 'PROTOPORPHYRIN IX CONTAINING FE' HEM 
3 'HYDROSULFURIC ACID'              H2S 
4 'NITRITE ION'                     NO2 
5 'SULFATE ION'                     SO4 
6 GLYCEROL                          GOL 
7 water                             HOH 
# 
loop_
_entity_poly_seq.entity_id 
_entity_poly_seq.num 
_entity_poly_seq.mon_id 
_entity_poly_seq.hetero 
1 1   GLY n 
1 2   LEU n 
1 3   SER n 
1 4   ASP n 
1 5   GLY n 
1 6   GLU n 
1 7   TRP n 
1 8   GLN n 
1 9   GLN n 
1 10  VAL n 
1 11  LEU n 
1 12  ASN n 
1 13  VAL n 
1 14  TRP n 
1 15  GLY n 
1 16  LYS n 
1 17  VAL n 
1 18  GLU n 
1 19  ALA n 
1 20  ASP n 
1 21  ILE n 
1 22  ALA n 
1 23  GLY n 
1 24  HIS n 
1 25  GLY n 
1 26  GLN n 
1 27  GLU n 
1 28  VAL n 
1 29  LEU n 
1 30  ILE n 
1 31  ARG n 
1 32  LEU n 
1 33  PHE n 
1 34  THR n 
1 35  GLY n 
1 36  HIS n 
1 37  PRO n 
1 38  GLU n 
1 39  THR n 
1 40  LEU n 
1 41  GLU n 
1 42  LYS n 
1 43  PHE n 
1 44  ASP n 
1 45  LYS n 
1 46  PHE n 
1 47  LYS n 
1 48  HIS n 
1 49  LEU n 
1 50  LYS n 
1 51  THR n 
1 52  GLU n 
1 53  ALA n 
1 54  GLU n 
1 55  MET n 
1 56  LYS n 
1 57  ALA n 
1 58  SER n 
1 59  GLU n 
1 60  ASP n 
1 61  LEU n 
1 62  LYS n 
1 63  LYS n 
1 64  HIS n 
1 65  GLY n 
1 66  THR n 
1 67  VAL n 
1 68  ALA n 
1 69  LEU n 
1 70  THR n 
1 71  ALA n 
1 72  LEU n 
1 73  GLY n 
1 74  GLY n 
1 75  ILE n 
1 76  LEU n 
1 77  LYS n 
1 78  LYS n 
1 79  LYS n 
1 80  GLY n 
1 81  HIS n 
1 82  HIS n 
1 83  GLU n 
1 84  ALA n 
1 85  GLU n 
1 86  LEU n 
1 87  LYS n 
1 88  PRO n 
1 89  LEU n 
1 90  ALA n 
1 91  GLN n 
1 92  SER n 
1 93  HIS n 
1 94  ALA n 
1 95  THR n 
1 96  LYS n 
1 97  HIS n 
1 98  LYS n 
1 99  ILE n 
1 100 PRO n 
1 101 ILE n 
1 102 LYS n 
1 103 TYR n 
1 104 LEU n 
1 105 GLU n 
1 106 PHE n 
1 107 TYR n 
1 108 SER n 
1 109 ASP n 
1 110 ALA n 
1 111 ILE n 
1 112 ILE n 
1 113 HIS n 
1 114 VAL n 
1 115 LEU n 
1 116 HIS n 
1 117 SER n 
1 118 LYS n 
1 119 HIS n 
1 120 PRO n 
1 121 GLY n 
1 122 ASP n 
1 123 PHE n 
1 124 GLY n 
1 125 ALA n 
1 126 ASP n 
1 127 ALA n 
1 128 GLN n 
1 129 GLY n 
1 130 ALA n 
1 131 MET n 
1 132 THR n 
1 133 LYS n 
1 134 ALA n 
1 135 LEU n 
1 136 GLU n 
1 137 LEU n 
1 138 PHE n 
1 139 ARG n 
1 140 ASN n 
1 141 ASP n 
1 142 ILE n 
1 143 ALA n 
1 144 ALA n 
1 145 LYS n 
1 146 TYR n 
1 147 LYS n 
1 148 GLU n 
1 149 LEU n 
1 150 GLY n 
1 151 PHE n 
1 152 GLN n 
1 153 GLY n 
# 
_entity_src_gen.entity_id                          1 
_entity_src_gen.pdbx_src_id                        1 
_entity_src_gen.pdbx_alt_source_flag               sample 
_entity_src_gen.pdbx_seq_type                      'Biological sequence' 
_entity_src_gen.pdbx_beg_seq_num                   1 
_entity_src_gen.pdbx_end_seq_num                   153 
_entity_src_gen.gene_src_common_name               Horse 
_entity_src_gen.gene_src_genus                     ? 
_entity_src_gen.pdbx_gene_src_gene                 MB 
_entity_src_gen.gene_src_species                   ? 
_entity_src_gen.gene_src_strain                    ? 
_entity_src_gen.gene_src_tissue                    ? 
_entity_src_gen.gene_src_tissue_fraction           ? 
_entity_src_gen.gene_src_details                   ? 
_entity_src_gen.pdbx_gene_src_fragment             ? 
_entity_src_gen.pdbx_gene_src_scientific_name      'Equus caballus' 
_entity_src_gen.pdbx_gene_src_ncbi_taxonomy_id     9796 
_entity_src_gen.pdbx_gene_src_variant              ? 
_entity_src_gen.pdbx_gene_src_cell_line            ? 
_entity_src_gen.pdbx_gene_src_atcc                 ? 
_entity_src_gen.pdbx_gene_src_organ                ? 
_entity_src_gen.pdbx_gene_src_organelle            ? 
_entity_src_gen.pdbx_gene_src_cell                 ? 
_entity_src_gen.pdbx_gene_src_cellular_location    ? 
_entity_src_gen.host_org_common_name               ? 
_entity_src_gen.pdbx_host_org_scientific_name      'Escherichia coli' 
_entity_src_gen.pdbx_host_org_ncbi_taxonomy_id     562 
_entity_src_gen.host_org_genus                     ? 
_entity_src_gen.pdbx_host_org_gene                 ? 
_entity_src_gen.pdbx_host_org_organ                ? 
_entity_src_gen.host_org_species                   ? 
_entity_src_gen.pdbx_host_org_tissue               ? 
_entity_src_gen.pdbx_host_org_tissue_fraction      ? 
_entity_src_gen.pdbx_host_org_strain               ? 
_entity_src_gen.pdbx_host_org_variant              ? 
_entity_src_gen.pdbx_host_org_cell_line            ? 
_entity_src_gen.pdbx_host_org_atcc                 ? 
_entity_src_gen.pdbx_host_org_culture_collection   ? 
_entity_src_gen.pdbx_host_org_cell                 ? 
_entity_src_gen.pdbx_host_org_organelle            ? 
_entity_src_gen.pdbx_host_org_cellular_location    ? 
_entity_src_gen.pdbx_host_org_vector_type          ? 
_entity_src_gen.pdbx_host_org_vector               ? 
_entity_src_gen.host_org_details                   ? 
_entity_src_gen.expression_system_id               ? 
_entity_src_gen.plasmid_name                       ? 
_entity_src_gen.plasmid_details                    ? 
_entity_src_gen.pdbx_description                   ? 
# 
loop_
_chem_comp.id 
_chem_comp.type 
_chem_comp.mon_nstd_flag 
_chem_comp.name 
_chem_comp.pdbx_synonyms 
_chem_comp.formula 
_chem_comp.formula_weight 
ALA 'L-peptide linking' y ALANINE                           ?                               'C3 H7 N O2'       89.093  
ARG 'L-peptide linking' y ARGININE                          ?                               'C6 H15 N4 O2 1'   175.209 
ASN 'L-peptide linking' y ASPARAGINE                        ?                               'C4 H8 N2 O3'      132.118 
ASP 'L-peptide linking' y 'ASPARTIC ACID'                   ?                               'C4 H7 N O4'       133.103 
GLN 'L-peptide linking' y GLUTAMINE                         ?                               'C5 H10 N2 O3'     146.144 
GLU 'L-peptide linking' y 'GLUTAMIC ACID'                   ?                               'C5 H9 N O4'       147.129 
GLY 'peptide linking'   y GLYCINE                           ?                               'C2 H5 N O2'       75.067  
GOL non-polymer         . GLYCEROL                          'GLYCERIN; PROPANE-1,2,3-TRIOL' 'C3 H8 O3'         92.094  
H2S non-polymer         . 'HYDROSULFURIC ACID'              'HYDROGEN SULFIDE'              'H2 S'             34.081  
HEM non-polymer         . 'PROTOPORPHYRIN IX CONTAINING FE' HEME                            'C34 H32 Fe N4 O4' 616.487 
HIS 'L-peptide linking' y HISTIDINE                         ?                               'C6 H10 N3 O2 1'   156.162 
HOH non-polymer         . WATER                             ?                               'H2 O'             18.015  
ILE 'L-peptide linking' y ISOLEUCINE                        ?                               'C6 H13 N O2'      131.173 
LEU 'L-peptide linking' y LEUCINE                           ?                               'C6 H13 N O2'      131.173 
LYS 'L-peptide linking' y LYSINE                            ?                               'C6 H15 N2 O2 1'   147.195 
MET 'L-peptide linking' y METHIONINE                        ?                               'C5 H11 N O2 S'    149.211 
NO2 non-polymer         . 'NITRITE ION'                     ?                               'N O2 -1'          46.005  
PHE 'L-peptide linking' y PHENYLALANINE                     ?                               'C9 H11 N O2'      165.189 
PRO 'L-peptide linking' y PROLINE                           ?                               'C5 H9 N O2'       115.130 
SER 'L-peptide linking' y SERINE                            ?                               'C3 H7 N O3'       105.093 
SO4 non-polymer         . 'SULFATE ION'                     ?                               'O4 S -2'          96.063  
THR 'L-peptide linking' y THREONINE                         ?                               'C4 H9 N O3'       119.119 
TRP 'L-peptide linking' y TRYPTOPHAN                        ?                               'C11 H12 N2 O2'    204.225 
TYR 'L-peptide linking' y TYROSINE                          ?                               'C9 H11 N O3'      181.189 
VAL 'L-peptide linking' y VALINE                            ?                               'C5 H11 N O2'      117.146 
# 
loop_
_pdbx_poly_seq_scheme.asym_id 
_pdbx_poly_seq_scheme.entity_id 
_pdbx_poly_seq_scheme.seq_id 
_pdbx_poly_seq_scheme.mon_id 
_pdbx_poly_seq_scheme.ndb_seq_num 
_pdbx_poly_seq_scheme.pdb_seq_num 
_pdbx_poly_seq_scheme.auth_seq_num 
_pdbx_poly_seq_scheme.pdb_mon_id 
_pdbx_poly_seq_scheme.auth_mon_id 
_pdbx_poly_seq_scheme.pdb_strand_id 
_pdbx_poly_seq_scheme.pdb_ins_code 
_pdbx_poly_seq_scheme.hetero 
A 1 1   GLY 1   1   1   GLY GLY A . n 
A 1 2   LEU 2   2   2   LEU LEU A . n 
A 1 3   SER 3   3   3   SER SER A . n 
A 1 4   ASP 4   4   4   ASP ASP A . n 
A 1 5   GLY 5   5   5   GLY GLY A . n 
A 1 6   GLU 6   6   6   GLU GLU A . n 
A 1 7   TRP 7   7   7   TRP TRP A . n 
A 1 8   GLN 8   8   8   GLN GLN A . n 
A 1 9   GLN 9   9   9   GLN GLN A . n 
A 1 10  VAL 10  10  10  VAL VAL A . n 
A 1 11  LEU 11  11  11  LEU LEU A . n 
A 1 12  ASN 12  12  12  ASN ASN A . n 
A 1 13  VAL 13  13  13  VAL VAL A . n 
A 1 14  TRP 14  14  14  TRP TRP A . n 
A 1 15  GLY 15  15  15  GLY GLY A . n 
A 1 16  LYS 16  16  16  LYS LYS A . n 
A 1 17  VAL 17  17  17  VAL VAL A . n 
A 1 18  GLU 18  18  18  GLU GLU A . n 
A 1 19  ALA 19  19  19  ALA ALA A . n 
A 1 20  ASP 20  20  20  ASP ASP A . n 
A 1 21  ILE 21  21  21  ILE ILE A . n 
A 1 22  ALA 22  22  22  ALA ALA A . n 
A 1 23  GLY 23  23  23  GLY GLY A . n 
A 1 24  HIS 24  24  24  HIS HIS A . n 
A 1 25  GLY 25  25  25  GLY GLY A . n 
A 1 26  GLN 26  26  26  GLN GLN A . n 
A 1 27  GLU 27  27  27  GLU GLU A . n 
A 1 28  VAL 28  28  28  VAL VAL A . n 
A 1 29  LEU 29  29  29  LEU LEU A . n 
A 1 30  ILE 30  30  30  ILE ILE A . n 
A 1 31  ARG 31  31  31  ARG ARG A . n 
A 1 32  LEU 32  32  32  LEU LEU A . n 
A 1 33  PHE 33  33  33  PHE PHE A . n 
A 1 34  THR 34  34  34  THR THR A . n 
A 1 35  GLY 35  35  35  GLY GLY A . n 
A 1 36  HIS 36  36  36  HIS HIS A . n 
A 1 37  PRO 37  37  37  PRO PRO A . n 
A 1 38  GLU 38  38  38  GLU GLU A . n 
A 1 39  THR 39  39  39  THR THR A . n 
A 1 40  LEU 40  40  40  LEU LEU A . n 
A 1 41  GLU 41  41  41  GLU GLU A . n 
A 1 42  LYS 42  42  42  LYS LYS A . n 
A 1 43  PHE 43  43  43  PHE PHE A . n 
A 1 44  ASP 44  44  44  ASP ASP A . n 
A 1 45  LYS 45  45  45  LYS LYS A . n 
A 1 46  PHE 46  46  46  PHE PHE A . n 
A 1 47  LYS 47  47  47  LYS LYS A . n 
A 1 48  HIS 48  48  48  HIS HIS A . n 
A 1 49  LEU 49  49  49  LEU LEU A . n 
A 1 50  LYS 50  50  50  LYS LYS A . n 
A 1 51  THR 51  51  51  THR THR A . n 
A 1 52  GLU 52  52  52  GLU GLU A . n 
A 1 53  ALA 53  53  53  ALA ALA A . n 
A 1 54  GLU 54  54  54  GLU GLU A . n 
A 1 55  MET 55  55  55  MET MET A . n 
A 1 56  LYS 56  56  56  LYS LYS A . n 
A 1 57  ALA 57  57  57  ALA ALA A . n 
A 1 58  SER 58  58  58  SER SER A . n 
A 1 59  GLU 59  59  59  GLU GLU A . n 
A 1 60  ASP 60  60  60  ASP ASP A . n 
A 1 61  LEU 61  61  61  LEU LEU A . n 
A 1 62  LYS 62  62  62  LYS LYS A . n 
A 1 63  LYS 63  63  63  LYS LYS A . n 
A 1 64  HIS 64  64  64  HIS HIS A . n 
A 1 65  GLY 65  65  65  GLY GLY A . n 
A 1 66  THR 66  66  66  THR THR A . n 
A 1 67  VAL 67  67  67  VAL VAL A . n 
A 1 68  ALA 68  68  68  ALA ALA A . n 
A 1 69  LEU 69  69  69  LEU LEU A . n 
A 1 70  THR 70  70  70  THR THR A . n 
A 1 71  ALA 71  71  71  ALA ALA A . n 
A 1 72  LEU 72  72  72  LEU LEU A . n 
A 1 73  GLY 73  73  73  GLY GLY A . n 
A 1 74  GLY 74  74  74  GLY GLY A . n 
A 1 75  ILE 75  75  75  ILE ILE A . n 
A 1 76  LEU 76  76  76  LEU LEU A . n 
A 1 77  LYS 77  77  77  LYS LYS A . n 
A 1 78  LYS 78  78  78  LYS LYS A . n 
A 1 79  LYS 79  79  79  LYS LYS A . n 
A 1 80  GLY 80  80  80  GLY GLY A . n 
A 1 81  HIS 81  81  81  HIS HIS A . n 
A 1 82  HIS 82  82  82  HIS HIS A . n 
A 1 83  GLU 83  83  83  GLU GLU A . n 
A 1 84  ALA 84  84  84  ALA ALA A . n 
A 1 85  GLU 85  85  85  GLU GLU A . n 
A 1 86  LEU 86  86  86  LEU LEU A . n 
A 1 87  LYS 87  87  87  LYS LYS A . n 
A 1 88  PRO 88  88  88  PRO PRO A . n 
A 1 89  LEU 89  89  89  LEU LEU A . n 
A 1 90  ALA 90  90  90  ALA ALA A . n 
A 1 91  GLN 91  91  91  GLN GLN A . n 
A 1 92  SER 92  92  92  SER SER A . n 
A 1 93  HIS 93  93  93  HIS HIS A . n 
A 1 94  ALA 94  94  94  ALA ALA A . n 
A 1 95  THR 95  95  95  THR THR A . n 
A 1 96  LYS 96  96  96  LYS LYS A . n 
A 1 97  HIS 97  97  97  HIS HIS A . n 
A 1 98  LYS 98  98  98  LYS LYS A . n 
A 1 99  ILE 99  99  99  ILE ILE A . n 
A 1 100 PRO 100 100 100 PRO PRO A . n 
A 1 101 ILE 101 101 101 ILE ILE A . n 
A 1 102 LYS 102 102 102 LYS LYS A . n 
A 1 103 TYR 103 103 103 TYR TYR A . n 
A 1 104 LEU 104 104 104 LEU LEU A . n 
A 1 105 GLU 105 105 105 GLU GLU A . n 
A 1 106 PHE 106 106 106 PHE PHE A . n 
A 1 107 TYR 107 107 107 TYR TYR A . n 
A 1 108 SER 108 108 108 SER SER A . n 
A 1 109 ASP 109 109 109 ASP ASP A . n 
A 1 110 ALA 110 110 110 ALA ALA A . n 
A 1 111 ILE 111 111 111 ILE ILE A . n 
A 1 112 ILE 112 112 112 ILE ILE A . n 
A 1 113 HIS 113 113 113 HIS HIS A . n 
A 1 114 VAL 114 114 114 VAL VAL A . n 
A 1 115 LEU 115 115 115 LEU LEU A . n 
A 1 116 HIS 116 116 116 HIS HIS A . n 
A 1 117 SER 117 117 117 SER SER A . n 
A 1 118 LYS 118 118 118 LYS LYS A . n 
A 1 119 HIS 119 119 119 HIS HIS A . n 
A 1 120 PRO 120 120 120 PRO PRO A . n 
A 1 121 GLY 121 121 121 GLY GLY A . n 
A 1 122 ASP 122 122 122 ASP ASP A . n 
A 1 123 PHE 123 123 123 PHE PHE A . n 
A 1 124 GLY 124 124 124 GLY GLY A . n 
A 1 125 ALA 125 125 125 ALA ALA A . n 
A 1 126 ASP 126 126 126 ASP ASP A . n 
A 1 127 ALA 127 127 127 ALA ALA A . n 
A 1 128 GLN 128 128 128 GLN GLN A . n 
A 1 129 GLY 129 129 129 GLY GLY A . n 
A 1 130 ALA 130 130 130 ALA ALA A . n 
A 1 131 MET 131 131 131 MET MET A . n 
A 1 132 THR 132 132 132 THR THR A . n 
A 1 133 LYS 133 133 133 LYS LYS A . n 
A 1 134 ALA 134 134 134 ALA ALA A . n 
A 1 135 LEU 135 135 135 LEU LEU A . n 
A 1 136 GLU 136 136 136 GLU GLU A . n 
A 1 137 LEU 137 137 137 LEU LEU A . n 
A 1 138 PHE 138 138 138 PHE PHE A . n 
A 1 139 ARG 139 139 139 ARG ARG A . n 
A 1 140 ASN 140 140 140 ASN ASN A . n 
A 1 141 ASP 141 141 141 ASP ASP A . n 
A 1 142 ILE 142 142 142 ILE ILE A . n 
A 1 143 ALA 143 143 143 ALA ALA A . n 
A 1 144 ALA 144 144 144 ALA ALA A . n 
A 1 145 LYS 145 145 145 LYS LYS A . n 
A 1 146 TYR 146 146 146 TYR TYR A . n 
A 1 147 LYS 147 147 147 LYS LYS A . n 
A 1 148 GLU 148 148 148 GLU GLU A . n 
A 1 149 LEU 149 149 149 LEU LEU A . n 
A 1 150 GLY 150 150 150 GLY GLY A . n 
A 1 151 PHE 151 151 151 PHE PHE A . n 
A 1 152 GLN 152 152 152 GLN GLN A . n 
A 1 153 GLY 153 153 ?   ?   ?   A . n 
# 
loop_
_pdbx_nonpoly_scheme.asym_id 
_pdbx_nonpoly_scheme.entity_id 
_pdbx_nonpoly_scheme.mon_id 
_pdbx_nonpoly_scheme.ndb_seq_num 
_pdbx_nonpoly_scheme.pdb_seq_num 
_pdbx_nonpoly_scheme.auth_seq_num 
_pdbx_nonpoly_scheme.pdb_mon_id 
_pdbx_nonpoly_scheme.auth_mon_id 
_pdbx_nonpoly_scheme.pdb_strand_id 
_pdbx_nonpoly_scheme.pdb_ins_code 
B 2 HEM 1  201 154 HEM HEM A . 
C 3 H2S 1  202 1   H2S H2S A . 
D 4 NO2 1  203 2   NO2 NO2 A . 
E 5 SO4 1  204 3   SO4 SO4 A . 
F 5 SO4 1  205 4   SO4 SO4 A . 
G 6 GOL 1  206 5   GOL GOL A . 
H 7 HOH 1  301 10  HOH HOH A . 
H 7 HOH 2  302 35  HOH HOH A . 
H 7 HOH 3  303 40  HOH HOH A . 
H 7 HOH 4  304 43  HOH HOH A . 
H 7 HOH 5  305 18  HOH HOH A . 
H 7 HOH 6  306 37  HOH HOH A . 
H 7 HOH 7  307 52  HOH HOH A . 
H 7 HOH 8  308 46  HOH HOH A . 
H 7 HOH 9  309 48  HOH HOH A . 
H 7 HOH 10 310 32  HOH HOH A . 
H 7 HOH 11 311 49  HOH HOH A . 
H 7 HOH 12 312 25  HOH HOH A . 
H 7 HOH 13 313 30  HOH HOH A . 
H 7 HOH 14 314 13  HOH HOH A . 
H 7 HOH 15 315 54  HOH HOH A . 
H 7 HOH 16 316 50  HOH HOH A . 
H 7 HOH 17 317 22  HOH HOH A . 
H 7 HOH 18 318 16  HOH HOH A . 
H 7 HOH 19 319 5   HOH HOH A . 
H 7 HOH 20 320 38  HOH HOH A . 
H 7 HOH 21 321 15  HOH HOH A . 
H 7 HOH 22 322 42  HOH HOH A . 
H 7 HOH 23 323 33  HOH HOH A . 
H 7 HOH 24 324 12  HOH HOH A . 
H 7 HOH 25 325 53  HOH HOH A . 
H 7 HOH 26 326 45  HOH HOH A . 
H 7 HOH 27 327 56  HOH HOH A . 
H 7 HOH 28 328 8   HOH HOH A . 
H 7 HOH 29 329 23  HOH HOH A . 
H 7 HOH 30 330 1   HOH HOH A . 
H 7 HOH 31 331 11  HOH HOH A . 
H 7 HOH 32 332 34  HOH HOH A . 
H 7 HOH 33 333 7   HOH HOH A . 
H 7 HOH 34 334 19  HOH HOH A . 
H 7 HOH 35 335 14  HOH HOH A . 
H 7 HOH 36 336 29  HOH HOH A . 
H 7 HOH 37 337 9   HOH HOH A . 
H 7 HOH 38 338 4   HOH HOH A . 
H 7 HOH 39 339 17  HOH HOH A . 
H 7 HOH 40 340 31  HOH HOH A . 
H 7 HOH 41 341 27  HOH HOH A . 
H 7 HOH 42 342 2   HOH HOH A . 
H 7 HOH 43 343 3   HOH HOH A . 
H 7 HOH 44 344 41  HOH HOH A . 
H 7 HOH 45 345 51  HOH HOH A . 
H 7 HOH 46 346 44  HOH HOH A . 
H 7 HOH 47 347 20  HOH HOH A . 
H 7 HOH 48 348 36  HOH HOH A . 
H 7 HOH 49 349 6   HOH HOH A . 
H 7 HOH 50 350 24  HOH HOH A . 
H 7 HOH 51 351 39  HOH HOH A . 
H 7 HOH 52 352 28  HOH HOH A . 
H 7 HOH 53 353 21  HOH HOH A . 
H 7 HOH 54 354 26  HOH HOH A . 
H 7 HOH 55 355 47  HOH HOH A . 
H 7 HOH 56 356 55  HOH HOH A . 
# 
loop_
_software.citation_id 
_software.classification 
_software.compiler_name 
_software.compiler_version 
_software.contact_author 
_software.contact_author_email 
_software.date 
_software.description 
_software.dependencies 
_software.hardware 
_software.language 
_software.location 
_software.mods 
_software.name 
_software.os 
_software.os_version 
_software.type 
_software.version 
_software.pdbx_ordinal 
? refinement       ? ? ? ? ? ? ? ? ? ? ? REFMAC   ? ? ? 5.8.0189 1 
? 'data reduction' ? ? ? ? ? ? ? ? ? ? ? HKL-3000 ? ? ? .        2 
? 'data scaling'   ? ? ? ? ? ? ? ? ? ? ? HKL-3000 ? ? ? .        3 
? phasing          ? ? ? ? ? ? ? ? ? ? ? PHASER   ? ? ? .        4 
# 
_cell.angle_alpha                  90.00 
_cell.angle_alpha_esd              ? 
_cell.angle_beta                   105.61 
_cell.angle_beta_esd               ? 
_cell.angle_gamma                  90.00 
_cell.angle_gamma_esd              ? 
_cell.entry_id                     5Z7F 
_cell.details                      ? 
_cell.formula_units_Z              ? 
_cell.length_a                     35.003 
_cell.length_a_esd                 ? 
_cell.length_b                     28.516 
_cell.length_b_esd                 ? 
_cell.length_c                     62.696 
_cell.length_c_esd                 ? 
_cell.volume                       ? 
_cell.volume_esd                   ? 
_cell.Z_PDB                        2 
_cell.reciprocal_angle_alpha       ? 
_cell.reciprocal_angle_beta        ? 
_cell.reciprocal_angle_gamma       ? 
_cell.reciprocal_angle_alpha_esd   ? 
_cell.reciprocal_angle_beta_esd    ? 
_cell.reciprocal_angle_gamma_esd   ? 
_cell.reciprocal_length_a          ? 
_cell.reciprocal_length_b          ? 
_cell.reciprocal_length_c          ? 
_cell.reciprocal_length_a_esd      ? 
_cell.reciprocal_length_b_esd      ? 
_cell.reciprocal_length_c_esd      ? 
_cell.pdbx_unique_axis             ? 
# 
_symmetry.entry_id                         5Z7F 
_symmetry.cell_setting                     ? 
_symmetry.Int_Tables_number                4 
_symmetry.space_group_name_Hall            ? 
_symmetry.space_group_name_H-M             'P 1 21 1' 
_symmetry.pdbx_full_space_group_name_H-M   ? 
# 
_exptl.absorpt_coefficient_mu     ? 
_exptl.absorpt_correction_T_max   ? 
_exptl.absorpt_correction_T_min   ? 
_exptl.absorpt_correction_type    ? 
_exptl.absorpt_process_details    ? 
_exptl.entry_id                   5Z7F 
_exptl.crystals_number            1 
_exptl.details                    ? 
_exptl.method                     'X-RAY DIFFRACTION' 
_exptl.method_details             ? 
# 
_exptl_crystal.colour                      ? 
_exptl_crystal.density_diffrn              ? 
_exptl_crystal.density_Matthews            1.77 
_exptl_crystal.density_method              ? 
_exptl_crystal.density_percent_sol         30.59 
_exptl_crystal.description                 ? 
_exptl_crystal.F_000                       ? 
_exptl_crystal.id                          1 
_exptl_crystal.preparation                 ? 
_exptl_crystal.size_max                    ? 
_exptl_crystal.size_mid                    ? 
_exptl_crystal.size_min                    ? 
_exptl_crystal.size_rad                    ? 
_exptl_crystal.colour_lustre               ? 
_exptl_crystal.colour_modifier             ? 
_exptl_crystal.colour_primary              ? 
_exptl_crystal.density_meas                ? 
_exptl_crystal.density_meas_esd            ? 
_exptl_crystal.density_meas_gt             ? 
_exptl_crystal.density_meas_lt             ? 
_exptl_crystal.density_meas_temp           ? 
_exptl_crystal.density_meas_temp_esd       ? 
_exptl_crystal.density_meas_temp_gt        ? 
_exptl_crystal.density_meas_temp_lt        ? 
_exptl_crystal.pdbx_crystal_image_url      ? 
_exptl_crystal.pdbx_crystal_image_format   ? 
_exptl_crystal.pdbx_mosaicity              ? 
_exptl_crystal.pdbx_mosaicity_esd          ? 
# 
_exptl_crystal_grow.apparatus       ? 
_exptl_crystal_grow.atmosphere      ? 
_exptl_crystal_grow.crystal_id      1 
_exptl_crystal_grow.details         ? 
_exptl_crystal_grow.method          'VAPOR DIFFUSION, HANGING DROP' 
_exptl_crystal_grow.method_ref      ? 
_exptl_crystal_grow.pH              ? 
_exptl_crystal_grow.pressure        ? 
_exptl_crystal_grow.pressure_esd    ? 
_exptl_crystal_grow.seeding         ? 
_exptl_crystal_grow.seeding_ref     ? 
_exptl_crystal_grow.temp            298 
_exptl_crystal_grow.temp_details    ? 
_exptl_crystal_grow.temp_esd        ? 
_exptl_crystal_grow.time            ? 
_exptl_crystal_grow.pdbx_details    '2.5-3.0M ammonium sulfate, 0.1M Tris' 
_exptl_crystal_grow.pdbx_pH_range   7.0-9.0 
# 
_diffrn.ambient_environment    ? 
_diffrn.ambient_temp           100 
_diffrn.ambient_temp_details   ? 
_diffrn.ambient_temp_esd       ? 
_diffrn.crystal_id             1 
_diffrn.crystal_support        ? 
_diffrn.crystal_treatment      ? 
_diffrn.details                ? 
_diffrn.id                     1 
_diffrn.ambient_pressure       ? 
_diffrn.ambient_pressure_esd   ? 
_diffrn.ambient_pressure_gt    ? 
_diffrn.ambient_pressure_lt    ? 
_diffrn.ambient_temp_gt        ? 
_diffrn.ambient_temp_lt        ? 
# 
_diffrn_detector.details                      ? 
_diffrn_detector.detector                     PIXEL 
_diffrn_detector.diffrn_id                    1 
_diffrn_detector.type                         'DECTRIS PILATUS 6M' 
_diffrn_detector.area_resol_mean              ? 
_diffrn_detector.dtime                        ? 
_diffrn_detector.pdbx_frames_total            ? 
_diffrn_detector.pdbx_collection_time_total   ? 
_diffrn_detector.pdbx_collection_date         2015-05-21 
# 
_diffrn_radiation.collimation                      ? 
_diffrn_radiation.diffrn_id                        1 
_diffrn_radiation.filter_edge                      ? 
_diffrn_radiation.inhomogeneity                    ? 
_diffrn_radiation.monochromator                    ? 
_diffrn_radiation.polarisn_norm                    ? 
_diffrn_radiation.polarisn_ratio                   ? 
_diffrn_radiation.probe                            ? 
_diffrn_radiation.type                             ? 
_diffrn_radiation.xray_symbol                      ? 
_diffrn_radiation.wavelength_id                    1 
_diffrn_radiation.pdbx_monochromatic_or_laue_m_l   M 
_diffrn_radiation.pdbx_wavelength_list             ? 
_diffrn_radiation.pdbx_wavelength                  ? 
_diffrn_radiation.pdbx_diffrn_protocol             'SINGLE WAVELENGTH' 
_diffrn_radiation.pdbx_analyzer                    ? 
_diffrn_radiation.pdbx_scattering_type             x-ray 
# 
_diffrn_radiation_wavelength.id           1 
_diffrn_radiation_wavelength.wavelength   0.97845 
_diffrn_radiation_wavelength.wt           1.0 
# 
_diffrn_source.current                     ? 
_diffrn_source.details                     ? 
_diffrn_source.diffrn_id                   1 
_diffrn_source.power                       ? 
_diffrn_source.size                        ? 
_diffrn_source.source                      SYNCHROTRON 
_diffrn_source.target                      ? 
_diffrn_source.type                        'SSRF BEAMLINE BL19U1' 
_diffrn_source.voltage                     ? 
_diffrn_source.take-off_angle              ? 
_diffrn_source.pdbx_wavelength_list        0.97845 
_diffrn_source.pdbx_wavelength             ? 
_diffrn_source.pdbx_synchrotron_beamline   BL19U1 
_diffrn_source.pdbx_synchrotron_site       SSRF 
# 
_reflns.B_iso_Wilson_estimate            ? 
_reflns.entry_id                         5Z7F 
_reflns.data_reduction_details           ? 
_reflns.data_reduction_method            ? 
_reflns.d_resolution_high                1.9 
_reflns.d_resolution_low                 60.38 
_reflns.details                          ? 
_reflns.limit_h_max                      ? 
_reflns.limit_h_min                      ? 
_reflns.limit_k_max                      ? 
_reflns.limit_k_min                      ? 
_reflns.limit_l_max                      ? 
_reflns.limit_l_min                      ? 
_reflns.number_all                       ? 
_reflns.number_obs                       8914 
_reflns.observed_criterion               ? 
_reflns.observed_criterion_F_max         ? 
_reflns.observed_criterion_F_min         ? 
_reflns.observed_criterion_I_max         ? 
_reflns.observed_criterion_I_min         ? 
_reflns.observed_criterion_sigma_F       ? 
_reflns.observed_criterion_sigma_I       ? 
_reflns.percent_possible_obs             96.98 
_reflns.R_free_details                   ? 
_reflns.Rmerge_F_all                     ? 
_reflns.Rmerge_F_obs                     ? 
_reflns.Friedel_coverage                 ? 
_reflns.number_gt                        ? 
_reflns.threshold_expression             ? 
_reflns.pdbx_redundancy                  3.2 
_reflns.pdbx_Rmerge_I_obs                ? 
_reflns.pdbx_Rmerge_I_all                ? 
_reflns.pdbx_Rsym_value                  ? 
_reflns.pdbx_netI_over_av_sigmaI         ? 
_reflns.pdbx_netI_over_sigmaI            15 
_reflns.pdbx_res_netI_over_av_sigmaI_2   ? 
_reflns.pdbx_res_netI_over_sigmaI_2      ? 
_reflns.pdbx_chi_squared                 ? 
_reflns.pdbx_scaling_rejects             ? 
_reflns.pdbx_d_res_high_opt              ? 
_reflns.pdbx_d_res_low_opt               ? 
_reflns.pdbx_d_res_opt_method            ? 
_reflns.phase_calculation_details        ? 
_reflns.pdbx_Rrim_I_all                  ? 
_reflns.pdbx_Rpim_I_all                  ? 
_reflns.pdbx_d_opt                       ? 
_reflns.pdbx_number_measured_all         ? 
_reflns.pdbx_diffrn_id                   1 
_reflns.pdbx_ordinal                     1 
_reflns.pdbx_CC_half                     ? 
_reflns.pdbx_R_split                     ? 
# 
_reflns_shell.d_res_high                  1.90 
_reflns_shell.d_res_low                   1.949 
_reflns_shell.meanI_over_sigI_all         ? 
_reflns_shell.meanI_over_sigI_obs         ? 
_reflns_shell.number_measured_all         ? 
_reflns_shell.number_measured_obs         ? 
_reflns_shell.number_possible             ? 
_reflns_shell.number_unique_all           ? 
_reflns_shell.number_unique_obs           ? 
_reflns_shell.percent_possible_all        ? 
_reflns_shell.percent_possible_obs        ? 
_reflns_shell.Rmerge_F_all                ? 
_reflns_shell.Rmerge_F_obs                ? 
_reflns_shell.Rmerge_I_all                ? 
_reflns_shell.Rmerge_I_obs                ? 
_reflns_shell.meanI_over_sigI_gt          ? 
_reflns_shell.meanI_over_uI_all           ? 
_reflns_shell.meanI_over_uI_gt            ? 
_reflns_shell.number_measured_gt          ? 
_reflns_shell.number_unique_gt            ? 
_reflns_shell.percent_possible_gt         ? 
_reflns_shell.Rmerge_F_gt                 ? 
_reflns_shell.Rmerge_I_gt                 ? 
_reflns_shell.pdbx_redundancy             ? 
_reflns_shell.pdbx_Rsym_value             ? 
_reflns_shell.pdbx_chi_squared            ? 
_reflns_shell.pdbx_netI_over_sigmaI_all   ? 
_reflns_shell.pdbx_netI_over_sigmaI_obs   ? 
_reflns_shell.pdbx_Rrim_I_all             ? 
_reflns_shell.pdbx_Rpim_I_all             ? 
_reflns_shell.pdbx_rejects                ? 
_reflns_shell.pdbx_ordinal                1 
_reflns_shell.pdbx_diffrn_id              1 
_reflns_shell.pdbx_CC_half                ? 
_reflns_shell.pdbx_R_split                ? 
# 
_refine.aniso_B[1][1]                            0.42 
_refine.aniso_B[1][2]                            0.00 
_refine.aniso_B[1][3]                            0.19 
_refine.aniso_B[2][2]                            -0.14 
_refine.aniso_B[2][3]                            0.00 
_refine.aniso_B[3][3]                            -0.34 
_refine.B_iso_max                                ? 
_refine.B_iso_mean                               16.078 
_refine.B_iso_min                                ? 
_refine.correlation_coeff_Fo_to_Fc               0.955 
_refine.correlation_coeff_Fo_to_Fc_free          0.904 
_refine.details                                  'HYDROGENS HAVE BEEN ADDED IN THE RIDING POSITIONS' 
_refine.diff_density_max                         ? 
_refine.diff_density_max_esd                     ? 
_refine.diff_density_min                         ? 
_refine.diff_density_min_esd                     ? 
_refine.diff_density_rms                         ? 
_refine.diff_density_rms_esd                     ? 
_refine.entry_id                                 5Z7F 
_refine.pdbx_refine_id                           'X-RAY DIFFRACTION' 
_refine.ls_abs_structure_details                 ? 
_refine.ls_abs_structure_Flack                   ? 
_refine.ls_abs_structure_Flack_esd               ? 
_refine.ls_abs_structure_Rogers                  ? 
_refine.ls_abs_structure_Rogers_esd              ? 
_refine.ls_d_res_high                            1.90 
_refine.ls_d_res_low                             60.38 
_refine.ls_extinction_coef                       ? 
_refine.ls_extinction_coef_esd                   ? 
_refine.ls_extinction_expression                 ? 
_refine.ls_extinction_method                     ? 
_refine.ls_goodness_of_fit_all                   ? 
_refine.ls_goodness_of_fit_all_esd               ? 
_refine.ls_goodness_of_fit_obs                   ? 
_refine.ls_goodness_of_fit_obs_esd               ? 
_refine.ls_hydrogen_treatment                    ? 
_refine.ls_matrix_type                           ? 
_refine.ls_number_constraints                    ? 
_refine.ls_number_parameters                     ? 
_refine.ls_number_reflns_all                     ? 
_refine.ls_number_reflns_obs                     8914 
_refine.ls_number_reflns_R_free                  452 
_refine.ls_number_reflns_R_work                  ? 
_refine.ls_number_restraints                     ? 
_refine.ls_percent_reflns_obs                    96.98 
_refine.ls_percent_reflns_R_free                 4.8 
_refine.ls_R_factor_all                          ? 
_refine.ls_R_factor_obs                          0.16674 
_refine.ls_R_factor_R_free                       0.22740 
_refine.ls_R_factor_R_free_error                 ? 
_refine.ls_R_factor_R_free_error_details         ? 
_refine.ls_R_factor_R_work                       0.16371 
_refine.ls_R_Fsqd_factor_obs                     ? 
_refine.ls_R_I_factor_obs                        ? 
_refine.ls_redundancy_reflns_all                 ? 
_refine.ls_redundancy_reflns_obs                 ? 
_refine.ls_restrained_S_all                      ? 
_refine.ls_restrained_S_obs                      ? 
_refine.ls_shift_over_esd_max                    ? 
_refine.ls_shift_over_esd_mean                   ? 
_refine.ls_structure_factor_coef                 ? 
_refine.ls_weighting_details                     ? 
_refine.ls_weighting_scheme                      ? 
_refine.ls_wR_factor_all                         ? 
_refine.ls_wR_factor_obs                         ? 
_refine.ls_wR_factor_R_free                      ? 
_refine.ls_wR_factor_R_work                      ? 
_refine.occupancy_max                            ? 
_refine.occupancy_min                            ? 
_refine.solvent_model_details                    ? 
_refine.solvent_model_param_bsol                 ? 
_refine.solvent_model_param_ksol                 ? 
_refine.ls_R_factor_gt                           ? 
_refine.ls_goodness_of_fit_gt                    ? 
_refine.ls_goodness_of_fit_ref                   ? 
_refine.ls_shift_over_su_max                     ? 
_refine.ls_shift_over_su_max_lt                  ? 
_refine.ls_shift_over_su_mean                    ? 
_refine.ls_shift_over_su_mean_lt                 ? 
_refine.pdbx_ls_sigma_I                          ? 
_refine.pdbx_ls_sigma_F                          ? 
_refine.pdbx_ls_sigma_Fsqd                       ? 
_refine.pdbx_data_cutoff_high_absF               ? 
_refine.pdbx_data_cutoff_high_rms_absF           ? 
_refine.pdbx_data_cutoff_low_absF                ? 
_refine.pdbx_isotropic_thermal_model             ? 
_refine.pdbx_ls_cross_valid_method               THROUGHOUT 
_refine.pdbx_method_to_determine_struct          ? 
_refine.pdbx_starting_model                      ? 
_refine.pdbx_stereochemistry_target_values       ? 
_refine.pdbx_R_Free_selection_details            RANDOM 
_refine.pdbx_stereochem_target_val_spec_case     ? 
_refine.pdbx_overall_ESU_R                       0.192 
_refine.pdbx_overall_ESU_R_Free                  0.170 
_refine.pdbx_solvent_vdw_probe_radii             1.20 
_refine.pdbx_solvent_ion_probe_radii             0.80 
_refine.pdbx_solvent_shrinkage_radii             0.80 
_refine.pdbx_real_space_R                        ? 
_refine.pdbx_density_correlation                 ? 
_refine.pdbx_pd_number_of_powder_patterns        ? 
_refine.pdbx_pd_number_of_points                 ? 
_refine.pdbx_pd_meas_number_of_points            ? 
_refine.pdbx_pd_proc_ls_prof_R_factor            ? 
_refine.pdbx_pd_proc_ls_prof_wR_factor           ? 
_refine.pdbx_pd_Marquardt_correlation_coeff      ? 
_refine.pdbx_pd_Fsqrd_R_factor                   ? 
_refine.pdbx_pd_ls_matrix_band_width             ? 
_refine.pdbx_overall_phase_error                 ? 
_refine.pdbx_overall_SU_R_free_Cruickshank_DPI   ? 
_refine.pdbx_overall_SU_R_free_Blow_DPI          ? 
_refine.pdbx_overall_SU_R_Blow_DPI               ? 
_refine.pdbx_TLS_residual_ADP_flag               ? 
_refine.pdbx_diffrn_id                           1 
_refine.overall_SU_B                             3.861 
_refine.overall_SU_ML                            0.114 
_refine.overall_SU_R_Cruickshank_DPI             ? 
_refine.overall_SU_R_free                        ? 
_refine.overall_FOM_free_R_set                   ? 
_refine.overall_FOM_work_R_set                   ? 
_refine.pdbx_average_fsc_overall                 ? 
_refine.pdbx_average_fsc_work                    ? 
_refine.pdbx_average_fsc_free                    ? 
# 
_refine_hist.pdbx_refine_id                   'X-RAY DIFFRACTION' 
_refine_hist.cycle_id                         1 
_refine_hist.pdbx_number_atoms_protein        1196 
_refine_hist.pdbx_number_atoms_nucleic_acid   0 
_refine_hist.pdbx_number_atoms_ligand         63 
_refine_hist.number_atoms_solvent             56 
_refine_hist.number_atoms_total               1315 
_refine_hist.d_res_high                       1.90 
_refine_hist.d_res_low                        60.38 
# 
loop_
_refine_ls_restr.pdbx_refine_id 
_refine_ls_restr.criterion 
_refine_ls_restr.dev_ideal 
_refine_ls_restr.dev_ideal_target 
_refine_ls_restr.number 
_refine_ls_restr.rejects 
_refine_ls_restr.type 
_refine_ls_restr.weight 
_refine_ls_restr.pdbx_restraint_function 
'X-RAY DIFFRACTION' ? 0.017  0.019  1289 ? r_bond_refined_d             ? ? 
'X-RAY DIFFRACTION' ? 0.002  0.020  1197 ? r_bond_other_d               ? ? 
'X-RAY DIFFRACTION' ? 1.845  2.008  1744 ? r_angle_refined_deg          ? ? 
'X-RAY DIFFRACTION' ? 1.069  3.000  2783 ? r_angle_other_deg            ? ? 
'X-RAY DIFFRACTION' ? 5.594  5.000  151  ? r_dihedral_angle_1_deg       ? ? 
'X-RAY DIFFRACTION' ? 40.377 25.000 54   ? r_dihedral_angle_2_deg       ? ? 
'X-RAY DIFFRACTION' ? 15.213 15.000 227  ? r_dihedral_angle_3_deg       ? ? 
'X-RAY DIFFRACTION' ? 18.896 15.000 2    ? r_dihedral_angle_4_deg       ? ? 
'X-RAY DIFFRACTION' ? 0.126  0.200  181  ? r_chiral_restr               ? ? 
'X-RAY DIFFRACTION' ? 0.009  0.020  1410 ? r_gen_planes_refined         ? ? 
'X-RAY DIFFRACTION' ? 0.005  0.020  256  ? r_gen_planes_other           ? ? 
'X-RAY DIFFRACTION' ? ?      ?      ?    ? r_nbd_refined                ? ? 
'X-RAY DIFFRACTION' ? ?      ?      ?    ? r_nbd_other                  ? ? 
'X-RAY DIFFRACTION' ? ?      ?      ?    ? r_nbtor_refined              ? ? 
'X-RAY DIFFRACTION' ? ?      ?      ?    ? r_nbtor_other                ? ? 
'X-RAY DIFFRACTION' ? ?      ?      ?    ? r_xyhbond_nbd_refined        ? ? 
'X-RAY DIFFRACTION' ? ?      ?      ?    ? r_xyhbond_nbd_other          ? ? 
'X-RAY DIFFRACTION' ? ?      ?      ?    ? r_metal_ion_refined          ? ? 
'X-RAY DIFFRACTION' ? ?      ?      ?    ? r_metal_ion_other            ? ? 
'X-RAY DIFFRACTION' ? ?      ?      ?    ? r_symmetry_vdw_refined       ? ? 
'X-RAY DIFFRACTION' ? ?      ?      ?    ? r_symmetry_vdw_other         ? ? 
'X-RAY DIFFRACTION' ? ?      ?      ?    ? r_symmetry_hbond_refined     ? ? 
'X-RAY DIFFRACTION' ? ?      ?      ?    ? r_symmetry_hbond_other       ? ? 
'X-RAY DIFFRACTION' ? ?      ?      ?    ? r_symmetry_metal_ion_refined ? ? 
'X-RAY DIFFRACTION' ? ?      ?      ?    ? r_symmetry_metal_ion_other   ? ? 
'X-RAY DIFFRACTION' ? 1.567  1.389  607  ? r_mcbond_it                  ? ? 
'X-RAY DIFFRACTION' ? 1.555  1.386  606  ? r_mcbond_other               ? ? 
'X-RAY DIFFRACTION' ? 2.327  2.070  757  ? r_mcangle_it                 ? ? 
'X-RAY DIFFRACTION' ? 2.331  2.075  758  ? r_mcangle_other              ? ? 
'X-RAY DIFFRACTION' ? 2.270  1.738  682  ? r_scbond_it                  ? ? 
'X-RAY DIFFRACTION' ? 2.270  1.738  682  ? r_scbond_other               ? ? 
'X-RAY DIFFRACTION' ? ?      ?      ?    ? r_scangle_it                 ? ? 
'X-RAY DIFFRACTION' ? 3.513  2.470  988  ? r_scangle_other              ? ? 
'X-RAY DIFFRACTION' ? 4.899  17.333 1548 ? r_long_range_B_refined       ? ? 
'X-RAY DIFFRACTION' ? 4.863  17.283 1543 ? r_long_range_B_other         ? ? 
'X-RAY DIFFRACTION' ? ?      ?      ?    ? r_rigid_bond_restr           ? ? 
'X-RAY DIFFRACTION' ? ?      ?      ?    ? r_sphericity_free            ? ? 
'X-RAY DIFFRACTION' ? ?      ?      ?    ? r_sphericity_bonded          ? ? 
# 
_refine_ls_shell.pdbx_refine_id                   'X-RAY DIFFRACTION' 
_refine_ls_shell.d_res_high                       1.900 
_refine_ls_shell.d_res_low                        1.949 
_refine_ls_shell.number_reflns_all                ? 
_refine_ls_shell.number_reflns_obs                ? 
_refine_ls_shell.number_reflns_R_free             29 
_refine_ls_shell.number_reflns_R_work             598 
_refine_ls_shell.percent_reflns_obs               90.22 
_refine_ls_shell.percent_reflns_R_free            ? 
_refine_ls_shell.R_factor_all                     ? 
_refine_ls_shell.R_factor_obs                     ? 
_refine_ls_shell.R_factor_R_free                  0.247 
_refine_ls_shell.R_factor_R_free_error            ? 
_refine_ls_shell.R_factor_R_work                  0.193 
_refine_ls_shell.redundancy_reflns_all            ? 
_refine_ls_shell.redundancy_reflns_obs            ? 
_refine_ls_shell.wR_factor_all                    ? 
_refine_ls_shell.wR_factor_obs                    ? 
_refine_ls_shell.wR_factor_R_free                 ? 
_refine_ls_shell.wR_factor_R_work                 ? 
_refine_ls_shell.pdbx_total_number_of_bins_used   20 
_refine_ls_shell.pdbx_phase_error                 ? 
_refine_ls_shell.pdbx_fsc_work                    ? 
_refine_ls_shell.pdbx_fsc_free                    ? 
# 
_struct.entry_id                     5Z7F 
_struct.title                        'Horse Heart Myoglobin Mutant -V68A/I107Y-Sulfide Derivative' 
_struct.pdbx_model_details           ? 
_struct.pdbx_formula_weight          ? 
_struct.pdbx_formula_weight_method   ? 
_struct.pdbx_model_type_details      ? 
_struct.pdbx_CASP_flag               N 
# 
_struct_keywords.entry_id        5Z7F 
_struct_keywords.text            'horse heart myoglobin mutant, V68A/I107Y, sulfide derivative, OXYGEN STORAGE' 
_struct_keywords.pdbx_keywords   'OXYGEN STORAGE' 
# 
loop_
_struct_asym.id 
_struct_asym.pdbx_blank_PDB_chainid_flag 
_struct_asym.pdbx_modified 
_struct_asym.entity_id 
_struct_asym.details 
A N N 1 ? 
B N N 2 ? 
C N N 3 ? 
D N N 4 ? 
E N N 5 ? 
F N N 5 ? 
G N N 6 ? 
H N N 7 ? 
# 
_struct_ref.id                         1 
_struct_ref.db_name                    UNP 
_struct_ref.db_code                    MYG_HORSE 
_struct_ref.pdbx_db_accession          P68082 
_struct_ref.pdbx_db_isoform            ? 
_struct_ref.entity_id                  1 
_struct_ref.pdbx_seq_one_letter_code   
;GLSDGEWQQVLNVWGKVEADIAGHGQEVLIRLFTGHPETLEKFDKFKHLKTEAEMKASEDLKKHGTVVLTALGGILKKKG
HHEAELKPLAQSHATKHKIPIKYLEFISDAIIHVLHSKHPGDFGADAQGAMTKALELFRNDIAAKYKELGFQG
;
_struct_ref.pdbx_align_begin           2 
# 
_struct_ref_seq.align_id                      1 
_struct_ref_seq.ref_id                        1 
_struct_ref_seq.pdbx_PDB_id_code              5Z7F 
_struct_ref_seq.pdbx_strand_id                A 
_struct_ref_seq.seq_align_beg                 1 
_struct_ref_seq.pdbx_seq_align_beg_ins_code   ? 
_struct_ref_seq.seq_align_end                 153 
_struct_ref_seq.pdbx_seq_align_end_ins_code   ? 
_struct_ref_seq.pdbx_db_accession             P68082 
_struct_ref_seq.db_align_beg                  2 
_struct_ref_seq.pdbx_db_align_beg_ins_code    ? 
_struct_ref_seq.db_align_end                  154 
_struct_ref_seq.pdbx_db_align_end_ins_code    ? 
_struct_ref_seq.pdbx_auth_seq_align_beg       1 
_struct_ref_seq.pdbx_auth_seq_align_end       153 
# 
loop_
_struct_ref_seq_dif.align_id 
_struct_ref_seq_dif.pdbx_pdb_id_code 
_struct_ref_seq_dif.mon_id 
_struct_ref_seq_dif.pdbx_pdb_strand_id 
_struct_ref_seq_dif.seq_num 
_struct_ref_seq_dif.pdbx_pdb_ins_code 
_struct_ref_seq_dif.pdbx_seq_db_name 
_struct_ref_seq_dif.pdbx_seq_db_accession_code 
_struct_ref_seq_dif.db_mon_id 
_struct_ref_seq_dif.pdbx_seq_db_seq_num 
_struct_ref_seq_dif.details 
_struct_ref_seq_dif.pdbx_auth_seq_num 
_struct_ref_seq_dif.pdbx_ordinal 
1 5Z7F ALA A 68  ? UNP P68082 VAL 69  'engineered mutation' 68  1 
1 5Z7F TYR A 107 ? UNP P68082 ILE 108 'engineered mutation' 107 2 
# 
_pdbx_struct_assembly.id                   1 
_pdbx_struct_assembly.details              author_and_software_defined_assembly 
_pdbx_struct_assembly.method_details       PISA 
_pdbx_struct_assembly.oligomeric_details   monomeric 
_pdbx_struct_assembly.oligomeric_count     1 
# 
loop_
_pdbx_struct_assembly_prop.biol_id 
_pdbx_struct_assembly_prop.type 
_pdbx_struct_assembly_prop.value 
_pdbx_struct_assembly_prop.details 
1 'ABSA (A^2)' 1960 ? 
1 MORE         -51  ? 
1 'SSA (A^2)'  7570 ? 
# 
_pdbx_struct_assembly_gen.assembly_id       1 
_pdbx_struct_assembly_gen.oper_expression   1 
_pdbx_struct_assembly_gen.asym_id_list      A,B,C,D,E,F,G,H 
# 
_pdbx_struct_assembly_auth_evidence.id                     1 
_pdbx_struct_assembly_auth_evidence.assembly_id            1 
_pdbx_struct_assembly_auth_evidence.experimental_support   'gel filtration' 
_pdbx_struct_assembly_auth_evidence.details                ? 
# 
_pdbx_struct_oper_list.id                   1 
_pdbx_struct_oper_list.type                 'identity operation' 
_pdbx_struct_oper_list.name                 1_555 
_pdbx_struct_oper_list.symmetry_operation   x,y,z 
_pdbx_struct_oper_list.matrix[1][1]         1.0000000000 
_pdbx_struct_oper_list.matrix[1][2]         0.0000000000 
_pdbx_struct_oper_list.matrix[1][3]         0.0000000000 
_pdbx_struct_oper_list.vector[1]            0.0000000000 
_pdbx_struct_oper_list.matrix[2][1]         0.0000000000 
_pdbx_struct_oper_list.matrix[2][2]         1.0000000000 
_pdbx_struct_oper_list.matrix[2][3]         0.0000000000 
_pdbx_struct_oper_list.vector[2]            0.0000000000 
_pdbx_struct_oper_list.matrix[3][1]         0.0000000000 
_pdbx_struct_oper_list.matrix[3][2]         0.0000000000 
_pdbx_struct_oper_list.matrix[3][3]         1.0000000000 
_pdbx_struct_oper_list.vector[3]            0.0000000000 
# 
loop_
_struct_conf.conf_type_id 
_struct_conf.id 
_struct_conf.pdbx_PDB_helix_id 
_struct_conf.beg_label_comp_id 
_struct_conf.beg_label_asym_id 
_struct_conf.beg_label_seq_id 
_struct_conf.pdbx_beg_PDB_ins_code 
_struct_conf.end_label_comp_id 
_struct_conf.end_label_asym_id 
_struct_conf.end_label_seq_id 
_struct_conf.pdbx_end_PDB_ins_code 
_struct_conf.beg_auth_comp_id 
_struct_conf.beg_auth_asym_id 
_struct_conf.beg_auth_seq_id 
_struct_conf.end_auth_comp_id 
_struct_conf.end_auth_asym_id 
_struct_conf.end_auth_seq_id 
_struct_conf.pdbx_PDB_helix_class 
_struct_conf.details 
_struct_conf.pdbx_PDB_helix_length 
HELX_P HELX_P1 AA1 SER A 3   ? ALA A 19  ? SER A 3   ALA A 19  1 ? 17 
HELX_P HELX_P2 AA2 ASP A 20  ? HIS A 36  ? ASP A 20  HIS A 36  1 ? 17 
HELX_P HELX_P3 AA3 HIS A 36  ? LYS A 42  ? HIS A 36  LYS A 42  1 ? 7  
HELX_P HELX_P4 AA4 THR A 51  ? SER A 58  ? THR A 51  SER A 58  1 ? 8  
HELX_P HELX_P5 AA5 SER A 58  ? LYS A 77  ? SER A 58  LYS A 77  1 ? 20 
HELX_P HELX_P6 AA6 HIS A 82  ? LYS A 96  ? HIS A 82  LYS A 96  1 ? 15 
HELX_P HELX_P7 AA7 PRO A 100 ? HIS A 119 ? PRO A 100 HIS A 119 1 ? 20 
HELX_P HELX_P8 AA8 GLY A 124 ? LEU A 149 ? GLY A 124 LEU A 149 1 ? 26 
# 
_struct_conf_type.id          HELX_P 
_struct_conf_type.criteria    ? 
_struct_conf_type.reference   ? 
# 
loop_
_struct_conn.id 
_struct_conn.conn_type_id 
_struct_conn.pdbx_leaving_atom_flag 
_struct_conn.pdbx_PDB_id 
_struct_conn.ptnr1_label_asym_id 
_struct_conn.ptnr1_label_comp_id 
_struct_conn.ptnr1_label_seq_id 
_struct_conn.ptnr1_label_atom_id 
_struct_conn.pdbx_ptnr1_label_alt_id 
_struct_conn.pdbx_ptnr1_PDB_ins_code 
_struct_conn.pdbx_ptnr1_standard_comp_id 
_struct_conn.ptnr1_symmetry 
_struct_conn.ptnr2_label_asym_id 
_struct_conn.ptnr2_label_comp_id 
_struct_conn.ptnr2_label_seq_id 
_struct_conn.ptnr2_label_atom_id 
_struct_conn.pdbx_ptnr2_label_alt_id 
_struct_conn.pdbx_ptnr2_PDB_ins_code 
_struct_conn.ptnr1_auth_asym_id 
_struct_conn.ptnr1_auth_comp_id 
_struct_conn.ptnr1_auth_seq_id 
_struct_conn.ptnr2_auth_asym_id 
_struct_conn.ptnr2_auth_comp_id 
_struct_conn.ptnr2_auth_seq_id 
_struct_conn.ptnr2_symmetry 
_struct_conn.pdbx_ptnr3_label_atom_id 
_struct_conn.pdbx_ptnr3_label_seq_id 
_struct_conn.pdbx_ptnr3_label_comp_id 
_struct_conn.pdbx_ptnr3_label_asym_id 
_struct_conn.pdbx_ptnr3_label_alt_id 
_struct_conn.pdbx_ptnr3_PDB_ins_code 
_struct_conn.details 
_struct_conn.pdbx_dist_value 
_struct_conn.pdbx_value_order 
_struct_conn.pdbx_role 
metalc1 metalc ? ? A HIS 93 NE2 ? ? ? 1_555 B HEM . FE ? ? A HIS 93  A HEM 201 1_555 ? ? ? ? ? ? ? 2.137 ? ? 
metalc2 metalc ? ? B HEM .  FE  ? ? ? 1_555 C H2S . S  ? ? A HEM 201 A H2S 202 1_555 ? ? ? ? ? ? ? 2.373 ? ? 
# 
_struct_conn_type.id          metalc 
_struct_conn_type.criteria    ? 
_struct_conn_type.reference   ? 
# 
loop_
_pdbx_struct_conn_angle.id 
_pdbx_struct_conn_angle.ptnr1_label_atom_id 
_pdbx_struct_conn_angle.ptnr1_label_alt_id 
_pdbx_struct_conn_angle.ptnr1_label_asym_id 
_pdbx_struct_conn_angle.ptnr1_label_comp_id 
_pdbx_struct_conn_angle.ptnr1_label_seq_id 
_pdbx_struct_conn_angle.ptnr1_auth_atom_id 
_pdbx_struct_conn_angle.ptnr1_auth_asym_id 
_pdbx_struct_conn_angle.ptnr1_auth_comp_id 
_pdbx_struct_conn_angle.ptnr1_auth_seq_id 
_pdbx_struct_conn_angle.ptnr1_PDB_ins_code 
_pdbx_struct_conn_angle.ptnr1_symmetry 
_pdbx_struct_conn_angle.ptnr2_label_atom_id 
_pdbx_struct_conn_angle.ptnr2_label_alt_id 
_pdbx_struct_conn_angle.ptnr2_label_asym_id 
_pdbx_struct_conn_angle.ptnr2_label_comp_id 
_pdbx_struct_conn_angle.ptnr2_label_seq_id 
_pdbx_struct_conn_angle.ptnr2_auth_atom_id 
_pdbx_struct_conn_angle.ptnr2_auth_asym_id 
_pdbx_struct_conn_angle.ptnr2_auth_comp_id 
_pdbx_struct_conn_angle.ptnr2_auth_seq_id 
_pdbx_struct_conn_angle.ptnr2_PDB_ins_code 
_pdbx_struct_conn_angle.ptnr2_symmetry 
_pdbx_struct_conn_angle.ptnr3_label_atom_id 
_pdbx_struct_conn_angle.ptnr3_label_alt_id 
_pdbx_struct_conn_angle.ptnr3_label_asym_id 
_pdbx_struct_conn_angle.ptnr3_label_comp_id 
_pdbx_struct_conn_angle.ptnr3_label_seq_id 
_pdbx_struct_conn_angle.ptnr3_auth_atom_id 
_pdbx_struct_conn_angle.ptnr3_auth_asym_id 
_pdbx_struct_conn_angle.ptnr3_auth_comp_id 
_pdbx_struct_conn_angle.ptnr3_auth_seq_id 
_pdbx_struct_conn_angle.ptnr3_PDB_ins_code 
_pdbx_struct_conn_angle.ptnr3_symmetry 
_pdbx_struct_conn_angle.value 
_pdbx_struct_conn_angle.value_esd 
1  NE2 ? A HIS 93 ? A HIS 93  ? 1_555 FE ? B HEM . ? A HEM 201 ? 1_555 NA ? B HEM . ? A HEM 201 ? 1_555 90.3  ? 
2  NE2 ? A HIS 93 ? A HIS 93  ? 1_555 FE ? B HEM . ? A HEM 201 ? 1_555 NB ? B HEM . ? A HEM 201 ? 1_555 87.3  ? 
3  NA  ? B HEM .  ? A HEM 201 ? 1_555 FE ? B HEM . ? A HEM 201 ? 1_555 NB ? B HEM . ? A HEM 201 ? 1_555 90.0  ? 
4  NE2 ? A HIS 93 ? A HIS 93  ? 1_555 FE ? B HEM . ? A HEM 201 ? 1_555 NC ? B HEM . ? A HEM 201 ? 1_555 94.1  ? 
5  NA  ? B HEM .  ? A HEM 201 ? 1_555 FE ? B HEM . ? A HEM 201 ? 1_555 NC ? B HEM . ? A HEM 201 ? 1_555 175.7 ? 
6  NB  ? B HEM .  ? A HEM 201 ? 1_555 FE ? B HEM . ? A HEM 201 ? 1_555 NC ? B HEM . ? A HEM 201 ? 1_555 90.0  ? 
7  NE2 ? A HIS 93 ? A HIS 93  ? 1_555 FE ? B HEM . ? A HEM 201 ? 1_555 ND ? B HEM . ? A HEM 201 ? 1_555 93.5  ? 
8  NA  ? B HEM .  ? A HEM 201 ? 1_555 FE ? B HEM . ? A HEM 201 ? 1_555 ND ? B HEM . ? A HEM 201 ? 1_555 88.2  ? 
9  NB  ? B HEM .  ? A HEM 201 ? 1_555 FE ? B HEM . ? A HEM 201 ? 1_555 ND ? B HEM . ? A HEM 201 ? 1_555 178.0 ? 
10 NC  ? B HEM .  ? A HEM 201 ? 1_555 FE ? B HEM . ? A HEM 201 ? 1_555 ND ? B HEM . ? A HEM 201 ? 1_555 91.7  ? 
11 NE2 ? A HIS 93 ? A HIS 93  ? 1_555 FE ? B HEM . ? A HEM 201 ? 1_555 S  ? C H2S . ? A H2S 202 ? 1_555 173.5 ? 
12 NA  ? B HEM .  ? A HEM 201 ? 1_555 FE ? B HEM . ? A HEM 201 ? 1_555 S  ? C H2S . ? A H2S 202 ? 1_555 90.4  ? 
13 NB  ? B HEM .  ? A HEM 201 ? 1_555 FE ? B HEM . ? A HEM 201 ? 1_555 S  ? C H2S . ? A H2S 202 ? 1_555 86.3  ? 
14 NC  ? B HEM .  ? A HEM 201 ? 1_555 FE ? B HEM . ? A HEM 201 ? 1_555 S  ? C H2S . ? A H2S 202 ? 1_555 85.3  ? 
15 ND  ? B HEM .  ? A HEM 201 ? 1_555 FE ? B HEM . ? A HEM 201 ? 1_555 S  ? C H2S . ? A H2S 202 ? 1_555 92.9  ? 
# 
loop_
_struct_site.id 
_struct_site.pdbx_evidence_code 
_struct_site.pdbx_auth_asym_id 
_struct_site.pdbx_auth_comp_id 
_struct_site.pdbx_auth_seq_id 
_struct_site.pdbx_auth_ins_code 
_struct_site.pdbx_num_residues 
_struct_site.details 
AC1 Software A HEM 201 ? 17 'binding site for residue HEM A 201' 
AC2 Software A H2S 202 ? 3  'binding site for residue H2S A 202' 
AC3 Software A NO2 203 ? 3  'binding site for residue NO2 A 203' 
AC4 Software A SO4 204 ? 4  'binding site for residue SO4 A 204' 
AC5 Software A SO4 205 ? 3  'binding site for residue SO4 A 205' 
AC6 Software A GOL 206 ? 6  'binding site for residue GOL A 206' 
# 
loop_
_struct_site_gen.id 
_struct_site_gen.site_id 
_struct_site_gen.pdbx_num_res 
_struct_site_gen.label_comp_id 
_struct_site_gen.label_asym_id 
_struct_site_gen.label_seq_id 
_struct_site_gen.pdbx_auth_ins_code 
_struct_site_gen.auth_comp_id 
_struct_site_gen.auth_asym_id 
_struct_site_gen.auth_seq_id 
_struct_site_gen.label_atom_id 
_struct_site_gen.label_alt_id 
_struct_site_gen.symmetry 
_struct_site_gen.details 
1  AC1 17 LYS A 42  ? LYS A 42  . ? 1_555 ? 
2  AC1 17 PHE A 43  ? PHE A 43  . ? 1_555 ? 
3  AC1 17 LYS A 45  ? LYS A 45  . ? 1_555 ? 
4  AC1 17 HIS A 64  ? HIS A 64  . ? 1_555 ? 
5  AC1 17 ALA A 68  ? ALA A 68  . ? 1_555 ? 
6  AC1 17 SER A 92  ? SER A 92  . ? 1_555 ? 
7  AC1 17 HIS A 93  ? HIS A 93  . ? 1_555 ? 
8  AC1 17 HIS A 97  ? HIS A 97  . ? 1_555 ? 
9  AC1 17 ILE A 99  ? ILE A 99  . ? 1_555 ? 
10 AC1 17 TYR A 103 ? TYR A 103 . ? 1_555 ? 
11 AC1 17 LEU A 104 ? LEU A 104 . ? 1_555 ? 
12 AC1 17 TYR A 107 ? TYR A 107 . ? 1_555 ? 
13 AC1 17 HIS A 116 ? HIS A 116 . ? 1_565 ? 
14 AC1 17 GLN A 128 ? GLN A 128 . ? 1_565 ? 
15 AC1 17 H2S C .   ? H2S A 202 . ? 1_555 ? 
16 AC1 17 GOL G .   ? GOL A 206 . ? 1_555 ? 
17 AC1 17 HOH H .   ? HOH A 327 . ? 1_555 ? 
18 AC2 3  HIS A 64  ? HIS A 64  . ? 1_555 ? 
19 AC2 3  ALA A 68  ? ALA A 68  . ? 1_555 ? 
20 AC2 3  HEM B .   ? HEM A 201 . ? 1_555 ? 
21 AC3 3  SER A 3   ? SER A 3   . ? 1_555 ? 
22 AC3 3  GLY A 5   ? GLY A 5   . ? 1_555 ? 
23 AC3 3  LYS A 98  ? LYS A 98  . ? 1_445 ? 
24 AC4 4  ALA A 57  ? ALA A 57  . ? 1_555 ? 
25 AC4 4  SER A 58  ? SER A 58  . ? 1_555 ? 
26 AC4 4  GLU A 59  ? GLU A 59  . ? 1_555 ? 
27 AC4 4  ASP A 60  ? ASP A 60  . ? 1_555 ? 
28 AC5 3  HIS A 81  ? HIS A 81  . ? 1_555 ? 
29 AC5 3  HIS A 82  ? HIS A 82  . ? 1_555 ? 
30 AC5 3  GLU A 83  ? GLU A 83  . ? 1_555 ? 
31 AC6 6  LYS A 45  ? LYS A 45  . ? 1_555 ? 
32 AC6 6  HIS A 64  ? HIS A 64  . ? 1_555 ? 
33 AC6 6  HIS A 113 ? HIS A 113 . ? 1_565 ? 
34 AC6 6  SER A 117 ? SER A 117 . ? 1_565 ? 
35 AC6 6  HEM B .   ? HEM A 201 . ? 1_555 ? 
36 AC6 6  HOH H .   ? HOH A 311 . ? 1_555 ? 
# 
_pdbx_validate_rmsd_angle.id                         1 
_pdbx_validate_rmsd_angle.PDB_model_num              1 
_pdbx_validate_rmsd_angle.auth_atom_id_1             CB 
_pdbx_validate_rmsd_angle.auth_asym_id_1             A 
_pdbx_validate_rmsd_angle.auth_comp_id_1             ASP 
_pdbx_validate_rmsd_angle.auth_seq_id_1              126 
_pdbx_validate_rmsd_angle.PDB_ins_code_1             ? 
_pdbx_validate_rmsd_angle.label_alt_id_1             ? 
_pdbx_validate_rmsd_angle.auth_atom_id_2             CG 
_pdbx_validate_rmsd_angle.auth_asym_id_2             A 
_pdbx_validate_rmsd_angle.auth_comp_id_2             ASP 
_pdbx_validate_rmsd_angle.auth_seq_id_2              126 
_pdbx_validate_rmsd_angle.PDB_ins_code_2             ? 
_pdbx_validate_rmsd_angle.label_alt_id_2             ? 
_pdbx_validate_rmsd_angle.auth_atom_id_3             OD1 
_pdbx_validate_rmsd_angle.auth_asym_id_3             A 
_pdbx_validate_rmsd_angle.auth_comp_id_3             ASP 
_pdbx_validate_rmsd_angle.auth_seq_id_3              126 
_pdbx_validate_rmsd_angle.PDB_ins_code_3             ? 
_pdbx_validate_rmsd_angle.label_alt_id_3             ? 
_pdbx_validate_rmsd_angle.angle_value                124.29 
_pdbx_validate_rmsd_angle.angle_target_value         118.30 
_pdbx_validate_rmsd_angle.angle_deviation            5.99 
_pdbx_validate_rmsd_angle.angle_standard_deviation   0.90 
_pdbx_validate_rmsd_angle.linker_flag                N 
# 
_pdbx_unobs_or_zero_occ_residues.id               1 
_pdbx_unobs_or_zero_occ_residues.PDB_model_num    1 
_pdbx_unobs_or_zero_occ_residues.polymer_flag     Y 
_pdbx_unobs_or_zero_occ_residues.occupancy_flag   1 
_pdbx_unobs_or_zero_occ_residues.auth_asym_id     A 
_pdbx_unobs_or_zero_occ_residues.auth_comp_id     GLY 
_pdbx_unobs_or_zero_occ_residues.auth_seq_id      153 
_pdbx_unobs_or_zero_occ_residues.PDB_ins_code     ? 
_pdbx_unobs_or_zero_occ_residues.label_asym_id    A 
_pdbx_unobs_or_zero_occ_residues.label_comp_id    GLY 
_pdbx_unobs_or_zero_occ_residues.label_seq_id     153 
# 
loop_
_chem_comp_atom.comp_id 
_chem_comp_atom.atom_id 
_chem_comp_atom.type_symbol 
_chem_comp_atom.pdbx_aromatic_flag 
_chem_comp_atom.pdbx_stereo_config 
_chem_comp_atom.pdbx_ordinal 
ALA N    N  N N 1   
ALA CA   C  N S 2   
ALA C    C  N N 3   
ALA O    O  N N 4   
ALA CB   C  N N 5   
ALA OXT  O  N N 6   
ALA H    H  N N 7   
ALA H2   H  N N 8   
ALA HA   H  N N 9   
ALA HB1  H  N N 10  
ALA HB2  H  N N 11  
ALA HB3  H  N N 12  
ALA HXT  H  N N 13  
ARG N    N  N N 14  
ARG CA   C  N S 15  
ARG C    C  N N 16  
ARG O    O  N N 17  
ARG CB   C  N N 18  
ARG CG   C  N N 19  
ARG CD   C  N N 20  
ARG NE   N  N N 21  
ARG CZ   C  N N 22  
ARG NH1  N  N N 23  
ARG NH2  N  N N 24  
ARG OXT  O  N N 25  
ARG H    H  N N 26  
ARG H2   H  N N 27  
ARG HA   H  N N 28  
ARG HB2  H  N N 29  
ARG HB3  H  N N 30  
ARG HG2  H  N N 31  
ARG HG3  H  N N 32  
ARG HD2  H  N N 33  
ARG HD3  H  N N 34  
ARG HE   H  N N 35  
ARG HH11 H  N N 36  
ARG HH12 H  N N 37  
ARG HH21 H  N N 38  
ARG HH22 H  N N 39  
ARG HXT  H  N N 40  
ASN N    N  N N 41  
ASN CA   C  N S 42  
ASN C    C  N N 43  
ASN O    O  N N 44  
ASN CB   C  N N 45  
ASN CG   C  N N 46  
ASN OD1  O  N N 47  
ASN ND2  N  N N 48  
ASN OXT  O  N N 49  
ASN H    H  N N 50  
ASN H2   H  N N 51  
ASN HA   H  N N 52  
ASN HB2  H  N N 53  
ASN HB3  H  N N 54  
ASN HD21 H  N N 55  
ASN HD22 H  N N 56  
ASN HXT  H  N N 57  
ASP N    N  N N 58  
ASP CA   C  N S 59  
ASP C    C  N N 60  
ASP O    O  N N 61  
ASP CB   C  N N 62  
ASP CG   C  N N 63  
ASP OD1  O  N N 64  
ASP OD2  O  N N 65  
ASP OXT  O  N N 66  
ASP H    H  N N 67  
ASP H2   H  N N 68  
ASP HA   H  N N 69  
ASP HB2  H  N N 70  
ASP HB3  H  N N 71  
ASP HD2  H  N N 72  
ASP HXT  H  N N 73  
GLN N    N  N N 74  
GLN CA   C  N S 75  
GLN C    C  N N 76  
GLN O    O  N N 77  
GLN CB   C  N N 78  
GLN CG   C  N N 79  
GLN CD   C  N N 80  
GLN OE1  O  N N 81  
GLN NE2  N  N N 82  
GLN OXT  O  N N 83  
GLN H    H  N N 84  
GLN H2   H  N N 85  
GLN HA   H  N N 86  
GLN HB2  H  N N 87  
GLN HB3  H  N N 88  
GLN HG2  H  N N 89  
GLN HG3  H  N N 90  
GLN HE21 H  N N 91  
GLN HE22 H  N N 92  
GLN HXT  H  N N 93  
GLU N    N  N N 94  
GLU CA   C  N S 95  
GLU C    C  N N 96  
GLU O    O  N N 97  
GLU CB   C  N N 98  
GLU CG   C  N N 99  
GLU CD   C  N N 100 
GLU OE1  O  N N 101 
GLU OE2  O  N N 102 
GLU OXT  O  N N 103 
GLU H    H  N N 104 
GLU H2   H  N N 105 
GLU HA   H  N N 106 
GLU HB2  H  N N 107 
GLU HB3  H  N N 108 
GLU HG2  H  N N 109 
GLU HG3  H  N N 110 
GLU HE2  H  N N 111 
GLU HXT  H  N N 112 
GLY N    N  N N 113 
GLY CA   C  N N 114 
GLY C    C  N N 115 
GLY O    O  N N 116 
GLY OXT  O  N N 117 
GLY H    H  N N 118 
GLY H2   H  N N 119 
GLY HA2  H  N N 120 
GLY HA3  H  N N 121 
GLY HXT  H  N N 122 
GOL C1   C  N N 123 
GOL O1   O  N N 124 
GOL C2   C  N N 125 
GOL O2   O  N N 126 
GOL C3   C  N N 127 
GOL O3   O  N N 128 
GOL H11  H  N N 129 
GOL H12  H  N N 130 
GOL HO1  H  N N 131 
GOL H2   H  N N 132 
GOL HO2  H  N N 133 
GOL H31  H  N N 134 
GOL H32  H  N N 135 
GOL HO3  H  N N 136 
H2S S    S  N N 137 
H2S HS1  H  N N 138 
H2S HS2  H  N N 139 
HEM CHA  C  N N 140 
HEM CHB  C  N N 141 
HEM CHC  C  N N 142 
HEM CHD  C  N N 143 
HEM C1A  C  Y N 144 
HEM C2A  C  Y N 145 
HEM C3A  C  Y N 146 
HEM C4A  C  Y N 147 
HEM CMA  C  N N 148 
HEM CAA  C  N N 149 
HEM CBA  C  N N 150 
HEM CGA  C  N N 151 
HEM O1A  O  N N 152 
HEM O2A  O  N N 153 
HEM C1B  C  N N 154 
HEM C2B  C  N N 155 
HEM C3B  C  N N 156 
HEM C4B  C  N N 157 
HEM CMB  C  N N 158 
HEM CAB  C  N N 159 
HEM CBB  C  N N 160 
HEM C1C  C  Y N 161 
HEM C2C  C  Y N 162 
HEM C3C  C  Y N 163 
HEM C4C  C  Y N 164 
HEM CMC  C  N N 165 
HEM CAC  C  N N 166 
HEM CBC  C  N N 167 
HEM C1D  C  N N 168 
HEM C2D  C  N N 169 
HEM C3D  C  N N 170 
HEM C4D  C  N N 171 
HEM CMD  C  N N 172 
HEM CAD  C  N N 173 
HEM CBD  C  N N 174 
HEM CGD  C  N N 175 
HEM O1D  O  N N 176 
HEM O2D  O  N N 177 
HEM NA   N  Y N 178 
HEM NB   N  N N 179 
HEM NC   N  Y N 180 
HEM ND   N  N N 181 
HEM FE   FE N N 182 
HEM HHB  H  N N 183 
HEM HHC  H  N N 184 
HEM HHD  H  N N 185 
HEM HMA  H  N N 186 
HEM HMAA H  N N 187 
HEM HMAB H  N N 188 
HEM HAA  H  N N 189 
HEM HAAA H  N N 190 
HEM HBA  H  N N 191 
HEM HBAA H  N N 192 
HEM HMB  H  N N 193 
HEM HMBA H  N N 194 
HEM HMBB H  N N 195 
HEM HAB  H  N N 196 
HEM HBB  H  N N 197 
HEM HBBA H  N N 198 
HEM HMC  H  N N 199 
HEM HMCA H  N N 200 
HEM HMCB H  N N 201 
HEM HAC  H  N N 202 
HEM HBC  H  N N 203 
HEM HBCA H  N N 204 
HEM HMD  H  N N 205 
HEM HMDA H  N N 206 
HEM HMDB H  N N 207 
HEM HAD  H  N N 208 
HEM HADA H  N N 209 
HEM HBD  H  N N 210 
HEM HBDA H  N N 211 
HEM H2A  H  N N 212 
HEM H2D  H  N N 213 
HEM HHA  H  N N 214 
HIS N    N  N N 215 
HIS CA   C  N S 216 
HIS C    C  N N 217 
HIS O    O  N N 218 
HIS CB   C  N N 219 
HIS CG   C  Y N 220 
HIS ND1  N  Y N 221 
HIS CD2  C  Y N 222 
HIS CE1  C  Y N 223 
HIS NE2  N  Y N 224 
HIS OXT  O  N N 225 
HIS H    H  N N 226 
HIS H2   H  N N 227 
HIS HA   H  N N 228 
HIS HB2  H  N N 229 
HIS HB3  H  N N 230 
HIS HD1  H  N N 231 
HIS HD2  H  N N 232 
HIS HE1  H  N N 233 
HIS HE2  H  N N 234 
HIS HXT  H  N N 235 
HOH O    O  N N 236 
HOH H1   H  N N 237 
HOH H2   H  N N 238 
ILE N    N  N N 239 
ILE CA   C  N S 240 
ILE C    C  N N 241 
ILE O    O  N N 242 
ILE CB   C  N S 243 
ILE CG1  C  N N 244 
ILE CG2  C  N N 245 
ILE CD1  C  N N 246 
ILE OXT  O  N N 247 
ILE H    H  N N 248 
ILE H2   H  N N 249 
ILE HA   H  N N 250 
ILE HB   H  N N 251 
ILE HG12 H  N N 252 
ILE HG13 H  N N 253 
ILE HG21 H  N N 254 
ILE HG22 H  N N 255 
ILE HG23 H  N N 256 
ILE HD11 H  N N 257 
ILE HD12 H  N N 258 
ILE HD13 H  N N 259 
ILE HXT  H  N N 260 
LEU N    N  N N 261 
LEU CA   C  N S 262 
LEU C    C  N N 263 
LEU O    O  N N 264 
LEU CB   C  N N 265 
LEU CG   C  N N 266 
LEU CD1  C  N N 267 
LEU CD2  C  N N 268 
LEU OXT  O  N N 269 
LEU H    H  N N 270 
LEU H2   H  N N 271 
LEU HA   H  N N 272 
LEU HB2  H  N N 273 
LEU HB3  H  N N 274 
LEU HG   H  N N 275 
LEU HD11 H  N N 276 
LEU HD12 H  N N 277 
LEU HD13 H  N N 278 
LEU HD21 H  N N 279 
LEU HD22 H  N N 280 
LEU HD23 H  N N 281 
LEU HXT  H  N N 282 
LYS N    N  N N 283 
LYS CA   C  N S 284 
LYS C    C  N N 285 
LYS O    O  N N 286 
LYS CB   C  N N 287 
LYS CG   C  N N 288 
LYS CD   C  N N 289 
LYS CE   C  N N 290 
LYS NZ   N  N N 291 
LYS OXT  O  N N 292 
LYS H    H  N N 293 
LYS H2   H  N N 294 
LYS HA   H  N N 295 
LYS HB2  H  N N 296 
LYS HB3  H  N N 297 
LYS HG2  H  N N 298 
LYS HG3  H  N N 299 
LYS HD2  H  N N 300 
LYS HD3  H  N N 301 
LYS HE2  H  N N 302 
LYS HE3  H  N N 303 
LYS HZ1  H  N N 304 
LYS HZ2  H  N N 305 
LYS HZ3  H  N N 306 
LYS HXT  H  N N 307 
MET N    N  N N 308 
MET CA   C  N S 309 
MET C    C  N N 310 
MET O    O  N N 311 
MET CB   C  N N 312 
MET CG   C  N N 313 
MET SD   S  N N 314 
MET CE   C  N N 315 
MET OXT  O  N N 316 
MET H    H  N N 317 
MET H2   H  N N 318 
MET HA   H  N N 319 
MET HB2  H  N N 320 
MET HB3  H  N N 321 
MET HG2  H  N N 322 
MET HG3  H  N N 323 
MET HE1  H  N N 324 
MET HE2  H  N N 325 
MET HE3  H  N N 326 
MET HXT  H  N N 327 
NO2 N    N  N N 328 
NO2 O1   O  N N 329 
NO2 O2   O  N N 330 
PHE N    N  N N 331 
PHE CA   C  N S 332 
PHE C    C  N N 333 
PHE O    O  N N 334 
PHE CB   C  N N 335 
PHE CG   C  Y N 336 
PHE CD1  C  Y N 337 
PHE CD2  C  Y N 338 
PHE CE1  C  Y N 339 
PHE CE2  C  Y N 340 
PHE CZ   C  Y N 341 
PHE OXT  O  N N 342 
PHE H    H  N N 343 
PHE H2   H  N N 344 
PHE HA   H  N N 345 
PHE HB2  H  N N 346 
PHE HB3  H  N N 347 
PHE HD1  H  N N 348 
PHE HD2  H  N N 349 
PHE HE1  H  N N 350 
PHE HE2  H  N N 351 
PHE HZ   H  N N 352 
PHE HXT  H  N N 353 
PRO N    N  N N 354 
PRO CA   C  N S 355 
PRO C    C  N N 356 
PRO O    O  N N 357 
PRO CB   C  N N 358 
PRO CG   C  N N 359 
PRO CD   C  N N 360 
PRO OXT  O  N N 361 
PRO H    H  N N 362 
PRO HA   H  N N 363 
PRO HB2  H  N N 364 
PRO HB3  H  N N 365 
PRO HG2  H  N N 366 
PRO HG3  H  N N 367 
PRO HD2  H  N N 368 
PRO HD3  H  N N 369 
PRO HXT  H  N N 370 
SER N    N  N N 371 
SER CA   C  N S 372 
SER C    C  N N 373 
SER O    O  N N 374 
SER CB   C  N N 375 
SER OG   O  N N 376 
SER OXT  O  N N 377 
SER H    H  N N 378 
SER H2   H  N N 379 
SER HA   H  N N 380 
SER HB2  H  N N 381 
SER HB3  H  N N 382 
SER HG   H  N N 383 
SER HXT  H  N N 384 
SO4 S    S  N N 385 
SO4 O1   O  N N 386 
SO4 O2   O  N N 387 
SO4 O3   O  N N 388 
SO4 O4   O  N N 389 
THR N    N  N N 390 
THR CA   C  N S 391 
THR C    C  N N 392 
THR O    O  N N 393 
THR CB   C  N R 394 
THR OG1  O  N N 395 
THR CG2  C  N N 396 
THR OXT  O  N N 397 
THR H    H  N N 398 
THR H2   H  N N 399 
THR HA   H  N N 400 
THR HB   H  N N 401 
THR HG1  H  N N 402 
THR HG21 H  N N 403 
THR HG22 H  N N 404 
THR HG23 H  N N 405 
THR HXT  H  N N 406 
TRP N    N  N N 407 
TRP CA   C  N S 408 
TRP C    C  N N 409 
TRP O    O  N N 410 
TRP CB   C  N N 411 
TRP CG   C  Y N 412 
TRP CD1  C  Y N 413 
TRP CD2  C  Y N 414 
TRP NE1  N  Y N 415 
TRP CE2  C  Y N 416 
TRP CE3  C  Y N 417 
TRP CZ2  C  Y N 418 
TRP CZ3  C  Y N 419 
TRP CH2  C  Y N 420 
TRP OXT  O  N N 421 
TRP H    H  N N 422 
TRP H2   H  N N 423 
TRP HA   H  N N 424 
TRP HB2  H  N N 425 
TRP HB3  H  N N 426 
TRP HD1  H  N N 427 
TRP HE1  H  N N 428 
TRP HE3  H  N N 429 
TRP HZ2  H  N N 430 
TRP HZ3  H  N N 431 
TRP HH2  H  N N 432 
TRP HXT  H  N N 433 
TYR N    N  N N 434 
TYR CA   C  N S 435 
TYR C    C  N N 436 
TYR O    O  N N 437 
TYR CB   C  N N 438 
TYR CG   C  Y N 439 
TYR CD1  C  Y N 440 
TYR CD2  C  Y N 441 
TYR CE1  C  Y N 442 
TYR CE2  C  Y N 443 
TYR CZ   C  Y N 444 
TYR OH   O  N N 445 
TYR OXT  O  N N 446 
TYR H    H  N N 447 
TYR H2   H  N N 448 
TYR HA   H  N N 449 
TYR HB2  H  N N 450 
TYR HB3  H  N N 451 
TYR HD1  H  N N 452 
TYR HD2  H  N N 453 
TYR HE1  H  N N 454 
TYR HE2  H  N N 455 
TYR HH   H  N N 456 
TYR HXT  H  N N 457 
VAL N    N  N N 458 
VAL CA   C  N S 459 
VAL C    C  N N 460 
VAL O    O  N N 461 
VAL CB   C  N N 462 
VAL CG1  C  N N 463 
VAL CG2  C  N N 464 
VAL OXT  O  N N 465 
VAL H    H  N N 466 
VAL H2   H  N N 467 
VAL HA   H  N N 468 
VAL HB   H  N N 469 
VAL HG11 H  N N 470 
VAL HG12 H  N N 471 
VAL HG13 H  N N 472 
VAL HG21 H  N N 473 
VAL HG22 H  N N 474 
VAL HG23 H  N N 475 
VAL HXT  H  N N 476 
# 
loop_
_chem_comp_bond.comp_id 
_chem_comp_bond.atom_id_1 
_chem_comp_bond.atom_id_2 
_chem_comp_bond.value_order 
_chem_comp_bond.pdbx_aromatic_flag 
_chem_comp_bond.pdbx_stereo_config 
_chem_comp_bond.pdbx_ordinal 
ALA N   CA   sing N N 1   
ALA N   H    sing N N 2   
ALA N   H2   sing N N 3   
ALA CA  C    sing N N 4   
ALA CA  CB   sing N N 5   
ALA CA  HA   sing N N 6   
ALA C   O    doub N N 7   
ALA C   OXT  sing N N 8   
ALA CB  HB1  sing N N 9   
ALA CB  HB2  sing N N 10  
ALA CB  HB3  sing N N 11  
ALA OXT HXT  sing N N 12  
ARG N   CA   sing N N 13  
ARG N   H    sing N N 14  
ARG N   H2   sing N N 15  
ARG CA  C    sing N N 16  
ARG CA  CB   sing N N 17  
ARG CA  HA   sing N N 18  
ARG C   O    doub N N 19  
ARG C   OXT  sing N N 20  
ARG CB  CG   sing N N 21  
ARG CB  HB2  sing N N 22  
ARG CB  HB3  sing N N 23  
ARG CG  CD   sing N N 24  
ARG CG  HG2  sing N N 25  
ARG CG  HG3  sing N N 26  
ARG CD  NE   sing N N 27  
ARG CD  HD2  sing N N 28  
ARG CD  HD3  sing N N 29  
ARG NE  CZ   sing N N 30  
ARG NE  HE   sing N N 31  
ARG CZ  NH1  sing N N 32  
ARG CZ  NH2  doub N N 33  
ARG NH1 HH11 sing N N 34  
ARG NH1 HH12 sing N N 35  
ARG NH2 HH21 sing N N 36  
ARG NH2 HH22 sing N N 37  
ARG OXT HXT  sing N N 38  
ASN N   CA   sing N N 39  
ASN N   H    sing N N 40  
ASN N   H2   sing N N 41  
ASN CA  C    sing N N 42  
ASN CA  CB   sing N N 43  
ASN CA  HA   sing N N 44  
ASN C   O    doub N N 45  
ASN C   OXT  sing N N 46  
ASN CB  CG   sing N N 47  
ASN CB  HB2  sing N N 48  
ASN CB  HB3  sing N N 49  
ASN CG  OD1  doub N N 50  
ASN CG  ND2  sing N N 51  
ASN ND2 HD21 sing N N 52  
ASN ND2 HD22 sing N N 53  
ASN OXT HXT  sing N N 54  
ASP N   CA   sing N N 55  
ASP N   H    sing N N 56  
ASP N   H2   sing N N 57  
ASP CA  C    sing N N 58  
ASP CA  CB   sing N N 59  
ASP CA  HA   sing N N 60  
ASP C   O    doub N N 61  
ASP C   OXT  sing N N 62  
ASP CB  CG   sing N N 63  
ASP CB  HB2  sing N N 64  
ASP CB  HB3  sing N N 65  
ASP CG  OD1  doub N N 66  
ASP CG  OD2  sing N N 67  
ASP OD2 HD2  sing N N 68  
ASP OXT HXT  sing N N 69  
GLN N   CA   sing N N 70  
GLN N   H    sing N N 71  
GLN N   H2   sing N N 72  
GLN CA  C    sing N N 73  
GLN CA  CB   sing N N 74  
GLN CA  HA   sing N N 75  
GLN C   O    doub N N 76  
GLN C   OXT  sing N N 77  
GLN CB  CG   sing N N 78  
GLN CB  HB2  sing N N 79  
GLN CB  HB3  sing N N 80  
GLN CG  CD   sing N N 81  
GLN CG  HG2  sing N N 82  
GLN CG  HG3  sing N N 83  
GLN CD  OE1  doub N N 84  
GLN CD  NE2  sing N N 85  
GLN NE2 HE21 sing N N 86  
GLN NE2 HE22 sing N N 87  
GLN OXT HXT  sing N N 88  
GLU N   CA   sing N N 89  
GLU N   H    sing N N 90  
GLU N   H2   sing N N 91  
GLU CA  C    sing N N 92  
GLU CA  CB   sing N N 93  
GLU CA  HA   sing N N 94  
GLU C   O    doub N N 95  
GLU C   OXT  sing N N 96  
GLU CB  CG   sing N N 97  
GLU CB  HB2  sing N N 98  
GLU CB  HB3  sing N N 99  
GLU CG  CD   sing N N 100 
GLU CG  HG2  sing N N 101 
GLU CG  HG3  sing N N 102 
GLU CD  OE1  doub N N 103 
GLU CD  OE2  sing N N 104 
GLU OE2 HE2  sing N N 105 
GLU OXT HXT  sing N N 106 
GLY N   CA   sing N N 107 
GLY N   H    sing N N 108 
GLY N   H2   sing N N 109 
GLY CA  C    sing N N 110 
GLY CA  HA2  sing N N 111 
GLY CA  HA3  sing N N 112 
GLY C   O    doub N N 113 
GLY C   OXT  sing N N 114 
GLY OXT HXT  sing N N 115 
GOL C1  O1   sing N N 116 
GOL C1  C2   sing N N 117 
GOL C1  H11  sing N N 118 
GOL C1  H12  sing N N 119 
GOL O1  HO1  sing N N 120 
GOL C2  O2   sing N N 121 
GOL C2  C3   sing N N 122 
GOL C2  H2   sing N N 123 
GOL O2  HO2  sing N N 124 
GOL C3  O3   sing N N 125 
GOL C3  H31  sing N N 126 
GOL C3  H32  sing N N 127 
GOL O3  HO3  sing N N 128 
H2S S   HS1  sing N N 129 
H2S S   HS2  sing N N 130 
HEM CHA C1A  sing N N 131 
HEM CHA C4D  doub N N 132 
HEM CHA HHA  sing N N 133 
HEM CHB C4A  sing N N 134 
HEM CHB C1B  doub N N 135 
HEM CHB HHB  sing N N 136 
HEM CHC C4B  sing N N 137 
HEM CHC C1C  doub N N 138 
HEM CHC HHC  sing N N 139 
HEM CHD C4C  doub N N 140 
HEM CHD C1D  sing N N 141 
HEM CHD HHD  sing N N 142 
HEM C1A C2A  doub Y N 143 
HEM C1A NA   sing Y N 144 
HEM C2A C3A  sing Y N 145 
HEM C2A CAA  sing N N 146 
HEM C3A C4A  doub Y N 147 
HEM C3A CMA  sing N N 148 
HEM C4A NA   sing Y N 149 
HEM CMA HMA  sing N N 150 
HEM CMA HMAA sing N N 151 
HEM CMA HMAB sing N N 152 
HEM CAA CBA  sing N N 153 
HEM CAA HAA  sing N N 154 
HEM CAA HAAA sing N N 155 
HEM CBA CGA  sing N N 156 
HEM CBA HBA  sing N N 157 
HEM CBA HBAA sing N N 158 
HEM CGA O1A  doub N N 159 
HEM CGA O2A  sing N N 160 
HEM C1B C2B  sing N N 161 
HEM C1B NB   sing N N 162 
HEM C2B C3B  doub N N 163 
HEM C2B CMB  sing N N 164 
HEM C3B C4B  sing N N 165 
HEM C3B CAB  sing N N 166 
HEM C4B NB   doub N N 167 
HEM CMB HMB  sing N N 168 
HEM CMB HMBA sing N N 169 
HEM CMB HMBB sing N N 170 
HEM CAB CBB  doub N N 171 
HEM CAB HAB  sing N N 172 
HEM CBB HBB  sing N N 173 
HEM CBB HBBA sing N N 174 
HEM C1C C2C  sing Y N 175 
HEM C1C NC   sing Y N 176 
HEM C2C C3C  doub Y N 177 
HEM C2C CMC  sing N N 178 
HEM C3C C4C  sing Y N 179 
HEM C3C CAC  sing N N 180 
HEM C4C NC   sing Y N 181 
HEM CMC HMC  sing N N 182 
HEM CMC HMCA sing N N 183 
HEM CMC HMCB sing N N 184 
HEM CAC CBC  doub N N 185 
HEM CAC HAC  sing N N 186 
HEM CBC HBC  sing N N 187 
HEM CBC HBCA sing N N 188 
HEM C1D C2D  sing N N 189 
HEM C1D ND   doub N N 190 
HEM C2D C3D  doub N N 191 
HEM C2D CMD  sing N N 192 
HEM C3D C4D  sing N N 193 
HEM C3D CAD  sing N N 194 
HEM C4D ND   sing N N 195 
HEM CMD HMD  sing N N 196 
HEM CMD HMDA sing N N 197 
HEM CMD HMDB sing N N 198 
HEM CAD CBD  sing N N 199 
HEM CAD HAD  sing N N 200 
HEM CAD HADA sing N N 201 
HEM CBD CGD  sing N N 202 
HEM CBD HBD  sing N N 203 
HEM CBD HBDA sing N N 204 
HEM CGD O1D  doub N N 205 
HEM CGD O2D  sing N N 206 
HEM O2A H2A  sing N N 207 
HEM O2D H2D  sing N N 208 
HEM FE  NA   sing N N 209 
HEM FE  NB   sing N N 210 
HEM FE  NC   sing N N 211 
HEM FE  ND   sing N N 212 
HIS N   CA   sing N N 213 
HIS N   H    sing N N 214 
HIS N   H2   sing N N 215 
HIS CA  C    sing N N 216 
HIS CA  CB   sing N N 217 
HIS CA  HA   sing N N 218 
HIS C   O    doub N N 219 
HIS C   OXT  sing N N 220 
HIS CB  CG   sing N N 221 
HIS CB  HB2  sing N N 222 
HIS CB  HB3  sing N N 223 
HIS CG  ND1  sing Y N 224 
HIS CG  CD2  doub Y N 225 
HIS ND1 CE1  doub Y N 226 
HIS ND1 HD1  sing N N 227 
HIS CD2 NE2  sing Y N 228 
HIS CD2 HD2  sing N N 229 
HIS CE1 NE2  sing Y N 230 
HIS CE1 HE1  sing N N 231 
HIS NE2 HE2  sing N N 232 
HIS OXT HXT  sing N N 233 
HOH O   H1   sing N N 234 
HOH O   H2   sing N N 235 
ILE N   CA   sing N N 236 
ILE N   H    sing N N 237 
ILE N   H2   sing N N 238 
ILE CA  C    sing N N 239 
ILE CA  CB   sing N N 240 
ILE CA  HA   sing N N 241 
ILE C   O    doub N N 242 
ILE C   OXT  sing N N 243 
ILE CB  CG1  sing N N 244 
ILE CB  CG2  sing N N 245 
ILE CB  HB   sing N N 246 
ILE CG1 CD1  sing N N 247 
ILE CG1 HG12 sing N N 248 
ILE CG1 HG13 sing N N 249 
ILE CG2 HG21 sing N N 250 
ILE CG2 HG22 sing N N 251 
ILE CG2 HG23 sing N N 252 
ILE CD1 HD11 sing N N 253 
ILE CD1 HD12 sing N N 254 
ILE CD1 HD13 sing N N 255 
ILE OXT HXT  sing N N 256 
LEU N   CA   sing N N 257 
LEU N   H    sing N N 258 
LEU N   H2   sing N N 259 
LEU CA  C    sing N N 260 
LEU CA  CB   sing N N 261 
LEU CA  HA   sing N N 262 
LEU C   O    doub N N 263 
LEU C   OXT  sing N N 264 
LEU CB  CG   sing N N 265 
LEU CB  HB2  sing N N 266 
LEU CB  HB3  sing N N 267 
LEU CG  CD1  sing N N 268 
LEU CG  CD2  sing N N 269 
LEU CG  HG   sing N N 270 
LEU CD1 HD11 sing N N 271 
LEU CD1 HD12 sing N N 272 
LEU CD1 HD13 sing N N 273 
LEU CD2 HD21 sing N N 274 
LEU CD2 HD22 sing N N 275 
LEU CD2 HD23 sing N N 276 
LEU OXT HXT  sing N N 277 
LYS N   CA   sing N N 278 
LYS N   H    sing N N 279 
LYS N   H2   sing N N 280 
LYS CA  C    sing N N 281 
LYS CA  CB   sing N N 282 
LYS CA  HA   sing N N 283 
LYS C   O    doub N N 284 
LYS C   OXT  sing N N 285 
LYS CB  CG   sing N N 286 
LYS CB  HB2  sing N N 287 
LYS CB  HB3  sing N N 288 
LYS CG  CD   sing N N 289 
LYS CG  HG2  sing N N 290 
LYS CG  HG3  sing N N 291 
LYS CD  CE   sing N N 292 
LYS CD  HD2  sing N N 293 
LYS CD  HD3  sing N N 294 
LYS CE  NZ   sing N N 295 
LYS CE  HE2  sing N N 296 
LYS CE  HE3  sing N N 297 
LYS NZ  HZ1  sing N N 298 
LYS NZ  HZ2  sing N N 299 
LYS NZ  HZ3  sing N N 300 
LYS OXT HXT  sing N N 301 
MET N   CA   sing N N 302 
MET N   H    sing N N 303 
MET N   H2   sing N N 304 
MET CA  C    sing N N 305 
MET CA  CB   sing N N 306 
MET CA  HA   sing N N 307 
MET C   O    doub N N 308 
MET C   OXT  sing N N 309 
MET CB  CG   sing N N 310 
MET CB  HB2  sing N N 311 
MET CB  HB3  sing N N 312 
MET CG  SD   sing N N 313 
MET CG  HG2  sing N N 314 
MET CG  HG3  sing N N 315 
MET SD  CE   sing N N 316 
MET CE  HE1  sing N N 317 
MET CE  HE2  sing N N 318 
MET CE  HE3  sing N N 319 
MET OXT HXT  sing N N 320 
NO2 N   O1   doub N N 321 
NO2 N   O2   sing N N 322 
PHE N   CA   sing N N 323 
PHE N   H    sing N N 324 
PHE N   H2   sing N N 325 
PHE CA  C    sing N N 326 
PHE CA  CB   sing N N 327 
PHE CA  HA   sing N N 328 
PHE C   O    doub N N 329 
PHE C   OXT  sing N N 330 
PHE CB  CG   sing N N 331 
PHE CB  HB2  sing N N 332 
PHE CB  HB3  sing N N 333 
PHE CG  CD1  doub Y N 334 
PHE CG  CD2  sing Y N 335 
PHE CD1 CE1  sing Y N 336 
PHE CD1 HD1  sing N N 337 
PHE CD2 CE2  doub Y N 338 
PHE CD2 HD2  sing N N 339 
PHE CE1 CZ   doub Y N 340 
PHE CE1 HE1  sing N N 341 
PHE CE2 CZ   sing Y N 342 
PHE CE2 HE2  sing N N 343 
PHE CZ  HZ   sing N N 344 
PHE OXT HXT  sing N N 345 
PRO N   CA   sing N N 346 
PRO N   CD   sing N N 347 
PRO N   H    sing N N 348 
PRO CA  C    sing N N 349 
PRO CA  CB   sing N N 350 
PRO CA  HA   sing N N 351 
PRO C   O    doub N N 352 
PRO C   OXT  sing N N 353 
PRO CB  CG   sing N N 354 
PRO CB  HB2  sing N N 355 
PRO CB  HB3  sing N N 356 
PRO CG  CD   sing N N 357 
PRO CG  HG2  sing N N 358 
PRO CG  HG3  sing N N 359 
PRO CD  HD2  sing N N 360 
PRO CD  HD3  sing N N 361 
PRO OXT HXT  sing N N 362 
SER N   CA   sing N N 363 
SER N   H    sing N N 364 
SER N   H2   sing N N 365 
SER CA  C    sing N N 366 
SER CA  CB   sing N N 367 
SER CA  HA   sing N N 368 
SER C   O    doub N N 369 
SER C   OXT  sing N N 370 
SER CB  OG   sing N N 371 
SER CB  HB2  sing N N 372 
SER CB  HB3  sing N N 373 
SER OG  HG   sing N N 374 
SER OXT HXT  sing N N 375 
SO4 S   O1   doub N N 376 
SO4 S   O2   doub N N 377 
SO4 S   O3   sing N N 378 
SO4 S   O4   sing N N 379 
THR N   CA   sing N N 380 
THR N   H    sing N N 381 
THR N   H2   sing N N 382 
THR CA  C    sing N N 383 
THR CA  CB   sing N N 384 
THR CA  HA   sing N N 385 
THR C   O    doub N N 386 
THR C   OXT  sing N N 387 
THR CB  OG1  sing N N 388 
THR CB  CG2  sing N N 389 
THR CB  HB   sing N N 390 
THR OG1 HG1  sing N N 391 
THR CG2 HG21 sing N N 392 
THR CG2 HG22 sing N N 393 
THR CG2 HG23 sing N N 394 
THR OXT HXT  sing N N 395 
TRP N   CA   sing N N 396 
TRP N   H    sing N N 397 
TRP N   H2   sing N N 398 
TRP CA  C    sing N N 399 
TRP CA  CB   sing N N 400 
TRP CA  HA   sing N N 401 
TRP C   O    doub N N 402 
TRP C   OXT  sing N N 403 
TRP CB  CG   sing N N 404 
TRP CB  HB2  sing N N 405 
TRP CB  HB3  sing N N 406 
TRP CG  CD1  doub Y N 407 
TRP CG  CD2  sing Y N 408 
TRP CD1 NE1  sing Y N 409 
TRP CD1 HD1  sing N N 410 
TRP CD2 CE2  doub Y N 411 
TRP CD2 CE3  sing Y N 412 
TRP NE1 CE2  sing Y N 413 
TRP NE1 HE1  sing N N 414 
TRP CE2 CZ2  sing Y N 415 
TRP CE3 CZ3  doub Y N 416 
TRP CE3 HE3  sing N N 417 
TRP CZ2 CH2  doub Y N 418 
TRP CZ2 HZ2  sing N N 419 
TRP CZ3 CH2  sing Y N 420 
TRP CZ3 HZ3  sing N N 421 
TRP CH2 HH2  sing N N 422 
TRP OXT HXT  sing N N 423 
TYR N   CA   sing N N 424 
TYR N   H    sing N N 425 
TYR N   H2   sing N N 426 
TYR CA  C    sing N N 427 
TYR CA  CB   sing N N 428 
TYR CA  HA   sing N N 429 
TYR C   O    doub N N 430 
TYR C   OXT  sing N N 431 
TYR CB  CG   sing N N 432 
TYR CB  HB2  sing N N 433 
TYR CB  HB3  sing N N 434 
TYR CG  CD1  doub Y N 435 
TYR CG  CD2  sing Y N 436 
TYR CD1 CE1  sing Y N 437 
TYR CD1 HD1  sing N N 438 
TYR CD2 CE2  doub Y N 439 
TYR CD2 HD2  sing N N 440 
TYR CE1 CZ   doub Y N 441 
TYR CE1 HE1  sing N N 442 
TYR CE2 CZ   sing Y N 443 
TYR CE2 HE2  sing N N 444 
TYR CZ  OH   sing N N 445 
TYR OH  HH   sing N N 446 
TYR OXT HXT  sing N N 447 
VAL N   CA   sing N N 448 
VAL N   H    sing N N 449 
VAL N   H2   sing N N 450 
VAL CA  C    sing N N 451 
VAL CA  CB   sing N N 452 
VAL CA  HA   sing N N 453 
VAL C   O    doub N N 454 
VAL C   OXT  sing N N 455 
VAL CB  CG1  sing N N 456 
VAL CB  CG2  sing N N 457 
VAL CB  HB   sing N N 458 
VAL CG1 HG11 sing N N 459 
VAL CG1 HG12 sing N N 460 
VAL CG1 HG13 sing N N 461 
VAL CG2 HG21 sing N N 462 
VAL CG2 HG22 sing N N 463 
VAL CG2 HG23 sing N N 464 
VAL OXT HXT  sing N N 465 
# 
loop_
_pdbx_audit_support.funding_organization 
_pdbx_audit_support.country 
_pdbx_audit_support.grant_number 
_pdbx_audit_support.ordinal 
'National Natural Science Foundation of China' China 21271104 1 
'National Natural Science Foundation of China' China 21671103 2 
# 
_atom_sites.entry_id                    5Z7F 
_atom_sites.fract_transf_matrix[1][1]   -0.01106843 
_atom_sites.fract_transf_matrix[1][2]   -0.01356169 
_atom_sites.fract_transf_matrix[1][3]   0.02394791 
_atom_sites.fract_transf_matrix[2][1]   0.00344920 
_atom_sites.fract_transf_matrix[2][2]   -0.03102635 
_atom_sites.fract_transf_matrix[2][3]   -0.01597603 
_atom_sites.fract_transf_matrix[3][1]   0.01305136 
_atom_sites.fract_transf_matrix[3][2]   -0.00348263 
_atom_sites.fract_transf_matrix[3][3]   0.00958124 
_atom_sites.fract_transf_vector[1]      -0.000087 
_atom_sites.fract_transf_vector[2]      -0.035820 
_atom_sites.fract_transf_vector[3]      0.253952 
# 
loop_
_atom_type.symbol 
C  
FE 
N  
O  
S  
# 
loop_
_atom_site.group_PDB 
_atom_site.id 
_atom_site.type_symbol 
_atom_site.label_atom_id 
_atom_site.label_alt_id 
_atom_site.label_comp_id 
_atom_site.label_asym_id 
_atom_site.label_entity_id 
_atom_site.label_seq_id 
_atom_site.pdbx_PDB_ins_code 
_atom_site.Cartn_x 
_atom_site.Cartn_y 
_atom_site.Cartn_z 
_atom_site.occupancy 
_atom_site.B_iso_or_equiv 
_atom_site.pdbx_formal_charge 
_atom_site.auth_seq_id 
_atom_site.auth_comp_id 
_atom_site.auth_asym_id 
_atom_site.auth_atom_id 
_atom_site.pdbx_PDB_model_num 
ATOM   1    N  N   . GLY A 1 1   ? -5.770  12.158  -13.600 1.00 26.89 ? 1   GLY A N   1 
ATOM   2    C  CA  . GLY A 1 1   ? -4.293  11.940  -13.511 1.00 22.07 ? 1   GLY A CA  1 
ATOM   3    C  C   . GLY A 1 1   ? -3.584  12.942  -12.629 1.00 19.44 ? 1   GLY A C   1 
ATOM   4    O  O   . GLY A 1 1   ? -4.188  13.766  -11.929 1.00 21.58 ? 1   GLY A O   1 
ATOM   5    N  N   . LEU A 1 2   ? -2.279  12.861  -12.679 1.00 16.13 ? 2   LEU A N   1 
ATOM   6    C  CA  . LEU A 1 2   ? -1.399  13.710  -11.944 1.00 14.58 ? 2   LEU A CA  1 
ATOM   7    C  C   . LEU A 1 2   ? -0.662  14.530  -12.974 1.00 15.60 ? 2   LEU A C   1 
ATOM   8    O  O   . LEU A 1 2   ? -0.459  14.053  -14.110 1.00 14.62 ? 2   LEU A O   1 
ATOM   9    C  CB  . LEU A 1 2   ? -0.400  12.852  -11.177 1.00 12.98 ? 2   LEU A CB  1 
ATOM   10   C  CG  . LEU A 1 2   ? -0.901  12.506  -9.780  1.00 11.81 ? 2   LEU A CG  1 
ATOM   11   C  CD1 . LEU A 1 2   ? -2.029  11.488  -9.858  1.00 11.79 ? 2   LEU A CD1 1 
ATOM   12   C  CD2 . LEU A 1 2   ? 0.231   11.946  -8.975  1.00 11.33 ? 2   LEU A CD2 1 
ATOM   13   N  N   . SER A 1 3   ? -0.260  15.735  -12.586 1.00 15.77 ? 3   SER A N   1 
ATOM   14   C  CA  . SER A 1 3   ? 0.631   16.569  -13.405 1.00 16.66 ? 3   SER A CA  1 
ATOM   15   C  C   . SER A 1 3   ? 2.045   16.014  -13.345 1.00 17.61 ? 3   SER A C   1 
ATOM   16   O  O   . SER A 1 3   ? 2.364   15.207  -12.481 1.00 13.60 ? 3   SER A O   1 
ATOM   17   C  CB  . SER A 1 3   ? 0.595   18.018  -12.896 1.00 17.59 ? 3   SER A CB  1 
ATOM   18   O  OG  . SER A 1 3   ? 1.258   18.152  -11.625 1.00 18.66 ? 3   SER A OG  1 
ATOM   19   N  N   . ASP A 1 4   ? 2.915   16.441  -14.254 1.00 18.51 ? 4   ASP A N   1 
ATOM   20   C  CA  . ASP A 1 4   ? 4.310   16.032  -14.141 1.00 19.68 ? 4   ASP A CA  1 
ATOM   21   C  C   . ASP A 1 4   ? 4.958   16.399  -12.817 1.00 16.65 ? 4   ASP A C   1 
ATOM   22   O  O   . ASP A 1 4   ? 5.691   15.597  -12.252 1.00 14.75 ? 4   ASP A O   1 
ATOM   23   C  CB  . ASP A 1 4   ? 5.128   16.590  -15.298 1.00 25.57 ? 4   ASP A CB  1 
ATOM   24   C  CG  . ASP A 1 4   ? 5.151   15.644  -16.446 1.00 31.07 ? 4   ASP A CG  1 
ATOM   25   O  OD1 . ASP A 1 4   ? 5.966   14.656  -16.373 1.00 41.33 ? 4   ASP A OD1 1 
ATOM   26   O  OD2 . ASP A 1 4   ? 4.329   15.858  -17.370 1.00 37.24 ? 4   ASP A OD2 1 
ATOM   27   N  N   . GLY A 1 5   ? 4.705   17.605  -12.373 1.00 13.97 ? 5   GLY A N   1 
ATOM   28   C  CA  . GLY A 1 5   ? 5.195   18.094  -11.088 1.00 14.34 ? 5   GLY A CA  1 
ATOM   29   C  C   . GLY A 1 5   ? 4.774   17.192  -9.937  1.00 13.16 ? 5   GLY A C   1 
ATOM   30   O  O   . GLY A 1 5   ? 5.579   16.865  -9.077  1.00 12.71 ? 5   GLY A O   1 
ATOM   31   N  N   . GLU A 1 6   ? 3.526   16.757  -9.984  1.00 11.28 ? 6   GLU A N   1 
ATOM   32   C  CA  . GLU A 1 6   ? 2.974   15.886  -8.978  1.00 11.82 ? 6   GLU A CA  1 
ATOM   33   C  C   . GLU A 1 6   ? 3.633   14.491  -9.002  1.00 10.98 ? 6   GLU A C   1 
ATOM   34   O  O   . GLU A 1 6   ? 4.041   13.987  -7.929  1.00 9.30  ? 6   GLU A O   1 
ATOM   35   C  CB  . GLU A 1 6   ? 1.447   15.809  -9.174  1.00 11.50 ? 6   GLU A CB  1 
ATOM   36   C  CG  . GLU A 1 6   ? 0.710   17.061  -8.703  1.00 12.93 ? 6   GLU A CG  1 
ATOM   37   C  CD  . GLU A 1 6   ? -0.787  17.082  -9.065  1.00 12.94 ? 6   GLU A CD  1 
ATOM   38   O  OE1 . GLU A 1 6   ? -1.194  16.397  -10.020 1.00 12.32 ? 6   GLU A OE1 1 
ATOM   39   O  OE2 . GLU A 1 6   ? -1.556  17.780  -8.366  1.00 13.57 ? 6   GLU A OE2 1 
ATOM   40   N  N   . TRP A 1 7   ? 3.753   13.884  -10.200 1.00 9.86  ? 7   TRP A N   1 
ATOM   41   C  CA  . TRP A 1 7   ? 4.539   12.632  -10.321 1.00 10.27 ? 7   TRP A CA  1 
ATOM   42   C  C   . TRP A 1 7   ? 5.968   12.771  -9.791  1.00 11.06 ? 7   TRP A C   1 
ATOM   43   O  O   . TRP A 1 7   ? 6.492   11.832  -9.158  1.00 10.44 ? 7   TRP A O   1 
ATOM   44   C  CB  . TRP A 1 7   ? 4.549   12.057  -11.723 1.00 10.20 ? 7   TRP A CB  1 
ATOM   45   C  CG  . TRP A 1 7   ? 3.236   11.410  -12.139 1.00 9.98  ? 7   TRP A CG  1 
ATOM   46   C  CD1 . TRP A 1 7   ? 2.391   11.771  -13.231 1.00 10.27 ? 7   TRP A CD1 1 
ATOM   47   C  CD2 . TRP A 1 7   ? 2.635   10.230  -11.563 1.00 9.80  ? 7   TRP A CD2 1 
ATOM   48   N  NE1 . TRP A 1 7   ? 1.319   10.924  -13.277 1.00 9.50  ? 7   TRP A NE1 1 
ATOM   49   C  CE2 . TRP A 1 7   ? 1.425   9.987   -12.278 1.00 9.59  ? 7   TRP A CE2 1 
ATOM   50   C  CE3 . TRP A 1 7   ? 2.967   9.394   -10.475 1.00 9.99  ? 7   TRP A CE3 1 
ATOM   51   C  CZ2 . TRP A 1 7   ? 0.545   8.948   -11.932 1.00 10.15 ? 7   TRP A CZ2 1 
ATOM   52   C  CZ3 . TRP A 1 7   ? 2.078   8.341   -10.121 1.00 10.29 ? 7   TRP A CZ3 1 
ATOM   53   C  CH2 . TRP A 1 7   ? 0.898   8.118   -10.872 1.00 9.91  ? 7   TRP A CH2 1 
ATOM   54   N  N   . GLN A 1 8   ? 6.606   13.921  -10.025 1.00 11.41 ? 8   GLN A N   1 
ATOM   55   C  CA  . GLN A 1 8   ? 7.962   14.142  -9.522  1.00 12.74 ? 8   GLN A CA  1 
ATOM   56   C  C   . GLN A 1 8   ? 7.983   14.061  -7.995  1.00 11.77 ? 8   GLN A C   1 
ATOM   57   O  O   . GLN A 1 8   ? 8.842   13.433  -7.413  1.00 10.08 ? 8   GLN A O   1 
ATOM   58   C  CB  . GLN A 1 8   ? 8.543   15.489  -10.026 1.00 14.73 ? 8   GLN A CB  1 
ATOM   59   C  CG  . GLN A 1 8   ? 9.964   15.735  -9.527  1.00 17.15 ? 8   GLN A CG  1 
ATOM   60   C  CD  . GLN A 1 8   ? 10.586  16.963  -10.170 1.00 19.97 ? 8   GLN A CD  1 
ATOM   61   O  OE1 . GLN A 1 8   ? 9.936   17.995  -10.223 1.00 22.62 ? 8   GLN A OE1 1 
ATOM   62   N  NE2 . GLN A 1 8   ? 11.853  16.860  -10.623 1.00 20.13 ? 8   GLN A NE2 1 
ATOM   63   N  N   . GLN A 1 9   ? 6.995   14.671  -7.368  1.00 12.13 ? 9   GLN A N   1 
ATOM   64   C  CA  . GLN A 1 9   ? 6.880   14.644  -5.923  1.00 12.66 ? 9   GLN A CA  1 
ATOM   65   C  C   . GLN A 1 9   ? 6.624   13.276  -5.380  1.00 11.02 ? 9   GLN A C   1 
ATOM   66   O  O   . GLN A 1 9   ? 7.232   12.902  -4.428  1.00 9.93  ? 9   GLN A O   1 
ATOM   67   C  CB  . GLN A 1 9   ? 5.808   15.636  -5.417  1.00 16.88 ? 9   GLN A CB  1 
ATOM   68   C  CG  . GLN A 1 9   ? 6.374   17.026  -5.183  1.00 20.95 ? 9   GLN A CG  1 
ATOM   69   C  CD  . GLN A 1 9   ? 7.097   17.141  -3.839  1.00 22.50 ? 9   GLN A CD  1 
ATOM   70   O  OE1 . GLN A 1 9   ? 6.613   17.862  -2.997  1.00 31.51 ? 9   GLN A OE1 1 
ATOM   71   N  NE2 . GLN A 1 9   ? 8.206   16.381  -3.601  1.00 25.21 ? 9   GLN A NE2 1 
ATOM   72   N  N   . VAL A 1 10  ? 5.697   12.539  -5.995  1.00 10.25 ? 10  VAL A N   1 
ATOM   73   C  CA  . VAL A 1 10  ? 5.453   11.152  -5.674  1.00 9.73  ? 10  VAL A CA  1 
ATOM   74   C  C   . VAL A 1 10  ? 6.736   10.330  -5.657  1.00 9.47  ? 10  VAL A C   1 
ATOM   75   O  O   . VAL A 1 10  ? 6.999   9.582   -4.707  1.00 8.14  ? 10  VAL A O   1 
ATOM   76   C  CB  . VAL A 1 10  ? 4.459   10.487  -6.677  1.00 9.35  ? 10  VAL A CB  1 
ATOM   77   C  CG1 . VAL A 1 10  ? 4.262   9.015   -6.408  1.00 9.30  ? 10  VAL A CG1 1 
ATOM   78   C  CG2 . VAL A 1 10  ? 3.078   11.114  -6.643  1.00 9.39  ? 10  VAL A CG2 1 
ATOM   79   N  N   . LEU A 1 11  ? 7.496   10.388  -6.750  1.00 9.29  ? 11  LEU A N   1 
ATOM   80   C  CA  . LEU A 1 11  ? 8.643   9.542   -6.854  1.00 10.11 ? 11  LEU A CA  1 
ATOM   81   C  C   . LEU A 1 11  ? 9.790   10.038  -5.990  1.00 10.43 ? 11  LEU A C   1 
ATOM   82   O  O   . LEU A 1 11  ? 10.605  9.229   -5.573  1.00 9.18  ? 11  LEU A O   1 
ATOM   83   C  CB  . LEU A 1 11  ? 9.073   9.335   -8.298  1.00 11.26 ? 11  LEU A CB  1 
ATOM   84   C  CG  . LEU A 1 11  ? 7.948   8.739   -9.123  1.00 12.52 ? 11  LEU A CG  1 
ATOM   85   C  CD1 . LEU A 1 11  ? 8.317   8.701   -10.578 1.00 12.47 ? 11  LEU A CD1 1 
ATOM   86   C  CD2 . LEU A 1 11  ? 7.553   7.359   -8.610  1.00 13.67 ? 11  LEU A CD2 1 
ATOM   87   N  N   . ASN A 1 12  ? 9.790   11.328  -5.632  1.00 10.67 ? 12  ASN A N   1 
ATOM   88   C  CA  . ASN A 1 12  ? 10.752  11.834  -4.700  1.00 11.40 ? 12  ASN A CA  1 
ATOM   89   C  C   . ASN A 1 12  ? 10.446  11.266  -3.286  1.00 10.41 ? 12  ASN A C   1 
ATOM   90   O  O   . ASN A 1 12  ? 11.348  10.739  -2.626  1.00 10.00 ? 12  ASN A O   1 
ATOM   91   C  CB  . ASN A 1 12  ? 10.791  13.341  -4.695  1.00 13.09 ? 12  ASN A CB  1 
ATOM   92   C  CG  . ASN A 1 12  ? 11.902  13.854  -3.833  1.00 15.00 ? 12  ASN A CG  1 
ATOM   93   O  OD1 . ASN A 1 12  ? 11.671  14.334  -2.754  1.00 17.99 ? 12  ASN A OD1 1 
ATOM   94   N  ND2 . ASN A 1 12  ? 13.129  13.648  -4.269  1.00 17.24 ? 12  ASN A ND2 1 
ATOM   95   N  N   . VAL A 1 13  ? 9.198   11.333  -2.864  1.00 9.76  ? 13  VAL A N   1 
ATOM   96   C  CA  . VAL A 1 13  ? 8.789   10.710  -1.604  1.00 10.11 ? 13  VAL A CA  1 
ATOM   97   C  C   . VAL A 1 13  ? 9.140   9.209   -1.622  1.00 10.58 ? 13  VAL A C   1 
ATOM   98   O  O   . VAL A 1 13  ? 9.636   8.669   -0.621  1.00 11.74 ? 13  VAL A O   1 
ATOM   99   C  CB  . VAL A 1 13  ? 7.269   10.863  -1.389  1.00 11.09 ? 13  VAL A CB  1 
ATOM   100  C  CG1 . VAL A 1 13  ? 6.816   9.976   -0.259  1.00 11.21 ? 13  VAL A CG1 1 
ATOM   101  C  CG2 . VAL A 1 13  ? 6.875   12.318  -1.133  1.00 11.07 ? 13  VAL A CG2 1 
ATOM   102  N  N   . TRP A 1 14  ? 8.896   8.514   -2.722  1.00 10.39 ? 14  TRP A N   1 
ATOM   103  C  CA  . TRP A 1 14  ? 9.127   7.065   -2.775  1.00 10.70 ? 14  TRP A CA  1 
ATOM   104  C  C   . TRP A 1 14  ? 10.568  6.705   -2.502  1.00 11.03 ? 14  TRP A C   1 
ATOM   105  O  O   . TRP A 1 14  ? 10.839  5.575   -2.091  1.00 9.75  ? 14  TRP A O   1 
ATOM   106  C  CB  . TRP A 1 14  ? 8.669   6.464   -4.128  1.00 11.59 ? 14  TRP A CB  1 
ATOM   107  C  CG  . TRP A 1 14  ? 8.536   5.008   -4.042  1.00 12.18 ? 14  TRP A CG  1 
ATOM   108  C  CD1 . TRP A 1 14  ? 9.356   4.088   -4.578  1.00 12.21 ? 14  TRP A CD1 1 
ATOM   109  C  CD2 . TRP A 1 14  ? 7.537   4.287   -3.319  1.00 12.79 ? 14  TRP A CD2 1 
ATOM   110  N  NE1 . TRP A 1 14  ? 8.964   2.835   -4.227  1.00 12.35 ? 14  TRP A NE1 1 
ATOM   111  C  CE2 . TRP A 1 14  ? 7.813   2.923   -3.496  1.00 12.49 ? 14  TRP A CE2 1 
ATOM   112  C  CE3 . TRP A 1 14  ? 6.393   4.663   -2.609  1.00 14.56 ? 14  TRP A CE3 1 
ATOM   113  C  CZ2 . TRP A 1 14  ? 7.028   1.933   -2.975  1.00 13.29 ? 14  TRP A CZ2 1 
ATOM   114  C  CZ3 . TRP A 1 14  ? 5.584   3.635   -2.064  1.00 14.95 ? 14  TRP A CZ3 1 
ATOM   115  C  CH2 . TRP A 1 14  ? 5.924   2.294   -2.253  1.00 13.56 ? 14  TRP A CH2 1 
ATOM   116  N  N   . GLY A 1 15  ? 11.486  7.646   -2.793  1.00 11.24 ? 15  GLY A N   1 
ATOM   117  C  CA  . GLY A 1 15  ? 12.913  7.610   -2.414  1.00 11.90 ? 15  GLY A CA  1 
ATOM   118  C  C   . GLY A 1 15  ? 13.139  7.255   -0.962  1.00 12.45 ? 15  GLY A C   1 
ATOM   119  O  O   . GLY A 1 15  ? 14.074  6.524   -0.634  1.00 12.62 ? 15  GLY A O   1 
ATOM   120  N  N   . LYS A 1 16  ? 12.271  7.759   -0.094  1.00 11.58 ? 16  LYS A N   1 
ATOM   121  C  CA  . LYS A 1 16  ? 12.348  7.468   1.331   1.00 13.21 ? 16  LYS A CA  1 
ATOM   122  C  C   . LYS A 1 16  ? 12.039  6.025   1.623   1.00 12.48 ? 16  LYS A C   1 
ATOM   123  O  O   . LYS A 1 16  ? 12.725  5.441   2.448   1.00 12.03 ? 16  LYS A O   1 
ATOM   124  C  CB  . LYS A 1 16  ? 11.372  8.335   2.120   1.00 14.45 ? 16  LYS A CB  1 
ATOM   125  C  CG  . LYS A 1 16  ? 11.690  9.810   2.022   1.00 17.16 ? 16  LYS A CG  1 
ATOM   126  C  CD  . LYS A 1 16  ? 10.562  10.650  2.585   1.00 17.51 ? 16  LYS A CD  1 
ATOM   127  C  CE  . LYS A 1 16  ? 11.064  11.976  3.111   1.00 18.83 ? 16  LYS A CE  1 
ATOM   128  N  NZ  . LYS A 1 16  ? 11.981  12.700  2.198   1.00 19.78 ? 16  LYS A NZ  1 
ATOM   129  N  N   . VAL A 1 17  ? 11.024  5.461   0.947   1.00 10.33 ? 17  VAL A N   1 
ATOM   130  C  CA  . VAL A 1 17  ? 10.679  4.056   1.097   1.00 10.82 ? 17  VAL A CA  1 
ATOM   131  C  C   . VAL A 1 17  ? 11.760  3.166   0.567   1.00 11.72 ? 17  VAL A C   1 
ATOM   132  O  O   . VAL A 1 17  ? 12.082  2.155   1.200   1.00 11.28 ? 17  VAL A O   1 
ATOM   133  C  CB  . VAL A 1 17  ? 9.364   3.713   0.340   1.00 11.42 ? 17  VAL A CB  1 
ATOM   134  C  CG1 . VAL A 1 17  ? 9.052   2.229   0.407   1.00 11.40 ? 17  VAL A CG1 1 
ATOM   135  C  CG2 . VAL A 1 17  ? 8.226   4.620   0.816   1.00 10.53 ? 17  VAL A CG2 1 
ATOM   136  N  N   . GLU A 1 18  ? 12.321  3.525   -0.586  1.00 11.61 ? 18  GLU A N   1 
ATOM   137  C  CA  . GLU A 1 18  ? 13.357  2.730   -1.239  1.00 13.30 ? 18  GLU A CA  1 
ATOM   138  C  C   . GLU A 1 18  ? 14.648  2.525   -0.474  1.00 12.26 ? 18  GLU A C   1 
ATOM   139  O  O   . GLU A 1 18  ? 15.324  1.489   -0.646  1.00 14.36 ? 18  GLU A O   1 
ATOM   140  C  CB  . GLU A 1 18  ? 13.631  3.281   -2.650  1.00 14.85 ? 18  GLU A CB  1 
ATOM   141  C  CG  . GLU A 1 18  ? 12.502  2.883   -3.585  1.00 17.61 ? 18  GLU A CG  1 
ATOM   142  C  CD  . GLU A 1 18  ? 12.782  3.277   -5.013  1.00 19.47 ? 18  GLU A CD  1 
ATOM   143  O  OE1 . GLU A 1 18  ? 13.626  4.136   -5.195  1.00 25.11 ? 18  GLU A OE1 1 
ATOM   144  O  OE2 . GLU A 1 18  ? 12.144  2.780   -5.937  1.00 21.04 ? 18  GLU A OE2 1 
ATOM   145  N  N   . ALA A 1 19  ? 14.951  3.447   0.413   1.00 10.49 ? 19  ALA A N   1 
ATOM   146  C  CA  . ALA A 1 19  ? 16.118  3.352   1.289   1.00 10.60 ? 19  ALA A CA  1 
ATOM   147  C  C   . ALA A 1 19  ? 15.892  2.294   2.394   1.00 10.24 ? 19  ALA A C   1 
ATOM   148  O  O   . ALA A 1 19  ? 16.841  1.735   2.903   1.00 9.40  ? 19  ALA A O   1 
ATOM   149  C  CB  . ALA A 1 19  ? 16.396  4.713   1.896   1.00 10.61 ? 19  ALA A CB  1 
ATOM   150  N  N   . ASP A 1 20  ? 14.634  2.029   2.752   1.00 10.04 ? 20  ASP A N   1 
ATOM   151  C  CA  . ASP A 1 20  ? 14.317  0.971   3.733   1.00 10.95 ? 20  ASP A CA  1 
ATOM   152  C  C   . ASP A 1 20  ? 12.996  0.328   3.410   1.00 10.48 ? 20  ASP A C   1 
ATOM   153  O  O   . ASP A 1 20  ? 12.003  0.538   4.081   1.00 8.96  ? 20  ASP A O   1 
ATOM   154  C  CB  . ASP A 1 20  ? 14.358  1.535   5.152   1.00 11.86 ? 20  ASP A CB  1 
ATOM   155  C  CG  . ASP A 1 20  ? 14.078  0.483   6.198   1.00 14.00 ? 20  ASP A CG  1 
ATOM   156  O  OD1 . ASP A 1 20  ? 14.148  -0.755  5.885   1.00 14.87 ? 20  ASP A OD1 1 
ATOM   157  O  OD2 . ASP A 1 20  ? 13.693  0.908   7.300   1.00 15.98 ? 20  ASP A OD2 1 
ATOM   158  N  N   . ILE A 1 21  ? 12.979  -0.409  2.310   1.00 11.29 ? 21  ILE A N   1 
ATOM   159  C  CA  . ILE A 1 21  ? 11.694  -0.965  1.824   1.00 12.42 ? 21  ILE A CA  1 
ATOM   160  C  C   . ILE A 1 21  ? 11.013  -1.957  2.814   1.00 13.29 ? 21  ILE A C   1 
ATOM   161  O  O   . ILE A 1 21  ? 9.784   -1.955  2.997   1.00 12.53 ? 21  ILE A O   1 
ATOM   162  C  CB  . ILE A 1 21  ? 11.898  -1.643  0.458   1.00 13.41 ? 21  ILE A CB  1 
ATOM   163  C  CG1 . ILE A 1 21  ? 10.571  -2.094  -0.149  1.00 15.19 ? 21  ILE A CG1 1 
ATOM   164  C  CG2 . ILE A 1 21  ? 12.830  -2.853  0.598   1.00 14.35 ? 21  ILE A CG2 1 
ATOM   165  C  CD1 . ILE A 1 21  ? 9.954   -1.155  -1.143  1.00 16.42 ? 21  ILE A CD1 1 
ATOM   166  N  N   . ALA A 1 22  ? 11.825  -2.787  3.453   1.00 14.75 ? 22  ALA A N   1 
ATOM   167  C  CA  . ALA A 1 22  ? 11.317  -3.781  4.391   1.00 15.49 ? 22  ALA A CA  1 
ATOM   168  C  C   . ALA A 1 22  ? 10.807  -3.162  5.686   1.00 14.89 ? 22  ALA A C   1 
ATOM   169  O  O   . ALA A 1 22  ? 9.808   -3.626  6.215   1.00 13.64 ? 22  ALA A O   1 
ATOM   170  C  CB  . ALA A 1 22  ? 12.383  -4.781  4.704   1.00 16.45 ? 22  ALA A CB  1 
ATOM   171  N  N   . GLY A 1 23  ? 11.503  -2.156  6.205   1.00 12.14 ? 23  GLY A N   1 
ATOM   172  C  CA  . GLY A 1 23  ? 11.056  -1.476  7.428   1.00 11.56 ? 23  GLY A CA  1 
ATOM   173  C  C   . GLY A 1 23  ? 9.782   -0.675  7.176   1.00 10.00 ? 23  GLY A C   1 
ATOM   174  O  O   . GLY A 1 23  ? 8.827   -0.722  7.965   1.00 9.29  ? 23  GLY A O   1 
ATOM   175  N  N   . HIS A 1 24  ? 9.751   0.082   6.087   1.00 8.45  ? 24  HIS A N   1 
ATOM   176  C  CA  . HIS A 1 24  ? 8.517   0.747   5.698   1.00 7.89  ? 24  HIS A CA  1 
ATOM   177  C  C   . HIS A 1 24  ? 7.368   -0.231  5.399   1.00 7.53  ? 24  HIS A C   1 
ATOM   178  O  O   . HIS A 1 24  ? 6.228   0.010   5.836   1.00 7.96  ? 24  HIS A O   1 
ATOM   179  C  CB  . HIS A 1 24  ? 8.711   1.635   4.443   1.00 8.15  ? 24  HIS A CB  1 
ATOM   180  C  CG  . HIS A 1 24  ? 9.469   2.881   4.693   1.00 9.04  ? 24  HIS A CG  1 
ATOM   181  N  ND1 . HIS A 1 24  ? 10.834  2.882   4.896   1.00 8.85  ? 24  HIS A ND1 1 
ATOM   182  C  CD2 . HIS A 1 24  ? 9.055   4.183   4.803   1.00 8.85  ? 24  HIS A CD2 1 
ATOM   183  C  CE1 . HIS A 1 24  ? 11.225  4.130   5.110   1.00 9.38  ? 24  HIS A CE1 1 
ATOM   184  N  NE2 . HIS A 1 24  ? 10.175  4.931   5.049   1.00 9.19  ? 24  HIS A NE2 1 
ATOM   185  N  N   . GLY A 1 25  ? 7.639   -1.312  4.670   1.00 7.23  ? 25  GLY A N   1 
ATOM   186  C  CA  . GLY A 1 25  ? 6.637   -2.318  4.318   1.00 8.11  ? 25  GLY A CA  1 
ATOM   187  C  C   . GLY A 1 25  ? 6.123   -3.020  5.555   1.00 8.46  ? 25  GLY A C   1 
ATOM   188  O  O   . GLY A 1 25  ? 4.911   -3.196  5.709   1.00 9.12  ? 25  GLY A O   1 
ATOM   189  N  N   . GLN A 1 26  ? 7.021   -3.346  6.475   1.00 10.04 ? 26  GLN A N   1 
ATOM   190  C  CA  . GLN A 1 26  ? 6.585   -3.897  7.801   1.00 11.13 ? 26  GLN A CA  1 
ATOM   191  C  C   . GLN A 1 26  ? 5.669   -2.954  8.608   1.00 11.03 ? 26  GLN A C   1 
ATOM   192  O  O   . GLN A 1 26  ? 4.650   -3.407  9.154   1.00 10.15 ? 26  GLN A O   1 
ATOM   193  C  CB  . GLN A 1 26  ? 7.788   -4.255  8.658   1.00 13.65 ? 26  GLN A CB  1 
ATOM   194  C  CG  . GLN A 1 26  ? 7.394   -4.957  9.963   1.00 17.44 ? 26  GLN A CG  1 
ATOM   195  C  CD  . GLN A 1 26  ? 8.529   -5.473  10.826  1.00 21.13 ? 26  GLN A CD  1 
ATOM   196  O  OE1 . GLN A 1 26  ? 8.602   -6.700  11.149  1.00 25.61 ? 26  GLN A OE1 1 
ATOM   197  N  NE2 . GLN A 1 26  ? 9.346   -4.562  11.293  1.00 23.23 ? 26  GLN A NE2 1 
ATOM   198  N  N   . GLU A 1 27  ? 6.073   -1.681  8.752   1.00 10.63 ? 27  GLU A N   1 
ATOM   199  C  CA  . GLU A 1 27  ? 5.284   -0.686  9.501   1.00 11.92 ? 27  GLU A CA  1 
ATOM   200  C  C   . GLU A 1 27  ? 3.914   -0.392  8.898   1.00 10.30 ? 27  GLU A C   1 
ATOM   201  O  O   . GLU A 1 27  ? 2.921   -0.223  9.629   1.00 8.37  ? 27  GLU A O   1 
ATOM   202  C  CB  . GLU A 1 27  ? 6.066   0.606   9.741   1.00 14.65 ? 27  GLU A CB  1 
ATOM   203  C  CG  . GLU A 1 27  ? 7.321   0.411   10.610  1.00 18.97 ? 27  GLU A CG  1 
ATOM   204  C  CD  . GLU A 1 27  ? 7.055   -0.266  11.975  1.00 26.33 ? 27  GLU A CD  1 
ATOM   205  O  OE1 . GLU A 1 27  ? 5.906   -0.152  12.522  1.00 30.04 ? 27  GLU A OE1 1 
ATOM   206  O  OE2 . GLU A 1 27  ? 8.024   -0.903  12.528  1.00 34.68 ? 27  GLU A OE2 1 
ATOM   207  N  N   . VAL A 1 28  ? 3.862   -0.403  7.557   1.00 9.11  ? 28  VAL A N   1 
ATOM   208  C  CA  . VAL A 1 28  ? 2.611   -0.273  6.850   1.00 8.72  ? 28  VAL A CA  1 
ATOM   209  C  C   . VAL A 1 28  ? 1.661   -1.401  7.256   1.00 8.78  ? 28  VAL A C   1 
ATOM   210  O  O   . VAL A 1 28  ? 0.521   -1.112  7.590   1.00 8.99  ? 28  VAL A O   1 
ATOM   211  C  CB  . VAL A 1 28  ? 2.768   -0.164  5.294   1.00 8.60  ? 28  VAL A CB  1 
ATOM   212  C  CG1 . VAL A 1 28  ? 1.421   -0.322  4.613   1.00 8.69  ? 28  VAL A CG1 1 
ATOM   213  C  CG2 . VAL A 1 28  ? 3.455   1.143   4.868   1.00 9.07  ? 28  VAL A CG2 1 
ATOM   214  N  N   . LEU A 1 29  ? 2.100   -2.669  7.178   1.00 8.69  ? 29  LEU A N   1 
ATOM   215  C  CA  . LEU A 1 29  ? 1.215   -3.779  7.528   1.00 9.28  ? 29  LEU A CA  1 
ATOM   216  C  C   . LEU A 1 29  ? 0.868   -3.775  9.045   1.00 10.30 ? 29  LEU A C   1 
ATOM   217  O  O   . LEU A 1 29  ? -0.221  -4.088  9.397   1.00 10.89 ? 29  LEU A O   1 
ATOM   218  C  CB  . LEU A 1 29  ? 1.869   -5.093  7.198   1.00 9.72  ? 29  LEU A CB  1 
ATOM   219  C  CG  . LEU A 1 29  ? 2.069   -5.417  5.740   1.00 10.32 ? 29  LEU A CG  1 
ATOM   220  C  CD1 . LEU A 1 29  ? 2.895   -6.697  5.610   1.00 11.57 ? 29  LEU A CD1 1 
ATOM   221  C  CD2 . LEU A 1 29  ? 0.702   -5.546  5.047   1.00 10.98 ? 29  LEU A CD2 1 
ATOM   222  N  N   . ILE A 1 30  ? 1.811   -3.458  9.916   1.00 10.32 ? 30  ILE A N   1 
ATOM   223  C  CA  . ILE A 1 30  ? 1.528   -3.331  11.354  1.00 11.02 ? 30  ILE A CA  1 
ATOM   224  C  C   . ILE A 1 30  ? 0.472   -2.238  11.620  1.00 11.95 ? 30  ILE A C   1 
ATOM   225  O  O   . ILE A 1 30  ? -0.486  -2.468  12.411  1.00 11.77 ? 30  ILE A O   1 
ATOM   226  C  CB  . ILE A 1 30  ? 2.817   -3.155  12.194  1.00 12.12 ? 30  ILE A CB  1 
ATOM   227  C  CG1 . ILE A 1 30  ? 3.677   -4.432  12.151  1.00 12.39 ? 30  ILE A CG1 1 
ATOM   228  C  CG2 . ILE A 1 30  ? 2.449   -2.868  13.616  1.00 13.33 ? 30  ILE A CG2 1 
ATOM   229  C  CD1 . ILE A 1 30  ? 5.074   -4.279  12.769  1.00 12.18 ? 30  ILE A CD1 1 
ATOM   230  N  N   . ARG A 1 31  ? 0.601   -1.111  10.949  1.00 11.31 ? 31  ARG A N   1 
ATOM   231  C  CA  . ARG A 1 31  ? -0.381  -0.050  11.084  1.00 12.77 ? 31  ARG A CA  1 
ATOM   232  C  C   . ARG A 1 31  ? -1.753  -0.545  10.546  1.00 12.88 ? 31  ARG A C   1 
ATOM   233  O  O   . ARG A 1 31  ? -2.776  -0.348  11.202  1.00 14.08 ? 31  ARG A O   1 
ATOM   234  C  CB  . ARG A 1 31  ? 0.084   1.197   10.397  1.00 13.22 ? 31  ARG A CB  1 
ATOM   235  C  CG  . ARG A 1 31  ? -0.888  2.319   10.325  1.00 15.81 ? 31  ARG A CG  1 
ATOM   236  C  CD  . ARG A 1 31  ? -1.284  2.790   11.716  1.00 17.35 ? 31  ARG A CD  1 
ATOM   237  N  NE  . ARG A 1 31  ? -2.142  3.958   11.626  1.00 20.64 ? 31  ARG A NE  1 
ATOM   238  C  CZ  . ARG A 1 31  ? -2.414  4.778   12.645  1.00 23.19 ? 31  ARG A CZ  1 
ATOM   239  N  NH1 . ARG A 1 31  ? -1.917  4.554   13.862  1.00 24.59 ? 31  ARG A NH1 1 
ATOM   240  N  NH2 . ARG A 1 31  ? -3.190  5.824   12.442  1.00 22.55 ? 31  ARG A NH2 1 
ATOM   241  N  N   . LEU A 1 32  ? -1.771  -1.220  9.402   1.00 12.38 ? 32  LEU A N   1 
ATOM   242  C  CA  . LEU A 1 32  ? -3.019  -1.849  8.915   1.00 12.75 ? 32  LEU A CA  1 
ATOM   243  C  C   . LEU A 1 32  ? -3.670  -2.772  9.951   1.00 12.93 ? 32  LEU A C   1 
ATOM   244  O  O   . LEU A 1 32  ? -4.867  -2.675  10.206  1.00 12.29 ? 32  LEU A O   1 
ATOM   245  C  CB  . LEU A 1 32  ? -2.759  -2.663  7.637   1.00 12.50 ? 32  LEU A CB  1 
ATOM   246  C  CG  . LEU A 1 32  ? -3.925  -3.209  6.805   1.00 12.36 ? 32  LEU A CG  1 
ATOM   247  C  CD1 . LEU A 1 32  ? -4.743  -2.106  6.226   1.00 12.75 ? 32  LEU A CD1 1 
ATOM   248  C  CD2 . LEU A 1 32  ? -3.366  -4.108  5.722   1.00 13.66 ? 32  LEU A CD2 1 
ATOM   249  N  N   . PHE A 1 33  ? -2.884  -3.737  10.408  1.00 12.52 ? 33  PHE A N   1 
ATOM   250  C  CA  . PHE A 1 33  ? -3.395  -4.832  11.176  1.00 13.79 ? 33  PHE A CA  1 
ATOM   251  C  C   . PHE A 1 33  ? -3.885  -4.364  12.543  1.00 15.28 ? 33  PHE A C   1 
ATOM   252  O  O   . PHE A 1 33  ? -4.824  -4.961  13.064  1.00 16.52 ? 33  PHE A O   1 
ATOM   253  C  CB  . PHE A 1 33  ? -2.346  -5.922  11.410  1.00 12.41 ? 33  PHE A CB  1 
ATOM   254  C  CG  . PHE A 1 33  ? -1.947  -6.738  10.181  1.00 12.29 ? 33  PHE A CG  1 
ATOM   255  C  CD1 . PHE A 1 33  ? -2.743  -6.823  9.035   1.00 11.83 ? 33  PHE A CD1 1 
ATOM   256  C  CD2 . PHE A 1 33  ? -0.754  -7.397  10.191  1.00 12.55 ? 33  PHE A CD2 1 
ATOM   257  C  CE1 . PHE A 1 33  ? -2.352  -7.544  7.957   1.00 12.23 ? 33  PHE A CE1 1 
ATOM   258  C  CE2 . PHE A 1 33  ? -0.336  -8.151  9.112   1.00 13.62 ? 33  PHE A CE2 1 
ATOM   259  C  CZ  . PHE A 1 33  ? -1.163  -8.248  7.986   1.00 13.56 ? 33  PHE A CZ  1 
ATOM   260  N  N   . THR A 1 34  ? -3.161  -3.427  13.157  1.00 15.74 ? 34  THR A N   1 
ATOM   261  C  CA  . THR A 1 34  ? -3.482  -2.916  14.496  1.00 17.01 ? 34  THR A CA  1 
ATOM   262  C  C   . THR A 1 34  ? -4.641  -1.931  14.430  1.00 18.22 ? 34  THR A C   1 
ATOM   263  O  O   . THR A 1 34  ? -5.562  -1.980  15.293  1.00 17.26 ? 34  THR A O   1 
ATOM   264  C  CB  . THR A 1 34  ? -2.245  -2.278  15.236  1.00 16.33 ? 34  THR A CB  1 
ATOM   265  O  OG1 . THR A 1 34  ? -1.738  -1.159  14.507  1.00 16.87 ? 34  THR A OG1 1 
ATOM   266  C  CG2 . THR A 1 34  ? -1.100  -3.253  15.427  1.00 15.75 ? 34  THR A CG2 1 
ATOM   267  N  N   . GLY A 1 35  ? -4.647  -1.061  13.421  1.00 16.55 ? 35  GLY A N   1 
ATOM   268  C  CA  . GLY A 1 35  ? -5.812  -0.185  13.211  1.00 16.51 ? 35  GLY A CA  1 
ATOM   269  C  C   . GLY A 1 35  ? -7.076  -0.877  12.718  1.00 15.51 ? 35  GLY A C   1 
ATOM   270  O  O   . GLY A 1 35  ? -8.187  -0.426  13.045  1.00 16.80 ? 35  GLY A O   1 
ATOM   271  N  N   . HIS A 1 36  ? -6.929  -1.980  11.967  1.00 13.69 ? 36  HIS A N   1 
ATOM   272  C  CA  . HIS A 1 36  ? -8.053  -2.688  11.354  1.00 12.56 ? 36  HIS A CA  1 
ATOM   273  C  C   . HIS A 1 36  ? -7.827  -4.207  11.417  1.00 13.17 ? 36  HIS A C   1 
ATOM   274  O  O   . HIS A 1 36  ? -7.529  -4.851  10.408  1.00 11.72 ? 36  HIS A O   1 
ATOM   275  C  CB  . HIS A 1 36  ? -8.316  -2.156  9.890   1.00 13.15 ? 36  HIS A CB  1 
ATOM   276  C  CG  . HIS A 1 36  ? -8.188  -0.655  9.735   1.00 12.16 ? 36  HIS A CG  1 
ATOM   277  N  ND1 . HIS A 1 36  ? -9.270  0.196   9.711   1.00 11.84 ? 36  HIS A ND1 1 
ATOM   278  C  CD2 . HIS A 1 36  ? -7.097  0.140   9.629   1.00 13.35 ? 36  HIS A CD2 1 
ATOM   279  C  CE1 . HIS A 1 36  ? -8.874  1.439   9.564   1.00 12.34 ? 36  HIS A CE1 1 
ATOM   280  N  NE2 . HIS A 1 36  ? -7.551  1.440   9.533   1.00 14.07 ? 36  HIS A NE2 1 
ATOM   281  N  N   . PRO A 1 37  ? -8.077  -4.836  12.624  1.00 12.73 ? 37  PRO A N   1 
ATOM   282  C  CA  . PRO A 1 37  ? -7.847  -6.259  12.800  1.00 13.26 ? 37  PRO A CA  1 
ATOM   283  C  C   . PRO A 1 37  ? -8.562  -7.182  11.892  1.00 13.56 ? 37  PRO A C   1 
ATOM   284  O  O   . PRO A 1 37  ? -8.104  -8.311  11.749  1.00 15.10 ? 37  PRO A O   1 
ATOM   285  C  CB  . PRO A 1 37  ? -8.244  -6.515  14.266  1.00 13.79 ? 37  PRO A CB  1 
ATOM   286  C  CG  . PRO A 1 37  ? -8.014  -5.160  14.899  1.00 13.73 ? 37  PRO A CG  1 
ATOM   287  C  CD  . PRO A 1 37  ? -8.497  -4.199  13.867  1.00 13.18 ? 37  PRO A CD  1 
ATOM   288  N  N   . GLU A 1 38  ? -9.667  -6.760  11.264  1.00 15.12 ? 38  GLU A N   1 
ATOM   289  C  CA  . GLU A 1 38  ? -10.279 -7.592  10.213  1.00 14.44 ? 38  GLU A CA  1 
ATOM   290  C  C   . GLU A 1 38  ? -9.345  -7.913  9.084   1.00 15.81 ? 38  GLU A C   1 
ATOM   291  O  O   . GLU A 1 38  ? -9.527  -8.945  8.412   1.00 14.05 ? 38  GLU A O   1 
ATOM   292  C  CB  . GLU A 1 38  ? -11.582 -7.041  9.642   1.00 15.20 ? 38  GLU A CB  1 
ATOM   293  C  CG  . GLU A 1 38  ? -11.529 -5.761  8.847   1.00 14.97 ? 38  GLU A CG  1 
ATOM   294  C  CD  . GLU A 1 38  ? -11.499 -4.507  9.705   1.00 15.89 ? 38  GLU A CD  1 
ATOM   295  O  OE1 . GLU A 1 38  ? -11.013 -4.529  10.878  1.00 17.55 ? 38  GLU A OE1 1 
ATOM   296  O  OE2 . GLU A 1 38  ? -11.921 -3.483  9.181   1.00 15.09 ? 38  GLU A OE2 1 
ATOM   297  N  N   . THR A 1 39  ? -8.363  -7.023  8.866   1.00 15.01 ? 39  THR A N   1 
ATOM   298  C  CA  . THR A 1 39  ? -7.469  -7.176  7.750   1.00 15.40 ? 39  THR A CA  1 
ATOM   299  C  C   . THR A 1 39  ? -6.595  -8.350  8.013   1.00 15.45 ? 39  THR A C   1 
ATOM   300  O  O   . THR A 1 39  ? -6.246  -9.099  7.110   1.00 15.20 ? 39  THR A O   1 
ATOM   301  C  CB  . THR A 1 39  ? -6.633  -5.890  7.544   1.00 14.66 ? 39  THR A CB  1 
ATOM   302  O  OG1 . THR A 1 39  ? -5.951  -5.558  8.747   1.00 13.57 ? 39  THR A OG1 1 
ATOM   303  C  CG2 . THR A 1 39  ? -7.513  -4.683  7.202   1.00 14.54 ? 39  THR A CG2 1 
ATOM   304  N  N   . LEU A 1 40  ? -6.217  -8.490  9.274   1.00 18.04 ? 40  LEU A N   1 
ATOM   305  C  CA  . LEU A 1 40  ? -5.347  -9.556  9.704   1.00 19.02 ? 40  LEU A CA  1 
ATOM   306  C  C   . LEU A 1 40  ? -5.978  -10.883 9.364   1.00 18.18 ? 40  LEU A C   1 
ATOM   307  O  O   . LEU A 1 40  ? -5.278  -11.791 8.964   1.00 16.70 ? 40  LEU A O   1 
ATOM   308  C  CB  . LEU A 1 40  ? -5.041  -9.442  11.220  1.00 21.47 ? 40  LEU A CB  1 
ATOM   309  C  CG  . LEU A 1 40  ? -4.054  -10.481 11.735  1.00 22.39 ? 40  LEU A CG  1 
ATOM   310  C  CD1 . LEU A 1 40  ? -2.660  -10.267 11.180  1.00 22.56 ? 40  LEU A CD1 1 
ATOM   311  C  CD2 . LEU A 1 40  ? -3.992  -10.511 13.263  1.00 22.75 ? 40  LEU A CD2 1 
ATOM   312  N  N   . GLU A 1 41  ? -7.291  -10.986 9.496   1.00 19.83 ? 41  GLU A N   1 
ATOM   313  C  CA  . GLU A 1 41  ? -7.957  -12.267 9.233   1.00 22.68 ? 41  GLU A CA  1 
ATOM   314  C  C   . GLU A 1 41  ? -7.885  -12.763 7.786   1.00 21.99 ? 41  GLU A C   1 
ATOM   315  O  O   . GLU A 1 41  ? -7.982  -13.950 7.572   1.00 24.13 ? 41  GLU A O   1 
ATOM   316  C  CB  . GLU A 1 41  ? -9.422  -12.261 9.686   1.00 25.99 ? 41  GLU A CB  1 
ATOM   317  C  CG  . GLU A 1 41  ? -9.640  -12.366 11.182  1.00 30.11 ? 41  GLU A CG  1 
ATOM   318  C  CD  . GLU A 1 41  ? -8.735  -13.341 11.918  1.00 31.74 ? 41  GLU A CD  1 
ATOM   319  O  OE1 . GLU A 1 41  ? -8.964  -14.546 11.690  1.00 35.93 ? 41  GLU A OE1 1 
ATOM   320  O  OE2 . GLU A 1 41  ? -7.809  -12.888 12.696  1.00 33.64 ? 41  GLU A OE2 1 
ATOM   321  N  N   . LYS A 1 42  ? -7.660  -11.856 6.821   1.00 23.14 ? 42  LYS A N   1 
ATOM   322  C  CA  . LYS A 1 42  ? -7.440  -12.242 5.421   1.00 21.69 ? 42  LYS A CA  1 
ATOM   323  C  C   . LYS A 1 42  ? -6.148  -12.952 5.168   1.00 21.74 ? 42  LYS A C   1 
ATOM   324  O  O   . LYS A 1 42  ? -6.010  -13.653 4.175   1.00 19.65 ? 42  LYS A O   1 
ATOM   325  C  CB  . LYS A 1 42  ? -7.565  -11.024 4.491   1.00 20.96 ? 42  LYS A CB  1 
ATOM   326  C  CG  . LYS A 1 42  ? -8.958  -10.451 4.519   1.00 20.76 ? 42  LYS A CG  1 
ATOM   327  C  CD  . LYS A 1 42  ? -9.962  -11.387 3.829   1.00 19.30 ? 42  LYS A CD  1 
ATOM   328  C  CE  . LYS A 1 42  ? -11.389 -10.897 4.023   1.00 18.02 ? 42  LYS A CE  1 
ATOM   329  N  NZ  . LYS A 1 42  ? -12.317 -11.514 3.030   1.00 16.29 ? 42  LYS A NZ  1 
ATOM   330  N  N   . PHE A 1 43  ? -5.181  -12.820 6.077   1.00 22.77 ? 43  PHE A N   1 
ATOM   331  C  CA  . PHE A 1 43  ? -3.942  -13.573 5.940   1.00 21.11 ? 43  PHE A CA  1 
ATOM   332  C  C   . PHE A 1 43  ? -3.953  -14.797 6.854   1.00 26.73 ? 43  PHE A C   1 
ATOM   333  O  O   . PHE A 1 43  ? -3.750  -14.652 8.090   1.00 23.17 ? 43  PHE A O   1 
ATOM   334  C  CB  . PHE A 1 43  ? -2.756  -12.712 6.389   1.00 21.32 ? 43  PHE A CB  1 
ATOM   335  C  CG  . PHE A 1 43  ? -2.500  -11.511 5.554   1.00 19.35 ? 43  PHE A CG  1 
ATOM   336  C  CD1 . PHE A 1 43  ? -3.200  -10.342 5.778   1.00 18.43 ? 43  PHE A CD1 1 
ATOM   337  C  CD2 . PHE A 1 43  ? -1.522  -11.544 4.573   1.00 18.95 ? 43  PHE A CD2 1 
ATOM   338  C  CE1 . PHE A 1 43  ? -2.970  -9.220  5.007   1.00 18.66 ? 43  PHE A CE1 1 
ATOM   339  C  CE2 . PHE A 1 43  ? -1.284  -10.417 3.787   1.00 18.53 ? 43  PHE A CE2 1 
ATOM   340  C  CZ  . PHE A 1 43  ? -2.026  -9.261  4.006   1.00 17.57 ? 43  PHE A CZ  1 
ATOM   341  N  N   . ASP A 1 44  ? -4.111  -15.985 6.283   1.00 29.75 ? 44  ASP A N   1 
ATOM   342  C  CA  . ASP A 1 44  ? -4.016  -17.172 7.117   1.00 35.01 ? 44  ASP A CA  1 
ATOM   343  C  C   . ASP A 1 44  ? -2.652  -17.255 7.835   1.00 33.96 ? 44  ASP A C   1 
ATOM   344  O  O   . ASP A 1 44  ? -2.627  -17.467 9.025   1.00 36.01 ? 44  ASP A O   1 
ATOM   345  C  CB  . ASP A 1 44  ? -4.425  -18.481 6.408   1.00 38.23 ? 44  ASP A CB  1 
ATOM   346  C  CG  . ASP A 1 44  ? -3.617  -18.784 5.167   1.00 41.44 ? 44  ASP A CG  1 
ATOM   347  O  OD1 . ASP A 1 44  ? -2.365  -18.659 5.144   1.00 49.60 ? 44  ASP A OD1 1 
ATOM   348  O  OD2 . ASP A 1 44  ? -4.254  -19.207 4.180   1.00 43.00 ? 44  ASP A OD2 1 
ATOM   349  N  N   . LYS A 1 45  ? -1.559  -16.942 7.138   1.00 31.12 ? 45  LYS A N   1 
ATOM   350  C  CA  . LYS A 1 45  ? -0.215  -16.991 7.724   1.00 30.63 ? 45  LYS A CA  1 
ATOM   351  C  C   . LYS A 1 45  ? 0.176   -15.847 8.700   1.00 27.74 ? 45  LYS A C   1 
ATOM   352  O  O   . LYS A 1 45  ? 1.288   -15.830 9.211   1.00 25.30 ? 45  LYS A O   1 
ATOM   353  C  CB  . LYS A 1 45  ? 0.810   -17.015 6.590   1.00 31.33 ? 45  LYS A CB  1 
ATOM   354  C  CG  . LYS A 1 45  ? 1.011   -15.713 5.805   1.00 32.96 ? 45  LYS A CG  1 
ATOM   355  C  CD  . LYS A 1 45  ? 2.201   -15.866 4.896   1.00 30.92 ? 45  LYS A CD  1 
ATOM   356  C  CE  . LYS A 1 45  ? 2.374   -14.664 4.033   1.00 35.09 ? 45  LYS A CE  1 
ATOM   357  N  NZ  . LYS A 1 45  ? 3.449   -14.963 3.053   1.00 40.27 ? 45  LYS A NZ  1 
ATOM   358  N  N   . PHE A 1 46  ? -0.638  -14.821 8.855   1.00 24.30 ? 46  PHE A N   1 
ATOM   359  C  CA  . PHE A 1 46  ? -0.383  -13.841 9.935   1.00 23.51 ? 46  PHE A CA  1 
ATOM   360  C  C   . PHE A 1 46  ? -1.439  -13.884 11.006  1.00 21.66 ? 46  PHE A C   1 
ATOM   361  O  O   . PHE A 1 46  ? -1.306  -13.253 12.060  1.00 20.23 ? 46  PHE A O   1 
ATOM   362  C  CB  . PHE A 1 46  ? -0.208  -12.410 9.374   1.00 23.92 ? 46  PHE A CB  1 
ATOM   363  C  CG  . PHE A 1 46  ? 0.944   -12.276 8.394   1.00 24.64 ? 46  PHE A CG  1 
ATOM   364  C  CD1 . PHE A 1 46  ? 2.233   -12.704 8.728   1.00 25.66 ? 46  PHE A CD1 1 
ATOM   365  C  CD2 . PHE A 1 46  ? 0.747   -11.716 7.129   1.00 25.92 ? 46  PHE A CD2 1 
ATOM   366  C  CE1 . PHE A 1 46  ? 3.280   -12.594 7.808   1.00 25.55 ? 46  PHE A CE1 1 
ATOM   367  C  CE2 . PHE A 1 46  ? 1.796   -11.612 6.218   1.00 24.60 ? 46  PHE A CE2 1 
ATOM   368  C  CZ  . PHE A 1 46  ? 3.067   -12.024 6.570   1.00 23.57 ? 46  PHE A CZ  1 
ATOM   369  N  N   . LYS A 1 47  ? -2.470  -14.648 10.717  1.00 24.66 ? 47  LYS A N   1 
ATOM   370  C  CA  . LYS A 1 47  ? -3.687  -14.704 11.461  1.00 30.56 ? 47  LYS A CA  1 
ATOM   371  C  C   . LYS A 1 47  ? -3.399  -15.266 12.850  1.00 32.90 ? 47  LYS A C   1 
ATOM   372  O  O   . LYS A 1 47  ? -4.156  -14.999 13.774  1.00 33.79 ? 47  LYS A O   1 
ATOM   373  C  CB  . LYS A 1 47  ? -4.643  -15.650 10.727  1.00 31.90 ? 47  LYS A CB  1 
ATOM   374  C  CG  . LYS A 1 47  ? -6.101  -15.398 10.910  1.00 34.16 ? 47  LYS A CG  1 
ATOM   375  C  CD  . LYS A 1 47  ? -6.887  -16.711 10.806  1.00 37.90 ? 47  LYS A CD  1 
ATOM   376  C  CE  . LYS A 1 47  ? -6.608  -17.475 9.530   1.00 40.08 ? 47  LYS A CE  1 
ATOM   377  N  NZ  . LYS A 1 47  ? -7.613  -18.537 9.301   1.00 43.43 ? 47  LYS A NZ  1 
ATOM   378  N  N   . HIS A 1 48  ? -2.323  -16.067 12.958  1.00 35.94 ? 48  HIS A N   1 
ATOM   379  C  CA  . HIS A 1 48  ? -1.739  -16.480 14.229  1.00 38.93 ? 48  HIS A CA  1 
ATOM   380  C  C   . HIS A 1 48  ? -1.288  -15.335 15.127  1.00 37.74 ? 48  HIS A C   1 
ATOM   381  O  O   . HIS A 1 48  ? -1.352  -15.479 16.329  1.00 44.58 ? 48  HIS A O   1 
ATOM   382  C  CB  . HIS A 1 48  ? -0.552  -17.450 14.018  1.00 39.12 ? 48  HIS A CB  1 
ATOM   383  C  CG  . HIS A 1 48  ? 0.740   -16.787 13.608  1.00 39.68 ? 48  HIS A CG  1 
ATOM   384  N  ND1 . HIS A 1 48  ? 1.663   -16.310 14.522  1.00 38.58 ? 48  HIS A ND1 1 
ATOM   385  C  CD2 . HIS A 1 48  ? 1.276   -16.547 12.385  1.00 38.54 ? 48  HIS A CD2 1 
ATOM   386  C  CE1 . HIS A 1 48  ? 2.706   -15.808 13.883  1.00 35.02 ? 48  HIS A CE1 1 
ATOM   387  N  NE2 . HIS A 1 48  ? 2.502   -15.945 12.585  1.00 36.44 ? 48  HIS A NE2 1 
ATOM   388  N  N   . LEU A 1 49  ? -0.819  -14.219 14.571  1.00 36.47 ? 49  LEU A N   1 
ATOM   389  C  CA  . LEU A 1 49  ? -0.257  -13.129 15.384  1.00 32.78 ? 49  LEU A CA  1 
ATOM   390  C  C   . LEU A 1 49  ? -1.347  -12.484 16.199  1.00 38.63 ? 49  LEU A C   1 
ATOM   391  O  O   . LEU A 1 49  ? -2.335  -12.049 15.654  1.00 36.56 ? 49  LEU A O   1 
ATOM   392  C  CB  . LEU A 1 49  ? 0.414   -12.036 14.526  1.00 30.48 ? 49  LEU A CB  1 
ATOM   393  C  CG  . LEU A 1 49  ? 1.691   -12.488 13.805  1.00 29.30 ? 49  LEU A CG  1 
ATOM   394  C  CD1 . LEU A 1 49  ? 2.174   -11.593 12.686  1.00 27.58 ? 49  LEU A CD1 1 
ATOM   395  C  CD2 . LEU A 1 49  ? 2.833   -12.658 14.794  1.00 30.74 ? 49  LEU A CD2 1 
ATOM   396  N  N   . LYS A 1 50  ? -1.175  -12.443 17.511  1.00 42.61 ? 50  LYS A N   1 
ATOM   397  C  CA  . LYS A 1 50  ? -2.092  -11.699 18.378  1.00 42.36 ? 50  LYS A CA  1 
ATOM   398  C  C   . LYS A 1 50  ? -1.566  -10.310 18.661  1.00 37.37 ? 50  LYS A C   1 
ATOM   399  O  O   . LYS A 1 50  ? -2.297  -9.342  18.565  1.00 44.05 ? 50  LYS A O   1 
ATOM   400  C  CB  . LYS A 1 50  ? -2.332  -12.448 19.687  1.00 46.55 ? 50  LYS A CB  1 
ATOM   401  C  CG  . LYS A 1 50  ? -3.309  -13.598 19.540  1.00 52.36 ? 50  LYS A CG  1 
ATOM   402  C  CD  . LYS A 1 50  ? -4.273  -13.614 20.715  1.00 59.70 ? 50  LYS A CD  1 
ATOM   403  C  CE  . LYS A 1 50  ? -5.301  -14.729 20.586  1.00 62.67 ? 50  LYS A CE  1 
ATOM   404  N  NZ  . LYS A 1 50  ? -4.697  -16.041 20.946  1.00 66.75 ? 50  LYS A NZ  1 
ATOM   405  N  N   . THR A 1 51  ? -0.285  -10.195 18.960  1.00 31.03 ? 51  THR A N   1 
ATOM   406  C  CA  . THR A 1 51  ? 0.261   -8.924  19.428  1.00 27.76 ? 51  THR A CA  1 
ATOM   407  C  C   . THR A 1 51  ? 1.126   -8.239  18.391  1.00 26.51 ? 51  THR A C   1 
ATOM   408  O  O   . THR A 1 51  ? 1.737   -8.898  17.544  1.00 22.01 ? 51  THR A O   1 
ATOM   409  C  CB  . THR A 1 51  ? 1.125   -9.091  20.715  1.00 27.22 ? 51  THR A CB  1 
ATOM   410  O  OG1 . THR A 1 51  ? 2.380   -9.719  20.396  1.00 26.13 ? 51  THR A OG1 1 
ATOM   411  C  CG2 . THR A 1 51  ? 0.373   -9.923  21.768  1.00 27.77 ? 51  THR A CG2 1 
ATOM   412  N  N   . GLU A 1 52  ? 1.218   -6.920  18.561  1.00 25.21 ? 52  GLU A N   1 
ATOM   413  C  CA  . GLU A 1 52  ? 2.098   -6.086  17.818  1.00 28.33 ? 52  GLU A CA  1 
ATOM   414  C  C   . GLU A 1 52  ? 3.558   -6.469  17.957  1.00 29.55 ? 52  GLU A C   1 
ATOM   415  O  O   . GLU A 1 52  ? 4.334   -6.248  17.021  1.00 24.69 ? 52  GLU A O   1 
ATOM   416  C  CB  . GLU A 1 52  ? 1.926   -4.649  18.246  1.00 30.21 ? 52  GLU A CB  1 
ATOM   417  C  CG  . GLU A 1 52  ? 2.990   -3.769  17.638  1.00 31.57 ? 52  GLU A CG  1 
ATOM   418  C  CD  . GLU A 1 52  ? 2.614   -2.317  17.586  1.00 32.09 ? 52  GLU A CD  1 
ATOM   419  O  OE1 . GLU A 1 52  ? 1.611   -1.905  18.183  1.00 32.16 ? 52  GLU A OE1 1 
ATOM   420  O  OE2 . GLU A 1 52  ? 3.344   -1.579  16.915  1.00 35.02 ? 52  GLU A OE2 1 
ATOM   421  N  N   . ALA A 1 53  ? 3.948   -6.998  19.126  1.00 25.99 ? 53  ALA A N   1 
ATOM   422  C  CA  . ALA A 1 53  ? 5.316   -7.377  19.336  1.00 24.11 ? 53  ALA A CA  1 
ATOM   423  C  C   . ALA A 1 53  ? 5.607   -8.616  18.532  1.00 26.30 ? 53  ALA A C   1 
ATOM   424  O  O   . ALA A 1 53  ? 6.704   -8.736  17.975  1.00 33.02 ? 53  ALA A O   1 
ATOM   425  C  CB  . ALA A 1 53  ? 5.581   -7.628  20.826  1.00 26.43 ? 53  ALA A CB  1 
ATOM   426  N  N   . GLU A 1 54  ? 4.657   -9.545  18.442  1.00 23.79 ? 54  GLU A N   1 
ATOM   427  C  CA  . GLU A 1 54  ? 4.871   -10.709 17.596  1.00 27.10 ? 54  GLU A CA  1 
ATOM   428  C  C   . GLU A 1 54  ? 4.926   -10.279 16.122  1.00 24.47 ? 54  GLU A C   1 
ATOM   429  O  O   . GLU A 1 54  ? 5.587   -10.931 15.321  1.00 26.42 ? 54  GLU A O   1 
ATOM   430  C  CB  . GLU A 1 54  ? 3.794   -11.783 17.755  1.00 30.08 ? 54  GLU A CB  1 
ATOM   431  C  CG  . GLU A 1 54  ? 3.664   -12.458 19.107  1.00 32.36 ? 54  GLU A CG  1 
ATOM   432  C  CD  . GLU A 1 54  ? 2.338   -13.183 19.175  1.00 35.78 ? 54  GLU A CD  1 
ATOM   433  O  OE1 . GLU A 1 54  ? 2.209   -14.260 18.559  1.00 37.64 ? 54  GLU A OE1 1 
ATOM   434  O  OE2 . GLU A 1 54  ? 1.395   -12.625 19.768  1.00 42.02 ? 54  GLU A OE2 1 
ATOM   435  N  N   . MET A 1 55  ? 4.157   -9.244  15.786  1.00 24.01 ? 55  MET A N   1 
ATOM   436  C  CA  . MET A 1 55  ? 4.184   -8.628  14.456  1.00 21.52 ? 55  MET A CA  1 
ATOM   437  C  C   . MET A 1 55  ? 5.542   -8.003  14.174  1.00 20.18 ? 55  MET A C   1 
ATOM   438  O  O   . MET A 1 55  ? 6.082   -8.193  13.115  1.00 17.41 ? 55  MET A O   1 
ATOM   439  C  CB  . MET A 1 55  ? 3.092   -7.539  14.314  1.00 20.79 ? 55  MET A CB  1 
ATOM   440  C  CG  . MET A 1 55  ? 1.635   -8.016  14.291  1.00 21.19 ? 55  MET A CG  1 
ATOM   441  S  SD  . MET A 1 55  ? 0.504   -6.598  14.163  1.00 20.73 ? 55  MET A SD  1 
ATOM   442  C  CE  . MET A 1 55  ? -1.049  -7.446  14.484  1.00 19.07 ? 55  MET A CE  1 
ATOM   443  N  N   . LYS A 1 56  ? 6.073   -7.253  15.139  1.00 24.50 ? 56  LYS A N   1 
ATOM   444  C  CA  . LYS A 1 56  ? 7.359   -6.607  15.006  1.00 26.66 ? 56  LYS A CA  1 
ATOM   445  C  C   . LYS A 1 56  ? 8.442   -7.647  14.813  1.00 26.01 ? 56  LYS A C   1 
ATOM   446  O  O   . LYS A 1 56  ? 9.389   -7.469  13.999  1.00 23.68 ? 56  LYS A O   1 
ATOM   447  C  CB  . LYS A 1 56  ? 7.682   -5.748  16.235  1.00 32.91 ? 56  LYS A CB  1 
ATOM   448  C  CG  . LYS A 1 56  ? 8.721   -4.660  15.971  1.00 36.61 ? 56  LYS A CG  1 
ATOM   449  C  CD  . LYS A 1 56  ? 8.178   -3.504  15.148  1.00 41.05 ? 56  LYS A CD  1 
ATOM   450  C  CE  . LYS A 1 56  ? 6.866   -2.962  15.720  1.00 44.72 ? 56  LYS A CE  1 
ATOM   451  N  NZ  . LYS A 1 56  ? 6.486   -1.581  15.262  1.00 47.17 ? 56  LYS A NZ  1 
ATOM   452  N  N   . ALA A 1 57  ? 8.282   -8.741  15.531  1.00 22.81 ? 57  ALA A N   1 
ATOM   453  C  CA  . ALA A 1 57  ? 9.259   -9.801  15.557  1.00 22.48 ? 57  ALA A CA  1 
ATOM   454  C  C   . ALA A 1 57  ? 9.158   -10.700 14.380  1.00 20.84 ? 57  ALA A C   1 
ATOM   455  O  O   . ALA A 1 57  ? 10.057  -11.479 14.118  1.00 22.13 ? 57  ALA A O   1 
ATOM   456  C  CB  . ALA A 1 57  ? 9.111   -10.597 16.837  1.00 24.99 ? 57  ALA A CB  1 
ATOM   457  N  N   . SER A 1 58  ? 8.066   -10.629 13.635  1.00 19.79 ? 58  SER A N   1 
ATOM   458  C  CA  . SER A 1 58  ? 7.836   -11.581 12.554  1.00 18.57 ? 58  SER A CA  1 
ATOM   459  C  C   . SER A 1 58  ? 8.641   -11.258 11.292  1.00 18.81 ? 58  SER A C   1 
ATOM   460  O  O   . SER A 1 58  ? 8.363   -10.248 10.620  1.00 18.35 ? 58  SER A O   1 
ATOM   461  C  CB  . SER A 1 58  ? 6.339   -11.604 12.204  1.00 17.97 ? 58  SER A CB  1 
ATOM   462  O  OG  . SER A 1 58  ? 6.157   -12.336 11.054  1.00 17.68 ? 58  SER A OG  1 
ATOM   463  N  N   . GLU A 1 59  ? 9.621   -12.100 10.943  1.00 17.24 ? 59  GLU A N   1 
ATOM   464  C  CA  . GLU A 1 59  ? 10.448  -11.829 9.766   1.00 17.51 ? 59  GLU A CA  1 
ATOM   465  C  C   . GLU A 1 59  ? 9.677   -12.115 8.450   1.00 15.97 ? 59  GLU A C   1 
ATOM   466  O  O   . GLU A 1 59  ? 9.975   -11.542 7.432   1.00 14.37 ? 59  GLU A O   1 
ATOM   467  C  CB  . GLU A 1 59  ? 11.753  -12.638 9.772   1.00 19.84 ? 59  GLU A CB  1 
ATOM   468  C  CG  . GLU A 1 59  ? 12.684  -12.333 10.951  1.00 21.87 ? 59  GLU A CG  1 
ATOM   469  C  CD  . GLU A 1 59  ? 13.044  -10.877 11.183  1.00 22.81 ? 59  GLU A CD  1 
ATOM   470  O  OE1 . GLU A 1 59  ? 13.183  -10.044 10.269  1.00 24.94 ? 59  GLU A OE1 1 
ATOM   471  O  OE2 . GLU A 1 59  ? 13.212  -10.552 12.351  1.00 27.78 ? 59  GLU A OE2 1 
ATOM   472  N  N   . ASP A 1 60  ? 8.698   -13.005 8.498   1.00 15.77 ? 60  ASP A N   1 
ATOM   473  C  CA  . ASP A 1 60  ? 7.835   -13.232 7.344   1.00 15.72 ? 60  ASP A CA  1 
ATOM   474  C  C   . ASP A 1 60  ? 6.895   -12.073 7.065   1.00 14.12 ? 60  ASP A C   1 
ATOM   475  O  O   . ASP A 1 60  ? 6.585   -11.829 5.884   1.00 11.57 ? 60  ASP A O   1 
ATOM   476  C  CB  . ASP A 1 60  ? 6.994   -14.478 7.527   1.00 17.35 ? 60  ASP A CB  1 
ATOM   477  C  CG  . ASP A 1 60  ? 6.546   -15.035 6.226   1.00 18.88 ? 60  ASP A CG  1 
ATOM   478  O  OD1 . ASP A 1 60  ? 7.420   -15.140 5.339   1.00 20.84 ? 60  ASP A OD1 1 
ATOM   479  O  OD2 . ASP A 1 60  ? 5.314   -15.281 6.049   1.00 19.32 ? 60  ASP A OD2 1 
ATOM   480  N  N   . LEU A 1 61  ? 6.442   -11.394 8.128   1.00 13.94 ? 61  LEU A N   1 
ATOM   481  C  CA  . LEU A 1 61  ? 5.651   -10.154 7.961   1.00 14.53 ? 61  LEU A CA  1 
ATOM   482  C  C   . LEU A 1 61  ? 6.468   -9.074  7.257   1.00 13.93 ? 61  LEU A C   1 
ATOM   483  O  O   . LEU A 1 61  ? 5.997   -8.373  6.373   1.00 13.63 ? 61  LEU A O   1 
ATOM   484  C  CB  . LEU A 1 61  ? 5.098   -9.650  9.292   1.00 16.32 ? 61  LEU A CB  1 
ATOM   485  C  CG  . LEU A 1 61  ? 4.124   -8.444  9.222   1.00 18.27 ? 61  LEU A CG  1 
ATOM   486  C  CD1 . LEU A 1 61  ? 3.312   -8.256  10.488  1.00 19.16 ? 61  LEU A CD1 1 
ATOM   487  C  CD2 . LEU A 1 61  ? 4.790   -7.147  8.886   1.00 21.62 ? 61  LEU A CD2 1 
ATOM   488  N  N   . LYS A 1 62  ? 7.713   -8.908  7.669   1.00 13.81 ? 62  LYS A N   1 
ATOM   489  C  CA  . LYS A 1 62  ? 8.605   -7.973  7.038   1.00 12.23 ? 62  LYS A CA  1 
ATOM   490  C  C   . LYS A 1 62  ? 8.790   -8.352  5.553   1.00 11.22 ? 62  LYS A C   1 
ATOM   491  O  O   . LYS A 1 62  ? 8.821   -7.517  4.665   1.00 10.59 ? 62  LYS A O   1 
ATOM   492  C  CB  . LYS A 1 62  ? 9.939   -7.991  7.813   1.00 14.32 ? 62  LYS A CB  1 
ATOM   493  C  CG  . LYS A 1 62  ? 10.983  -7.081  7.252   1.00 14.92 ? 62  LYS A CG  1 
ATOM   494  C  CD  . LYS A 1 62  ? 12.291  -7.226  8.022   1.00 15.69 ? 62  LYS A CD  1 
ATOM   495  C  CE  . LYS A 1 62  ? 12.500  -6.072  8.941   1.00 16.39 ? 62  LYS A CE  1 
ATOM   496  N  NZ  . LYS A 1 62  ? 13.758  -6.291  9.666   1.00 16.84 ? 62  LYS A NZ  1 
ATOM   497  N  N   . LYS A 1 63  ? 9.009   -9.637  5.301   1.00 10.99 ? 63  LYS A N   1 
ATOM   498  C  CA  . LYS A 1 63  ? 9.163   -10.129 3.968   1.00 10.56 ? 63  LYS A CA  1 
ATOM   499  C  C   . LYS A 1 63  ? 7.960   -9.837  3.097   1.00 9.62  ? 63  LYS A C   1 
ATOM   500  O  O   . LYS A 1 63  ? 8.121   -9.417  1.924   1.00 8.86  ? 63  LYS A O   1 
ATOM   501  C  CB  . LYS A 1 63  ? 9.434   -11.630 4.012   1.00 11.31 ? 63  LYS A CB  1 
ATOM   502  C  CG  . LYS A 1 63  ? 9.528   -12.310 2.692   1.00 11.79 ? 63  LYS A CG  1 
ATOM   503  C  CD  . LYS A 1 63  ? 9.635   -13.824 2.986   1.00 12.30 ? 63  LYS A CD  1 
ATOM   504  C  CE  . LYS A 1 63  ? 10.102  -14.518 1.762   1.00 11.91 ? 63  LYS A CE  1 
ATOM   505  N  NZ  . LYS A 1 63  ? 10.199  -15.996 2.018   1.00 11.89 ? 63  LYS A NZ  1 
ATOM   506  N  N   . HIS A 1 64  ? 6.768   -10.121 3.598   1.00 9.28  ? 64  HIS A N   1 
ATOM   507  C  CA  . HIS A 1 64  ? 5.561   -9.778  2.814   1.00 10.19 ? 64  HIS A CA  1 
ATOM   508  C  C   . HIS A 1 64  ? 5.404   -8.283  2.569   1.00 9.38  ? 64  HIS A C   1 
ATOM   509  O  O   . HIS A 1 64  ? 4.978   -7.817  1.490   1.00 8.47  ? 64  HIS A O   1 
ATOM   510  C  CB  . HIS A 1 64  ? 4.270   -10.251 3.499   1.00 11.00 ? 64  HIS A CB  1 
ATOM   511  C  CG  . HIS A 1 64  ? 3.101   -10.174 2.565   1.00 12.22 ? 64  HIS A CG  1 
ATOM   512  N  ND1 . HIS A 1 64  ? 2.975   -11.033 1.498   1.00 13.06 ? 64  HIS A ND1 1 
ATOM   513  C  CD2 . HIS A 1 64  ? 2.081   -9.290  2.465   1.00 14.01 ? 64  HIS A CD2 1 
ATOM   514  C  CE1 . HIS A 1 64  ? 1.912   -10.692 0.793   1.00 13.57 ? 64  HIS A CE1 1 
ATOM   515  N  NE2 . HIS A 1 64  ? 1.349   -9.634  1.357   1.00 13.89 ? 64  HIS A NE2 1 
ATOM   516  N  N   . GLY A 1 65  ? 5.749   -7.510  3.595   1.00 9.67  ? 65  GLY A N   1 
ATOM   517  C  CA  . GLY A 1 65  ? 5.773   -6.020  3.504   1.00 9.42  ? 65  GLY A CA  1 
ATOM   518  C  C   . GLY A 1 65  ? 6.672   -5.539  2.384   1.00 9.52  ? 65  GLY A C   1 
ATOM   519  O  O   . GLY A 1 65  ? 6.295   -4.636  1.592   1.00 8.84  ? 65  GLY A O   1 
ATOM   520  N  N   . THR A 1 66  ? 7.808   -6.211  2.230   1.00 8.25  ? 66  THR A N   1 
ATOM   521  C  CA  . THR A 1 66  ? 8.696   -5.973  1.124   1.00 8.47  ? 66  THR A CA  1 
ATOM   522  C  C   . THR A 1 66  ? 8.089   -6.339  -0.264  1.00 7.86  ? 66  THR A C   1 
ATOM   523  O  O   . THR A 1 66  ? 8.247   -5.564  -1.210  1.00 7.29  ? 66  THR A O   1 
ATOM   524  C  CB  . THR A 1 66  ? 10.057  -6.717  1.256   1.00 9.29  ? 66  THR A CB  1 
ATOM   525  O  OG1 . THR A 1 66  ? 10.731  -6.276  2.424   1.00 10.68 ? 66  THR A OG1 1 
ATOM   526  C  CG2 . THR A 1 66  ? 10.955  -6.415  0.129   1.00 9.39  ? 66  THR A CG2 1 
ATOM   527  N  N   . VAL A 1 67  ? 7.462   -7.511  -0.354  1.00 7.32  ? 67  VAL A N   1 
ATOM   528  C  CA  . VAL A 1 67  ? 6.770   -7.945  -1.582  1.00 7.40  ? 67  VAL A CA  1 
ATOM   529  C  C   . VAL A 1 67  ? 5.702   -6.891  -1.993  1.00 7.34  ? 67  VAL A C   1 
ATOM   530  O  O   . VAL A 1 67  ? 5.682   -6.379  -3.144  1.00 7.52  ? 67  VAL A O   1 
ATOM   531  C  CB  . VAL A 1 67  ? 6.176   -9.331  -1.377  1.00 7.21  ? 67  VAL A CB  1 
ATOM   532  C  CG1 . VAL A 1 67  ? 5.186   -9.711  -2.495  1.00 7.14  ? 67  VAL A CG1 1 
ATOM   533  C  CG2 . VAL A 1 67  ? 7.307   -10.337 -1.259  1.00 7.32  ? 67  VAL A CG2 1 
ATOM   534  N  N   . ALA A 1 68  ? 4.834   -6.578  -1.058  1.00 7.50  ? 68  ALA A N   1 
ATOM   535  C  CA  . ALA A 1 68  ? 3.759   -5.560  -1.311  1.00 7.66  ? 68  ALA A CA  1 
ATOM   536  C  C   . ALA A 1 68  ? 4.257   -4.184  -1.729  1.00 7.76  ? 68  ALA A C   1 
ATOM   537  O  O   . ALA A 1 68  ? 3.790   -3.661  -2.719  1.00 6.97  ? 68  ALA A O   1 
ATOM   538  C  CB  . ALA A 1 68  ? 2.749   -5.508  -0.161  1.00 7.87  ? 68  ALA A CB  1 
ATOM   539  N  N   . LEU A 1 69  ? 5.247   -3.588  -1.040  1.00 8.38  ? 69  LEU A N   1 
ATOM   540  C  CA  . LEU A 1 69  ? 5.653   -2.243  -1.386  1.00 8.51  ? 69  LEU A CA  1 
ATOM   541  C  C   . LEU A 1 69  ? 6.523   -2.201  -2.561  1.00 8.63  ? 69  LEU A C   1 
ATOM   542  O  O   . LEU A 1 69  ? 6.552   -1.177  -3.292  1.00 8.31  ? 69  LEU A O   1 
ATOM   543  C  CB  . LEU A 1 69  ? 6.340   -1.507  -0.180  1.00 9.07  ? 69  LEU A CB  1 
ATOM   544  C  CG  . LEU A 1 69  ? 5.435   -0.913  0.877   1.00 9.31  ? 69  LEU A CG  1 
ATOM   545  C  CD1 . LEU A 1 69  ? 6.268   -0.027  1.822   1.00 9.10  ? 69  LEU A CD1 1 
ATOM   546  C  CD2 . LEU A 1 69  ? 4.302   -0.109  0.268   1.00 10.23 ? 69  LEU A CD2 1 
ATOM   547  N  N   . THR A 1 70  ? 7.248   -3.281  -2.822  1.00 8.21  ? 70  THR A N   1 
ATOM   548  C  CA  . THR A 1 70  ? 7.944   -3.345  -4.086  1.00 9.21  ? 70  THR A CA  1 
ATOM   549  C  C   . THR A 1 70  ? 6.987   -3.313  -5.260  1.00 8.11  ? 70  THR A C   1 
ATOM   550  O  O   . THR A 1 70  ? 7.253   -2.673  -6.274  1.00 8.16  ? 70  THR A O   1 
ATOM   551  C  CB  . THR A 1 70  ? 8.842   -4.604  -4.155  1.00 9.91  ? 70  THR A CB  1 
ATOM   552  O  OG1 . THR A 1 70  ? 9.800   -4.506  -3.096  1.00 11.09 ? 70  THR A OG1 1 
ATOM   553  C  CG2 . THR A 1 70  ? 9.520   -4.717  -5.532  1.00 11.32 ? 70  THR A CG2 1 
ATOM   554  N  N   . ALA A 1 71  ? 5.902   -4.069  -5.171  1.00 8.13  ? 71  ALA A N   1 
ATOM   555  C  CA  . ALA A 1 71  ? 4.905   -4.107  -6.233  1.00 8.11  ? 71  ALA A CA  1 
ATOM   556  C  C   . ALA A 1 71  ? 4.260   -2.662  -6.401  1.00 8.71  ? 71  ALA A C   1 
ATOM   557  O  O   . ALA A 1 71  ? 4.177   -2.128  -7.522  1.00 9.37  ? 71  ALA A O   1 
ATOM   558  C  CB  . ALA A 1 71  ? 3.853   -5.156  -5.907  1.00 8.14  ? 71  ALA A CB  1 
ATOM   559  N  N   . LEU A 1 72  ? 3.891   -2.016  -5.297  1.00 8.66  ? 72  LEU A N   1 
ATOM   560  C  CA  . LEU A 1 72  ? 3.355   -0.626  -5.377  1.00 8.48  ? 72  LEU A CA  1 
ATOM   561  C  C   . LEU A 1 72  ? 4.346   0.301   -6.024  1.00 8.19  ? 72  LEU A C   1 
ATOM   562  O  O   . LEU A 1 72  ? 3.938   1.163   -6.835  1.00 8.22  ? 72  LEU A O   1 
ATOM   563  C  CB  . LEU A 1 72  ? 2.958   -0.079  -4.005  1.00 9.08  ? 72  LEU A CB  1 
ATOM   564  C  CG  . LEU A 1 72  ? 2.328   1.317   -3.867  1.00 9.66  ? 72  LEU A CG  1 
ATOM   565  C  CD1 . LEU A 1 72  ? 1.148   1.478   -4.844  1.00 10.36 ? 72  LEU A CD1 1 
ATOM   566  C  CD2 . LEU A 1 72  ? 1.777   1.546   -2.453  1.00 9.56  ? 72  LEU A CD2 1 
ATOM   567  N  N   . GLY A 1 73  ? 5.628   0.175   -5.674  1.00 8.08  ? 73  GLY A N   1 
ATOM   568  C  CA  . GLY A 1 73  ? 6.673   1.036   -6.218  1.00 8.49  ? 73  GLY A CA  1 
ATOM   569  C  C   . GLY A 1 73  ? 6.760   0.933   -7.722  1.00 9.11  ? 73  GLY A C   1 
ATOM   570  O  O   . GLY A 1 73  ? 6.855   1.945   -8.468  1.00 8.78  ? 73  GLY A O   1 
ATOM   571  N  N   . GLY A 1 74  ? 6.767   -0.319  -8.199  1.00 9.60  ? 74  GLY A N   1 
ATOM   572  C  CA  . GLY A 1 74  ? 6.758   -0.549  -9.632  1.00 10.42 ? 74  GLY A CA  1 
ATOM   573  C  C   . GLY A 1 74  ? 5.567   0.076   -10.351 1.00 10.18 ? 74  GLY A C   1 
ATOM   574  O  O   . GLY A 1 74  ? 5.729   0.645   -11.449 1.00 11.17 ? 74  GLY A O   1 
ATOM   575  N  N   . ILE A 1 75  ? 4.385   -0.021  -9.744  1.00 9.93  ? 75  ILE A N   1 
ATOM   576  C  CA  . ILE A 1 75  ? 3.202   0.608   -10.267 1.00 10.01 ? 75  ILE A CA  1 
ATOM   577  C  C   . ILE A 1 75  ? 3.373   2.133   -10.275 1.00 9.65  ? 75  ILE A C   1 
ATOM   578  O  O   . ILE A 1 75  ? 3.157   2.789   -11.309 1.00 10.47 ? 75  ILE A O   1 
ATOM   579  C  CB  . ILE A 1 75  ? 1.952   0.180   -9.509  1.00 9.81  ? 75  ILE A CB  1 
ATOM   580  C  CG1 . ILE A 1 75  ? 1.573   -1.259  -9.809  1.00 10.37 ? 75  ILE A CG1 1 
ATOM   581  C  CG2 . ILE A 1 75  ? 0.766   1.049   -9.844  1.00 10.63 ? 75  ILE A CG2 1 
ATOM   582  C  CD1 . ILE A 1 75  ? 0.778   -1.836  -8.654  1.00 10.53 ? 75  ILE A CD1 1 
ATOM   583  N  N   . LEU A 1 76  ? 3.773   2.715   -9.164  1.00 9.62  ? 76  LEU A N   1 
ATOM   584  C  CA  . LEU A 1 76  ? 3.957   4.173   -9.137  1.00 10.13 ? 76  LEU A CA  1 
ATOM   585  C  C   . LEU A 1 76  ? 4.928   4.682   -10.208 1.00 10.17 ? 76  LEU A C   1 
ATOM   586  O  O   . LEU A 1 76  ? 4.700   5.740   -10.805 1.00 9.45  ? 76  LEU A O   1 
ATOM   587  C  CB  . LEU A 1 76  ? 4.445   4.660   -7.766  1.00 10.29 ? 76  LEU A CB  1 
ATOM   588  C  CG  . LEU A 1 76  ? 3.444   4.491   -6.641  1.00 10.45 ? 76  LEU A CG  1 
ATOM   589  C  CD1 . LEU A 1 76  ? 4.124   4.865   -5.347  1.00 11.39 ? 76  LEU A CD1 1 
ATOM   590  C  CD2 . LEU A 1 76  ? 2.138   5.270   -6.860  1.00 10.93 ? 76  LEU A CD2 1 
ATOM   591  N  N   . LYS A 1 77  ? 5.997   3.918   -10.459 1.00 11.03 ? 77  LYS A N   1 
ATOM   592  C  CA  . LYS A 1 77  ? 6.976   4.319   -11.434 1.00 12.64 ? 77  LYS A CA  1 
ATOM   593  C  C   . LYS A 1 77  ? 6.439   4.281   -12.899 1.00 13.35 ? 77  LYS A C   1 
ATOM   594  O  O   . LYS A 1 77  ? 7.090   4.812   -13.769 1.00 11.72 ? 77  LYS A O   1 
ATOM   595  C  CB  . LYS A 1 77  ? 8.235   3.477   -11.291 1.00 15.43 ? 77  LYS A CB  1 
ATOM   596  C  CG  . LYS A 1 77  ? 9.074   3.940   -10.097 1.00 17.53 ? 77  LYS A CG  1 
ATOM   597  C  CD  . LYS A 1 77  ? 10.008  2.887   -9.594  1.00 20.74 ? 77  LYS A CD  1 
ATOM   598  C  CE  . LYS A 1 77  ? 10.858  3.530   -8.502  1.00 22.92 ? 77  LYS A CE  1 
ATOM   599  N  NZ  . LYS A 1 77  ? 12.067  2.713   -8.195  1.00 25.57 ? 77  LYS A NZ  1 
ATOM   600  N  N   . LYS A 1 78  ? 5.260   3.700   -13.133 1.00 13.37 ? 78  LYS A N   1 
ATOM   601  C  CA  . LYS A 1 78  ? 4.583   3.797   -14.422 1.00 15.15 ? 78  LYS A CA  1 
ATOM   602  C  C   . LYS A 1 78  ? 3.811   5.063   -14.600 1.00 14.21 ? 78  LYS A C   1 
ATOM   603  O  O   . LYS A 1 78  ? 3.259   5.255   -15.683 1.00 15.19 ? 78  LYS A O   1 
ATOM   604  C  CB  . LYS A 1 78  ? 3.568   2.640   -14.639 1.00 16.60 ? 78  LYS A CB  1 
ATOM   605  C  CG  . LYS A 1 78  ? 4.093   1.218   -14.592 1.00 19.61 ? 78  LYS A CG  1 
ATOM   606  C  CD  . LYS A 1 78  ? 5.405   1.067   -15.332 1.00 23.35 ? 78  LYS A CD  1 
ATOM   607  C  CE  . LYS A 1 78  ? 5.433   1.600   -16.757 1.00 28.40 ? 78  LYS A CE  1 
ATOM   608  N  NZ  . LYS A 1 78  ? 4.642   0.792   -17.730 1.00 32.85 ? 78  LYS A NZ  1 
ATOM   609  N  N   . LYS A 1 79  ? 3.702   5.886   -13.559 1.00 12.66 ? 79  LYS A N   1 
ATOM   610  C  CA  . LYS A 1 79  ? 3.021   7.198   -13.651 1.00 11.70 ? 79  LYS A CA  1 
ATOM   611  C  C   . LYS A 1 79  ? 1.675   7.063   -14.329 1.00 11.95 ? 79  LYS A C   1 
ATOM   612  O  O   . LYS A 1 79  ? 1.341   7.829   -15.190 1.00 12.67 ? 79  LYS A O   1 
ATOM   613  C  CB  . LYS A 1 79  ? 3.881   8.252   -14.371 1.00 11.95 ? 79  LYS A CB  1 
ATOM   614  C  CG  . LYS A 1 79  ? 5.300   8.442   -13.835 1.00 12.38 ? 79  LYS A CG  1 
ATOM   615  C  CD  . LYS A 1 79  ? 6.030   9.764   -14.205 1.00 12.81 ? 79  LYS A CD  1 
ATOM   616  C  CE  . LYS A 1 79  ? 5.902   10.239  -15.621 1.00 13.80 ? 79  LYS A CE  1 
ATOM   617  N  NZ  . LYS A 1 79  ? 6.914   11.302  -15.999 1.00 12.68 ? 79  LYS A NZ  1 
ATOM   618  N  N   . GLY A 1 80  ? 0.931   6.065   -13.937 1.00 11.60 ? 80  GLY A N   1 
ATOM   619  C  CA  . GLY A 1 80  ? -0.456  5.883   -14.332 1.00 12.49 ? 80  GLY A CA  1 
ATOM   620  C  C   . GLY A 1 80  ? -0.641  4.974   -15.514 1.00 12.31 ? 80  GLY A C   1 
ATOM   621  O  O   . GLY A 1 80  ? -1.754  4.542   -15.761 1.00 13.42 ? 80  GLY A O   1 
ATOM   622  N  N   . HIS A 1 81  ? 0.429   4.670   -16.226 1.00 12.84 ? 81  HIS A N   1 
ATOM   623  C  CA  . HIS A 1 81  ? 0.377   3.713   -17.346 1.00 14.93 ? 81  HIS A CA  1 
ATOM   624  C  C   . HIS A 1 81  ? 0.631   2.322   -16.827 1.00 12.51 ? 81  HIS A C   1 
ATOM   625  O  O   . HIS A 1 81  ? 1.594   1.672   -17.224 1.00 12.29 ? 81  HIS A O   1 
ATOM   626  C  CB  . HIS A 1 81  ? 1.417   4.110   -18.396 1.00 17.43 ? 81  HIS A CB  1 
ATOM   627  C  CG  . HIS A 1 81  ? 1.116   5.418   -19.025 1.00 22.67 ? 81  HIS A CG  1 
ATOM   628  N  ND1 . HIS A 1 81  ? 1.831   6.558   -18.746 1.00 26.44 ? 81  HIS A ND1 1 
ATOM   629  C  CD2 . HIS A 1 81  ? 0.108   5.794   -19.838 1.00 26.29 ? 81  HIS A CD2 1 
ATOM   630  C  CE1 . HIS A 1 81  ? 1.321   7.570   -19.422 1.00 27.24 ? 81  HIS A CE1 1 
ATOM   631  N  NE2 . HIS A 1 81  ? 0.270   7.133   -20.087 1.00 30.76 ? 81  HIS A NE2 1 
ATOM   632  N  N   . HIS A 1 82  ? -0.303  1.837   -16.014 1.00 11.75 ? 82  HIS A N   1 
ATOM   633  C  CA  . HIS A 1 82  ? -0.041  0.670   -15.128 1.00 11.90 ? 82  HIS A CA  1 
ATOM   634  C  C   . HIS A 1 82  ? -1.041  -0.461  -15.301 1.00 12.56 ? 82  HIS A C   1 
ATOM   635  O  O   . HIS A 1 82  ? -1.166  -1.359  -14.465 1.00 11.55 ? 82  HIS A O   1 
ATOM   636  C  CB  . HIS A 1 82  ? -0.006  1.179   -13.691 1.00 11.79 ? 82  HIS A CB  1 
ATOM   637  C  CG  . HIS A 1 82  ? -1.244  1.910   -13.261 1.00 11.99 ? 82  HIS A CG  1 
ATOM   638  N  ND1 . HIS A 1 82  ? -1.240  2.794   -12.210 1.00 12.54 ? 82  HIS A ND1 1 
ATOM   639  C  CD2 . HIS A 1 82  ? -2.530  1.870   -13.708 1.00 11.40 ? 82  HIS A CD2 1 
ATOM   640  C  CE1 . HIS A 1 82  ? -2.457  3.271   -12.020 1.00 11.10 ? 82  HIS A CE1 1 
ATOM   641  N  NE2 . HIS A 1 82  ? -3.258  2.729   -12.922 1.00 11.56 ? 82  HIS A NE2 1 
ATOM   642  N  N   . GLU A 1 83  ? -1.754  -0.431  -16.415 1.00 13.73 ? 83  GLU A N   1 
ATOM   643  C  CA  . GLU A 1 83  ? -2.747  -1.437  -16.688 1.00 17.52 ? 83  GLU A CA  1 
ATOM   644  C  C   . GLU A 1 83  ? -2.238  -2.880  -16.527 1.00 15.52 ? 83  GLU A C   1 
ATOM   645  O  O   . GLU A 1 83  ? -2.906  -3.691  -15.952 1.00 16.55 ? 83  GLU A O   1 
ATOM   646  C  CB  . GLU A 1 83  ? -3.246  -1.235  -18.125 1.00 20.47 ? 83  GLU A CB  1 
ATOM   647  C  CG  . GLU A 1 83  ? -4.114  -2.307  -18.700 1.00 23.94 ? 83  GLU A CG  1 
ATOM   648  C  CD  . GLU A 1 83  ? -5.356  -2.476  -17.900 1.00 29.44 ? 83  GLU A CD  1 
ATOM   649  O  OE1 . GLU A 1 83  ? -5.572  -1.665  -16.959 1.00 35.13 ? 83  GLU A OE1 1 
ATOM   650  O  OE2 . GLU A 1 83  ? -6.137  -3.392  -18.224 1.00 32.34 ? 83  GLU A OE2 1 
ATOM   651  N  N   . ALA A 1 84  ? -1.090  -3.190  -17.090 1.00 15.96 ? 84  ALA A N   1 
ATOM   652  C  CA  . ALA A 1 84  ? -0.569  -4.551  -17.066 1.00 17.03 ? 84  ALA A CA  1 
ATOM   653  C  C   . ALA A 1 84  ? -0.137  -4.965  -15.636 1.00 17.98 ? 84  ALA A C   1 
ATOM   654  O  O   . ALA A 1 84  ? -0.293  -6.133  -15.238 1.00 19.16 ? 84  ALA A O   1 
ATOM   655  C  CB  . ALA A 1 84  ? 0.584   -4.682  -18.029 1.00 17.42 ? 84  ALA A CB  1 
ATOM   656  N  N   . GLU A 1 85  ? 0.348   -3.996  -14.865 1.00 18.02 ? 85  GLU A N   1 
ATOM   657  C  CA  . GLU A 1 85  ? 0.689   -4.223  -13.450 1.00 18.12 ? 85  GLU A CA  1 
ATOM   658  C  C   . GLU A 1 85  ? -0.503  -4.373  -12.528 1.00 17.87 ? 85  GLU A C   1 
ATOM   659  O  O   . GLU A 1 85  ? -0.474  -5.201  -11.587 1.00 16.58 ? 85  GLU A O   1 
ATOM   660  C  CB  . GLU A 1 85  ? 1.621   -3.150  -12.957 1.00 20.32 ? 85  GLU A CB  1 
ATOM   661  C  CG  . GLU A 1 85  ? 2.987   -3.130  -13.630 1.00 21.22 ? 85  GLU A CG  1 
ATOM   662  C  CD  . GLU A 1 85  ? 3.085   -2.237  -14.874 1.00 23.39 ? 85  GLU A CD  1 
ATOM   663  O  OE1 . GLU A 1 85  ? 2.083   -1.811  -15.456 1.00 20.36 ? 85  GLU A OE1 1 
ATOM   664  O  OE2 . GLU A 1 85  ? 4.227   -1.939  -15.280 1.00 31.12 ? 85  GLU A OE2 1 
ATOM   665  N  N   . LEU A 1 86  ? -1.564  -3.605  -12.772 1.00 15.85 ? 86  LEU A N   1 
ATOM   666  C  CA  . LEU A 1 86  ? -2.774  -3.708  -11.940 1.00 17.70 ? 86  LEU A CA  1 
ATOM   667  C  C   . LEU A 1 86  ? -3.579  -4.922  -12.129 1.00 18.47 ? 86  LEU A C   1 
ATOM   668  O  O   . LEU A 1 86  ? -4.105  -5.435  -11.154 1.00 18.35 ? 86  LEU A O   1 
ATOM   669  C  CB  . LEU A 1 86  ? -3.732  -2.532  -12.107 1.00 18.57 ? 86  LEU A CB  1 
ATOM   670  C  CG  . LEU A 1 86  ? -3.292  -1.250  -11.432 1.00 20.72 ? 86  LEU A CG  1 
ATOM   671  C  CD1 . LEU A 1 86  ? -4.531  -0.399  -11.301 1.00 20.79 ? 86  LEU A CD1 1 
ATOM   672  C  CD2 . LEU A 1 86  ? -2.619  -1.440  -10.093 1.00 23.27 ? 86  LEU A CD2 1 
ATOM   673  N  N   . LYS A 1 87  ? -3.707  -5.394  -13.365 1.00 21.08 ? 87  LYS A N   1 
ATOM   674  C  CA  . LYS A 1 87  ? -4.557  -6.567  -13.656 1.00 22.90 ? 87  LYS A CA  1 
ATOM   675  C  C   . LYS A 1 87  ? -4.362  -7.783  -12.758 1.00 19.51 ? 87  LYS A C   1 
ATOM   676  O  O   . LYS A 1 87  ? -5.340  -8.321  -12.202 1.00 18.77 ? 87  LYS A O   1 
ATOM   677  C  CB  . LYS A 1 87  ? -4.379  -7.029  -15.124 1.00 29.25 ? 87  LYS A CB  1 
ATOM   678  C  CG  . LYS A 1 87  ? -5.015  -6.113  -16.153 1.00 36.43 ? 87  LYS A CG  1 
ATOM   679  C  CD  . LYS A 1 87  ? -6.237  -6.715  -16.851 1.00 38.36 ? 87  LYS A CD  1 
ATOM   680  C  CE  . LYS A 1 87  ? -7.323  -7.101  -15.851 1.00 40.81 ? 87  LYS A CE  1 
ATOM   681  N  NZ  . LYS A 1 87  ? -8.705  -6.849  -16.349 1.00 42.84 ? 87  LYS A NZ  1 
ATOM   682  N  N   . PRO A 1 88  ? -3.124  -8.257  -12.623 1.00 17.33 ? 88  PRO A N   1 
ATOM   683  C  CA  . PRO A 1 88  ? -3.012  -9.452  -11.823 1.00 16.21 ? 88  PRO A CA  1 
ATOM   684  C  C   . PRO A 1 88  ? -3.323  -9.198  -10.335 1.00 14.44 ? 88  PRO A C   1 
ATOM   685  O  O   . PRO A 1 88  ? -3.882  -10.067 -9.672  1.00 14.60 ? 88  PRO A O   1 
ATOM   686  C  CB  . PRO A 1 88  ? -1.533  -9.832  -11.972 1.00 17.07 ? 88  PRO A CB  1 
ATOM   687  C  CG  . PRO A 1 88  ? -0.843  -8.546  -12.254 1.00 16.93 ? 88  PRO A CG  1 
ATOM   688  C  CD  . PRO A 1 88  ? -1.814  -7.890  -13.207 1.00 17.18 ? 88  PRO A CD  1 
ATOM   689  N  N   . LEU A 1 89  ? -2.973  -8.024  -9.824  1.00 14.06 ? 89  LEU A N   1 
ATOM   690  C  CA  . LEU A 1 89  ? -3.300  -7.693  -8.429  1.00 13.97 ? 89  LEU A CA  1 
ATOM   691  C  C   . LEU A 1 89  ? -4.783  -7.584  -8.154  1.00 13.42 ? 89  LEU A C   1 
ATOM   692  O  O   . LEU A 1 89  ? -5.267  -8.106  -7.152  1.00 12.84 ? 89  LEU A O   1 
ATOM   693  C  CB  . LEU A 1 89  ? -2.641  -6.384  -8.007  1.00 13.54 ? 89  LEU A CB  1 
ATOM   694  C  CG  . LEU A 1 89  ? -1.129  -6.405  -7.893  1.00 14.73 ? 89  LEU A CG  1 
ATOM   695  C  CD1 . LEU A 1 89  ? -0.716  -5.073  -7.275  1.00 15.77 ? 89  LEU A CD1 1 
ATOM   696  C  CD2 . LEU A 1 89  ? -0.608  -7.558  -7.026  1.00 14.66 ? 89  LEU A CD2 1 
ATOM   697  N  N   . ALA A 1 90  ? -5.493  -6.846  -9.002  1.00 12.15 ? 90  ALA A N   1 
ATOM   698  C  CA  . ALA A 1 90  ? -6.951  -6.856  -8.966  1.00 13.43 ? 90  ALA A CA  1 
ATOM   699  C  C   . ALA A 1 90  ? -7.554  -8.257  -8.959  1.00 13.73 ? 90  ALA A C   1 
ATOM   700  O  O   . ALA A 1 90  ? -8.439  -8.602  -8.113  1.00 12.14 ? 90  ALA A O   1 
ATOM   701  C  CB  . ALA A 1 90  ? -7.505  -6.051  -10.153 1.00 13.67 ? 90  ALA A CB  1 
ATOM   702  N  N   . GLN A 1 91  ? -7.064  -9.109  -9.873  1.00 13.83 ? 91  GLN A N   1 
ATOM   703  C  CA  . GLN A 1 91  ? -7.574  -10.467 -9.926  1.00 15.73 ? 91  GLN A CA  1 
ATOM   704  C  C   . GLN A 1 91  ? -7.251  -11.223 -8.670  1.00 13.72 ? 91  GLN A C   1 
ATOM   705  O  O   . GLN A 1 91  ? -8.141  -11.851 -8.115  1.00 14.02 ? 91  GLN A O   1 
ATOM   706  C  CB  . GLN A 1 91  ? -7.012  -11.267 -11.108 1.00 19.11 ? 91  GLN A CB  1 
ATOM   707  C  CG  . GLN A 1 91  ? -7.491  -10.731 -12.426 1.00 22.96 ? 91  GLN A CG  1 
ATOM   708  C  CD  . GLN A 1 91  ? -6.714  -11.267 -13.635 1.00 28.67 ? 91  GLN A CD  1 
ATOM   709  O  OE1 . GLN A 1 91  ? -5.742  -12.080 -13.519 1.00 33.97 ? 91  GLN A OE1 1 
ATOM   710  N  NE2 . GLN A 1 91  ? -7.127  -10.811 -14.801 1.00 27.81 ? 91  GLN A NE2 1 
ATOM   711  N  N   . SER A 1 92  ? -5.991  -11.219 -8.226  1.00 11.90 ? 92  SER A N   1 
ATOM   712  C  CA  . SER A 1 92  ? -5.696  -12.044 -7.045  1.00 11.34 ? 92  SER A CA  1 
ATOM   713  C  C   . SER A 1 92  ? -6.393  -11.501 -5.801  1.00 11.07 ? 92  SER A C   1 
ATOM   714  O  O   . SER A 1 92  ? -6.928  -12.285 -5.014  1.00 10.53 ? 92  SER A O   1 
ATOM   715  C  CB  . SER A 1 92  ? -4.201  -12.223 -6.786  1.00 11.27 ? 92  SER A CB  1 
ATOM   716  O  OG  . SER A 1 92  ? -3.570  -11.016 -6.540  1.00 10.81 ? 92  SER A OG  1 
ATOM   717  N  N   . HIS A 1 93  ? -6.400  -10.165 -5.632  1.00 10.04 ? 93  HIS A N   1 
ATOM   718  C  CA  . HIS A 1 93  ? -7.009  -9.609  -4.422  1.00 10.03 ? 93  HIS A CA  1 
ATOM   719  C  C   . HIS A 1 93  ? -8.521  -9.713  -4.405  1.00 9.53  ? 93  HIS A C   1 
ATOM   720  O  O   . HIS A 1 93  ? -9.091  -10.017 -3.366  1.00 9.23  ? 93  HIS A O   1 
ATOM   721  C  CB  . HIS A 1 93  ? -6.489  -8.193  -4.082  1.00 9.47  ? 93  HIS A CB  1 
ATOM   722  C  CG  . HIS A 1 93  ? -5.046  -8.198  -3.690  1.00 9.04  ? 93  HIS A CG  1 
ATOM   723  N  ND1 . HIS A 1 93  ? -4.082  -8.846  -4.433  1.00 9.20  ? 93  HIS A ND1 1 
ATOM   724  C  CD2 . HIS A 1 93  ? -4.423  -7.739  -2.578  1.00 8.59  ? 93  HIS A CD2 1 
ATOM   725  C  CE1 . HIS A 1 93  ? -2.906  -8.688  -3.831  1.00 9.13  ? 93  HIS A CE1 1 
ATOM   726  N  NE2 . HIS A 1 93  ? -3.094  -8.017  -2.711  1.00 8.29  ? 93  HIS A NE2 1 
ATOM   727  N  N   . ALA A 1 94  ? -9.169  -9.555  -5.539  1.00 10.31 ? 94  ALA A N   1 
ATOM   728  C  CA  . ALA A 1 94  ? -10.604 -9.686  -5.549  1.00 11.11 ? 94  ALA A CA  1 
ATOM   729  C  C   . ALA A 1 94  ? -11.017 -11.201 -5.482  1.00 13.13 ? 94  ALA A C   1 
ATOM   730  O  O   . ALA A 1 94  ? -11.918 -11.533 -4.701  1.00 14.40 ? 94  ALA A O   1 
ATOM   731  C  CB  . ALA A 1 94  ? -11.227 -9.004  -6.747  1.00 10.48 ? 94  ALA A CB  1 
ATOM   732  N  N   . THR A 1 95  ? -10.360 -12.074 -6.254  1.00 15.03 ? 95  THR A N   1 
ATOM   733  C  CA  . THR A 1 95  ? -10.885 -13.437 -6.474  1.00 17.50 ? 95  THR A CA  1 
ATOM   734  C  C   . THR A 1 95  ? -10.246 -14.502 -5.623  1.00 19.61 ? 95  THR A C   1 
ATOM   735  O  O   . THR A 1 95  ? -10.949 -15.414 -5.224  1.00 19.72 ? 95  THR A O   1 
ATOM   736  C  CB  . THR A 1 95  ? -10.899 -13.856 -7.982  1.00 19.42 ? 95  THR A CB  1 
ATOM   737  O  OG1 . THR A 1 95  ? -9.584  -13.996 -8.507  1.00 24.01 ? 95  THR A OG1 1 
ATOM   738  C  CG2 . THR A 1 95  ? -11.644 -12.858 -8.785  1.00 19.36 ? 95  THR A CG2 1 
ATOM   739  N  N   . LYS A 1 96  ? -8.954  -14.391 -5.336  1.00 18.22 ? 96  LYS A N   1 
ATOM   740  C  CA  . LYS A 1 96  ? -8.291  -15.317 -4.454  1.00 18.88 ? 96  LYS A CA  1 
ATOM   741  C  C   . LYS A 1 96  ? -8.253  -14.807 -3.014  1.00 17.77 ? 96  LYS A C   1 
ATOM   742  O  O   . LYS A 1 96  ? -8.762  -15.467 -2.121  1.00 17.05 ? 96  LYS A O   1 
ATOM   743  C  CB  . LYS A 1 96  ? -6.898  -15.653 -4.951  1.00 19.82 ? 96  LYS A CB  1 
ATOM   744  C  CG  . LYS A 1 96  ? -6.416  -16.937 -4.361  1.00 22.47 ? 96  LYS A CG  1 
ATOM   745  C  CD  . LYS A 1 96  ? -4.979  -17.170 -4.720  1.00 26.50 ? 96  LYS A CD  1 
ATOM   746  C  CE  . LYS A 1 96  ? -4.485  -18.448 -4.050  1.00 31.01 ? 96  LYS A CE  1 
ATOM   747  N  NZ  . LYS A 1 96  ? -3.931  -18.076 -2.730  1.00 34.69 ? 96  LYS A NZ  1 
ATOM   748  N  N   . HIS A 1 97  ? -7.674  -13.640 -2.772  1.00 16.02 ? 97  HIS A N   1 
ATOM   749  C  CA  . HIS A 1 97  ? -7.503  -13.203 -1.380  1.00 14.48 ? 97  HIS A CA  1 
ATOM   750  C  C   . HIS A 1 97  ? -8.794  -12.630 -0.767  1.00 14.90 ? 97  HIS A C   1 
ATOM   751  O  O   . HIS A 1 97  ? -8.935  -12.633 0.438   1.00 13.46 ? 97  HIS A O   1 
ATOM   752  C  CB  . HIS A 1 97  ? -6.380  -12.225 -1.242  1.00 15.21 ? 97  HIS A CB  1 
ATOM   753  C  CG  . HIS A 1 97  ? -5.126  -12.646 -1.905  1.00 15.27 ? 97  HIS A CG  1 
ATOM   754  N  ND1 . HIS A 1 97  ? -4.577  -13.921 -1.770  1.00 15.07 ? 97  HIS A ND1 1 
ATOM   755  C  CD2 . HIS A 1 97  ? -4.308  -11.962 -2.739  1.00 14.89 ? 97  HIS A CD2 1 
ATOM   756  C  CE1 . HIS A 1 97  ? -3.473  -13.981 -2.490  1.00 15.05 ? 97  HIS A CE1 1 
ATOM   757  N  NE2 . HIS A 1 97  ? -3.287  -12.805 -3.088  1.00 14.41 ? 97  HIS A NE2 1 
ATOM   758  N  N   . LYS A 1 98  ? -9.721  -12.161 -1.606  1.00 14.12 ? 98  LYS A N   1 
ATOM   759  C  CA  . LYS A 1 98  ? -11.051 -11.682 -1.222  1.00 16.68 ? 98  LYS A CA  1 
ATOM   760  C  C   . LYS A 1 98  ? -10.969 -10.434 -0.315  1.00 14.50 ? 98  LYS A C   1 
ATOM   761  O  O   . LYS A 1 98  ? -11.533 -10.349 0.774   1.00 13.56 ? 98  LYS A O   1 
ATOM   762  C  CB  . LYS A 1 98  ? -11.903 -12.812 -0.631  1.00 19.69 ? 98  LYS A CB  1 
ATOM   763  C  CG  . LYS A 1 98  ? -12.116 -13.977 -1.594  1.00 24.35 ? 98  LYS A CG  1 
ATOM   764  C  CD  . LYS A 1 98  ? -12.650 -15.220 -0.860  1.00 30.07 ? 98  LYS A CD  1 
ATOM   765  C  CE  . LYS A 1 98  ? -12.338 -16.518 -1.615  1.00 34.09 ? 98  LYS A CE  1 
ATOM   766  N  NZ  . LYS A 1 98  ? -13.029 -16.519 -2.937  1.00 33.26 ? 98  LYS A NZ  1 
ATOM   767  N  N   . ILE A 1 99  ? -10.275 -9.448  -0.825  1.00 12.72 ? 99  ILE A N   1 
ATOM   768  C  CA  . ILE A 1 99  ? -9.930  -8.244  -0.100  1.00 12.45 ? 99  ILE A CA  1 
ATOM   769  C  C   . ILE A 1 99  ? -10.882 -7.175  -0.562  1.00 11.82 ? 99  ILE A C   1 
ATOM   770  O  O   . ILE A 1 99  ? -10.801 -6.734  -1.722  1.00 13.96 ? 99  ILE A O   1 
ATOM   771  C  CB  . ILE A 1 99  ? -8.469  -7.776  -0.426  1.00 11.95 ? 99  ILE A CB  1 
ATOM   772  C  CG1 . ILE A 1 99  ? -7.453  -8.861  -0.090  1.00 12.21 ? 99  ILE A CG1 1 
ATOM   773  C  CG2 . ILE A 1 99  ? -8.133  -6.480  0.313   1.00 12.27 ? 99  ILE A CG2 1 
ATOM   774  C  CD1 . ILE A 1 99  ? -7.581  -9.533  1.257   1.00 11.98 ? 99  ILE A CD1 1 
ATOM   775  N  N   . PRO A 1 100 ? -11.788 -6.730  0.309   1.00 11.06 ? 100 PRO A N   1 
ATOM   776  C  CA  . PRO A 1 100 ? -12.681 -5.636  -0.040  1.00 11.25 ? 100 PRO A CA  1 
ATOM   777  C  C   . PRO A 1 100 ? -11.860 -4.364  -0.397  1.00 12.08 ? 100 PRO A C   1 
ATOM   778  O  O   . PRO A 1 100 ? -10.801 -4.126  0.176   1.00 10.79 ? 100 PRO A O   1 
ATOM   779  C  CB  . PRO A 1 100 ? -13.524 -5.433  1.248   1.00 11.39 ? 100 PRO A CB  1 
ATOM   780  C  CG  . PRO A 1 100 ? -13.321 -6.681  2.053   1.00 11.13 ? 100 PRO A CG  1 
ATOM   781  C  CD  . PRO A 1 100 ? -11.994 -7.203  1.696   1.00 11.60 ? 100 PRO A CD  1 
ATOM   782  N  N   . ILE A 1 101 ? -12.326 -3.583  -1.369  1.00 12.44 ? 101 ILE A N   1 
ATOM   783  C  CA  . ILE A 1 101 ? -11.627 -2.363  -1.754  1.00 13.62 ? 101 ILE A CA  1 
ATOM   784  C  C   . ILE A 1 101 ? -11.391 -1.352  -0.599  1.00 13.11 ? 101 ILE A C   1 
ATOM   785  O  O   . ILE A 1 101 ? -10.400 -0.602  -0.575  1.00 11.11 ? 101 ILE A O   1 
ATOM   786  C  CB  . ILE A 1 101 ? -12.347 -1.728  -2.963  1.00 15.95 ? 101 ILE A CB  1 
ATOM   787  C  CG1 . ILE A 1 101 ? -11.563 -0.551  -3.530  1.00 18.48 ? 101 ILE A CG1 1 
ATOM   788  C  CG2 . ILE A 1 101 ? -13.717 -1.238  -2.606  1.00 16.95 ? 101 ILE A CG2 1 
ATOM   789  C  CD1 . ILE A 1 101 ? -10.978 -0.914  -4.846  1.00 19.36 ? 101 ILE A CD1 1 
ATOM   790  N  N   . LYS A 1 102 ? -12.327 -1.333  0.348   1.00 13.14 ? 102 LYS A N   1 
ATOM   791  C  CA  . LYS A 1 102 ? -12.157 -0.615  1.600   1.00 14.09 ? 102 LYS A CA  1 
ATOM   792  C  C   . LYS A 1 102 ? -10.836 -0.936  2.252   1.00 12.33 ? 102 LYS A C   1 
ATOM   793  O  O   . LYS A 1 102 ? -10.272 -0.090  2.872   1.00 11.99 ? 102 LYS A O   1 
ATOM   794  C  CB  . LYS A 1 102 ? -13.288 -1.019  2.581   1.00 16.79 ? 102 LYS A CB  1 
ATOM   795  C  CG  . LYS A 1 102 ? -13.406 -0.113  3.814   1.00 19.93 ? 102 LYS A CG  1 
ATOM   796  C  CD  . LYS A 1 102 ? -13.975 1.245   3.423   1.00 23.73 ? 102 LYS A CD  1 
ATOM   797  C  CE  . LYS A 1 102 ? -14.126 2.166   4.618   1.00 25.62 ? 102 LYS A CE  1 
ATOM   798  N  NZ  . LYS A 1 102 ? -14.347 3.539   4.105   1.00 27.90 ? 102 LYS A NZ  1 
ATOM   799  N  N   . TYR A 1 103 ? -10.345 -2.164  2.172   1.00 12.07 ? 103 TYR A N   1 
ATOM   800  C  CA  . TYR A 1 103 ? -9.077  -2.456  2.873   1.00 12.05 ? 103 TYR A CA  1 
ATOM   801  C  C   . TYR A 1 103 ? -7.903  -1.808  2.121   1.00 10.97 ? 103 TYR A C   1 
ATOM   802  O  O   . TYR A 1 103 ? -6.916  -1.493  2.718   1.00 9.28  ? 103 TYR A O   1 
ATOM   803  C  CB  . TYR A 1 103 ? -8.805  -3.920  3.039   1.00 13.19 ? 103 TYR A CB  1 
ATOM   804  C  CG  . TYR A 1 103 ? -9.754  -4.745  3.927   1.00 15.01 ? 103 TYR A CG  1 
ATOM   805  C  CD1 . TYR A 1 103 ? -10.919 -4.236  4.482   1.00 18.08 ? 103 TYR A CD1 1 
ATOM   806  C  CD2 . TYR A 1 103 ? -9.475  -6.092  4.106   1.00 16.56 ? 103 TYR A CD2 1 
ATOM   807  C  CE1 . TYR A 1 103 ? -11.765 -5.082  5.245   1.00 18.12 ? 103 TYR A CE1 1 
ATOM   808  C  CE2 . TYR A 1 103 ? -10.278 -6.924  4.844   1.00 19.13 ? 103 TYR A CE2 1 
ATOM   809  C  CZ  . TYR A 1 103 ? -11.419 -6.432  5.417   1.00 19.02 ? 103 TYR A CZ  1 
ATOM   810  O  OH  . TYR A 1 103 ? -12.156 -7.377  6.168   1.00 22.50 ? 103 TYR A OH  1 
ATOM   811  N  N   . LEU A 1 104 ? -8.049  -1.618  0.813   1.00 10.32 ? 104 LEU A N   1 
ATOM   812  C  CA  . LEU A 1 104 ? -7.012  -0.912  0.059   1.00 10.90 ? 104 LEU A CA  1 
ATOM   813  C  C   . LEU A 1 104 ? -6.997  0.547   0.442   1.00 10.06 ? 104 LEU A C   1 
ATOM   814  O  O   . LEU A 1 104 ? -5.952  1.153   0.417   1.00 9.34  ? 104 LEU A O   1 
ATOM   815  C  CB  . LEU A 1 104 ? -7.171  -1.128  -1.449  1.00 11.77 ? 104 LEU A CB  1 
ATOM   816  C  CG  . LEU A 1 104 ? -7.207  -2.571  -1.934  1.00 12.87 ? 104 LEU A CG  1 
ATOM   817  C  CD1 . LEU A 1 104 ? -7.232  -2.586  -3.448  1.00 14.79 ? 104 LEU A CD1 1 
ATOM   818  C  CD2 . LEU A 1 104 ? -6.039  -3.358  -1.492  1.00 13.92 ? 104 LEU A CD2 1 
ATOM   819  N  N   . GLU A 1 105 ? -8.155  1.101   0.806   1.00 10.42 ? 105 GLU A N   1 
ATOM   820  C  CA  . GLU A 1 105 ? -8.238  2.441   1.364   1.00 11.29 ? 105 GLU A CA  1 
ATOM   821  C  C   . GLU A 1 105 ? -7.512  2.517   2.693   1.00 10.92 ? 105 GLU A C   1 
ATOM   822  O  O   . GLU A 1 105 ? -6.649  3.398   2.853   1.00 10.42 ? 105 GLU A O   1 
ATOM   823  C  CB  . GLU A 1 105 ? -9.694  2.874   1.546   1.00 13.83 ? 105 GLU A CB  1 
ATOM   824  C  CG  . GLU A 1 105 ? -9.805  4.261   2.150   1.00 16.14 ? 105 GLU A CG  1 
ATOM   825  C  CD  . GLU A 1 105 ? -11.205 4.621   2.520   1.00 18.64 ? 105 GLU A CD  1 
ATOM   826  O  OE1 . GLU A 1 105 ? -12.150 3.954   2.080   1.00 24.87 ? 105 GLU A OE1 1 
ATOM   827  O  OE2 . GLU A 1 105 ? -11.374 5.572   3.260   1.00 23.31 ? 105 GLU A OE2 1 
ATOM   828  N  N   . PHE A 1 106 ? -7.779  1.557   3.601   1.00 9.70  ? 106 PHE A N   1 
ATOM   829  C  CA  . PHE A 1 106 ? -6.994  1.481   4.847   1.00 9.94  ? 106 PHE A CA  1 
ATOM   830  C  C   . PHE A 1 106 ? -5.474  1.410   4.600   1.00 9.31  ? 106 PHE A C   1 
ATOM   831  O  O   . PHE A 1 106 ? -4.686  2.087   5.288   1.00 8.39  ? 106 PHE A O   1 
ATOM   832  C  CB  . PHE A 1 106 ? -7.369  0.282   5.646   1.00 11.08 ? 106 PHE A CB  1 
ATOM   833  C  CG  . PHE A 1 106 ? -8.851  0.206   6.027   1.00 12.07 ? 106 PHE A CG  1 
ATOM   834  C  CD1 . PHE A 1 106 ? -9.630  1.335   6.161   1.00 14.10 ? 106 PHE A CD1 1 
ATOM   835  C  CD2 . PHE A 1 106 ? -9.377  -0.998  6.371   1.00 13.87 ? 106 PHE A CD2 1 
ATOM   836  C  CE1 . PHE A 1 106 ? -10.965 1.247   6.585   1.00 15.33 ? 106 PHE A CE1 1 
ATOM   837  C  CE2 . PHE A 1 106 ? -10.723 -1.119  6.767   1.00 14.31 ? 106 PHE A CE2 1 
ATOM   838  C  CZ  . PHE A 1 106 ? -11.495 0.008   6.895   1.00 14.67 ? 106 PHE A CZ  1 
ATOM   839  N  N   . TYR A 1 107 ? -5.088  0.581   3.635   1.00 8.61  ? 107 TYR A N   1 
ATOM   840  C  CA  . TYR A 1 107 ? -3.684  0.447   3.279   1.00 10.00 ? 107 TYR A CA  1 
ATOM   841  C  C   . TYR A 1 107 ? -3.061  1.748   2.797   1.00 8.81  ? 107 TYR A C   1 
ATOM   842  O  O   . TYR A 1 107 ? -1.927  2.091   3.212   1.00 8.71  ? 107 TYR A O   1 
ATOM   843  C  CB  . TYR A 1 107 ? -3.523  -0.695  2.277   1.00 11.99 ? 107 TYR A CB  1 
ATOM   844  C  CG  . TYR A 1 107 ? -2.102  -1.128  1.993   1.00 15.83 ? 107 TYR A CG  1 
ATOM   845  C  CD1 . TYR A 1 107 ? -1.401  -0.536  0.994   1.00 20.11 ? 107 TYR A CD1 1 
ATOM   846  C  CD2 . TYR A 1 107 ? -1.512  -2.193  2.633   1.00 18.20 ? 107 TYR A CD2 1 
ATOM   847  C  CE1 . TYR A 1 107 ? -0.100  -0.944  0.677   1.00 22.78 ? 107 TYR A CE1 1 
ATOM   848  C  CE2 . TYR A 1 107 ? -0.231  -2.628  2.291   1.00 20.89 ? 107 TYR A CE2 1 
ATOM   849  C  CZ  . TYR A 1 107 ? 0.469   -1.972  1.309   1.00 22.71 ? 107 TYR A CZ  1 
ATOM   850  O  OH  . TYR A 1 107 ? 1.779   -2.312  0.920   1.00 27.62 ? 107 TYR A OH  1 
ATOM   851  N  N   . SER A 1 108 ? -3.771  2.485   1.926   1.00 8.48  ? 108 SER A N   1 
ATOM   852  C  CA  . SER A 1 108 ? -3.288  3.765   1.443   1.00 8.71  ? 108 SER A CA  1 
ATOM   853  C  C   . SER A 1 108 ? -3.098  4.754   2.594   1.00 9.07  ? 108 SER A C   1 
ATOM   854  O  O   . SER A 1 108 ? -2.089  5.448   2.702   1.00 8.19  ? 108 SER A O   1 
ATOM   855  C  CB  . SER A 1 108 ? -4.265  4.349   0.412   1.00 9.41  ? 108 SER A CB  1 
ATOM   856  O  OG  . SER A 1 108 ? -4.440  3.399   -0.624  1.00 9.80  ? 108 SER A OG  1 
ATOM   857  N  N   . ASP A 1 109 ? -4.097  4.829   3.456   1.00 10.06 ? 109 ASP A N   1 
ATOM   858  C  CA  . ASP A 1 109 ? -4.016  5.657   4.654   1.00 10.73 ? 109 ASP A CA  1 
ATOM   859  C  C   . ASP A 1 109 ? -2.802  5.269   5.537   1.00 9.47  ? 109 ASP A C   1 
ATOM   860  O  O   . ASP A 1 109 ? -2.167  6.133   6.102   1.00 7.99  ? 109 ASP A O   1 
ATOM   861  C  CB  . ASP A 1 109 ? -5.298  5.533   5.473   1.00 13.56 ? 109 ASP A CB  1 
ATOM   862  C  CG  . ASP A 1 109 ? -6.486  6.162   4.818   1.00 16.22 ? 109 ASP A CG  1 
ATOM   863  O  OD1 . ASP A 1 109 ? -6.319  7.000   3.888   1.00 20.05 ? 109 ASP A OD1 1 
ATOM   864  O  OD2 . ASP A 1 109 ? -7.589  5.873   5.311   1.00 19.81 ? 109 ASP A OD2 1 
ATOM   865  N  N   . ALA A 1 110 ? -2.503  3.973   5.639   1.00 9.33  ? 110 ALA A N   1 
ATOM   866  C  CA  . ALA A 1 110 ? -1.409  3.488   6.460   1.00 9.26  ? 110 ALA A CA  1 
ATOM   867  C  C   . ALA A 1 110 ? -0.043  3.927   5.879   1.00 8.71  ? 110 ALA A C   1 
ATOM   868  O  O   . ALA A 1 110 ? 0.858   4.332   6.599   1.00 8.19  ? 110 ALA A O   1 
ATOM   869  C  CB  . ALA A 1 110 ? -1.505  1.954   6.635   1.00 8.92  ? 110 ALA A CB  1 
ATOM   870  N  N   . ILE A 1 111 ? 0.036   3.997   4.544   1.00 8.14  ? 111 ILE A N   1 
ATOM   871  C  CA  . ILE A 1 111 ? 1.245   4.463   3.895   1.00 8.03  ? 111 ILE A CA  1 
ATOM   872  C  C   . ILE A 1 111 ? 1.478   5.955   4.270   1.00 7.81  ? 111 ILE A C   1 
ATOM   873  O  O   . ILE A 1 111 ? 2.587   6.349   4.657   1.00 7.22  ? 111 ILE A O   1 
ATOM   874  C  CB  . ILE A 1 111 ? 1.130   4.319   2.358   1.00 8.15  ? 111 ILE A CB  1 
ATOM   875  C  CG1 . ILE A 1 111 ? 1.250   2.844   1.978   1.00 8.87  ? 111 ILE A CG1 1 
ATOM   876  C  CG2 . ILE A 1 111 ? 2.211   5.150   1.676   1.00 8.79  ? 111 ILE A CG2 1 
ATOM   877  C  CD1 . ILE A 1 111 ? 0.861   2.492   0.556   1.00 9.67  ? 111 ILE A CD1 1 
ATOM   878  N  N   . ILE A 1 112 ? 0.412   6.758   4.172   1.00 7.67  ? 112 ILE A N   1 
ATOM   879  C  CA  . ILE A 1 112 ? 0.542   8.205   4.556   1.00 7.67  ? 112 ILE A CA  1 
ATOM   880  C  C   . ILE A 1 112 ? 0.988   8.315   6.044   1.00 7.29  ? 112 ILE A C   1 
ATOM   881  O  O   . ILE A 1 112 ? 1.929   9.024   6.379   1.00 7.14  ? 112 ILE A O   1 
ATOM   882  C  CB  . ILE A 1 112 ? -0.768  8.954   4.264   1.00 7.60  ? 112 ILE A CB  1 
ATOM   883  C  CG1 . ILE A 1 112 ? -1.121  8.982   2.769   1.00 8.04  ? 112 ILE A CG1 1 
ATOM   884  C  CG2 . ILE A 1 112 ? -0.713  10.399  4.756   1.00 7.80  ? 112 ILE A CG2 1 
ATOM   885  C  CD1 . ILE A 1 112 ? -0.042  9.510   1.847   1.00 7.95  ? 112 ILE A CD1 1 
ATOM   886  N  N   . HIS A 1 113 ? 0.326   7.600   6.929   1.00 7.77  ? 113 HIS A N   1 
ATOM   887  C  CA  . HIS A 1 113 ? 0.654   7.634   8.332   1.00 8.56  ? 113 HIS A CA  1 
ATOM   888  C  C   . HIS A 1 113 ? 2.121   7.279   8.598   1.00 8.06  ? 113 HIS A C   1 
ATOM   889  O  O   . HIS A 1 113 ? 2.841   7.992   9.328   1.00 7.52  ? 113 HIS A O   1 
ATOM   890  C  CB  . HIS A 1 113 ? -0.241  6.636   9.117   1.00 10.62 ? 113 HIS A CB  1 
ATOM   891  C  CG  . HIS A 1 113 ? 0.198   6.486   10.552  1.00 12.69 ? 113 HIS A CG  1 
ATOM   892  N  ND1 . HIS A 1 113 ? -0.116  7.406   11.532  1.00 13.90 ? 113 HIS A ND1 1 
ATOM   893  C  CD2 . HIS A 1 113 ? 0.982   5.553   11.148  1.00 14.41 ? 113 HIS A CD2 1 
ATOM   894  C  CE1 . HIS A 1 113 ? 0.455   7.048   12.669  1.00 14.56 ? 113 HIS A CE1 1 
ATOM   895  N  NE2 . HIS A 1 113 ? 1.124   5.927   12.466  1.00 15.66 ? 113 HIS A NE2 1 
ATOM   896  N  N   . VAL A 1 114 ? 2.551   6.150   8.019   1.00 7.43  ? 114 VAL A N   1 
ATOM   897  C  CA  . VAL A 1 114 ? 3.908   5.660   8.174   1.00 7.44  ? 114 VAL A CA  1 
ATOM   898  C  C   . VAL A 1 114 ? 4.958   6.657   7.635   1.00 7.05  ? 114 VAL A C   1 
ATOM   899  O  O   . VAL A 1 114 ? 6.042   6.815   8.223   1.00 6.79  ? 114 VAL A O   1 
ATOM   900  C  CB  . VAL A 1 114 ? 4.076   4.233   7.535   1.00 7.95  ? 114 VAL A CB  1 
ATOM   901  C  CG1 . VAL A 1 114 ? 5.552   3.831   7.533   1.00 8.15  ? 114 VAL A CG1 1 
ATOM   902  C  CG2 . VAL A 1 114 ? 3.283   3.211   8.335   1.00 8.44  ? 114 VAL A CG2 1 
ATOM   903  N  N   . LEU A 1 115 ? 4.696   7.286   6.497   1.00 7.23  ? 115 LEU A N   1 
ATOM   904  C  CA  . LEU A 1 115 ? 5.606   8.293   5.982   1.00 7.57  ? 115 LEU A CA  1 
ATOM   905  C  C   . LEU A 1 115 ? 5.767   9.464   6.994   1.00 7.62  ? 115 LEU A C   1 
ATOM   906  O  O   . LEU A 1 115 ? 6.891   9.931   7.230   1.00 7.60  ? 115 LEU A O   1 
ATOM   907  C  CB  . LEU A 1 115 ? 5.144   8.820   4.630   1.00 7.68  ? 115 LEU A CB  1 
ATOM   908  C  CG  . LEU A 1 115 ? 5.305   7.845   3.467   1.00 8.06  ? 115 LEU A CG  1 
ATOM   909  C  CD1 . LEU A 1 115 ? 4.535   8.292   2.241   1.00 8.44  ? 115 LEU A CD1 1 
ATOM   910  C  CD2 . LEU A 1 115 ? 6.788   7.662   3.176   1.00 8.92  ? 115 LEU A CD2 1 
ATOM   911  N  N   . HIS A 1 116 ? 4.670   9.947   7.565   1.00 7.60  ? 116 HIS A N   1 
ATOM   912  C  CA  . HIS A 1 116 ? 4.770   11.061  8.560   1.00 8.50  ? 116 HIS A CA  1 
ATOM   913  C  C   . HIS A 1 116 ? 5.475   10.604  9.807   1.00 9.19  ? 116 HIS A C   1 
ATOM   914  O  O   . HIS A 1 116 ? 6.290   11.328  10.381  1.00 9.34  ? 116 HIS A O   1 
ATOM   915  C  CB  . HIS A 1 116 ? 3.358   11.592  8.926   1.00 8.30  ? 116 HIS A CB  1 
ATOM   916  C  CG  . HIS A 1 116 ? 2.811   12.551  7.932   1.00 8.24  ? 116 HIS A CG  1 
ATOM   917  N  ND1 . HIS A 1 116 ? 3.470   13.724  7.596   1.00 8.06  ? 116 HIS A ND1 1 
ATOM   918  C  CD2 . HIS A 1 116 ? 1.655   12.541  7.221   1.00 8.18  ? 116 HIS A CD2 1 
ATOM   919  C  CE1 . HIS A 1 116 ? 2.764   14.353  6.673   1.00 8.67  ? 116 HIS A CE1 1 
ATOM   920  N  NE2 . HIS A 1 116 ? 1.627   13.695  6.474   1.00 8.10  ? 116 HIS A NE2 1 
ATOM   921  N  N   . SER A 1 117 ? 5.164   9.373   10.233  1.00 9.95  ? 117 SER A N   1 
ATOM   922  C  CA  . SER A 1 117 ? 5.749   8.818   11.456  1.00 10.39 ? 117 SER A CA  1 
ATOM   923  C  C   . SER A 1 117 ? 7.279   8.561   11.369  1.00 11.26 ? 117 SER A C   1 
ATOM   924  O  O   . SER A 1 117 ? 8.015   8.785   12.343  1.00 9.69  ? 117 SER A O   1 
ATOM   925  C  CB  . SER A 1 117 ? 5.029   7.546   11.866  1.00 11.34 ? 117 SER A CB  1 
ATOM   926  O  OG  . SER A 1 117 ? 5.689   6.982   12.983  1.00 13.23 ? 117 SER A OG  1 
ATOM   927  N  N   . LYS A 1 118 ? 7.738   8.055   10.224  1.00 11.05 ? 118 LYS A N   1 
ATOM   928  C  CA  . LYS A 1 118 ? 9.163   7.841   10.019  1.00 10.91 ? 118 LYS A CA  1 
ATOM   929  C  C   . LYS A 1 118 ? 9.928   9.069   9.570   1.00 9.97  ? 118 LYS A C   1 
ATOM   930  O  O   . LYS A 1 118 ? 11.153  9.123   9.738   1.00 9.90  ? 118 LYS A O   1 
ATOM   931  C  CB  . LYS A 1 118 ? 9.373   6.681   9.013   1.00 11.26 ? 118 LYS A CB  1 
ATOM   932  C  CG  . LYS A 1 118 ? 8.893   5.361   9.610   1.00 13.35 ? 118 LYS A CG  1 
ATOM   933  C  CD  . LYS A 1 118 ? 9.146   4.199   8.648   1.00 14.69 ? 118 LYS A CD  1 
ATOM   934  C  CE  . LYS A 1 118 ? 10.620  3.789   8.727   1.00 16.32 ? 118 LYS A CE  1 
ATOM   935  N  NZ  . LYS A 1 118 ? 10.776  2.860   9.876   1.00 17.55 ? 118 LYS A NZ  1 
ATOM   936  N  N   . HIS A 1 119 ? 9.236   10.062  9.009   1.00 8.99  ? 119 HIS A N   1 
ATOM   937  C  CA  . HIS A 1 119 ? 9.876   11.245  8.423   1.00 9.06  ? 119 HIS A CA  1 
ATOM   938  C  C   . HIS A 1 119 ? 9.159   12.585  8.857   1.00 9.43  ? 119 HIS A C   1 
ATOM   939  O  O   . HIS A 1 119 ? 8.839   13.408  8.014   1.00 9.03  ? 119 HIS A O   1 
ATOM   940  C  CB  . HIS A 1 119 ? 9.868   11.108  6.913   1.00 8.37  ? 119 HIS A CB  1 
ATOM   941  C  CG  . HIS A 1 119 ? 10.426  9.809   6.423   1.00 7.79  ? 119 HIS A CG  1 
ATOM   942  N  ND1 . HIS A 1 119 ? 11.772  9.599   6.248   1.00 7.42  ? 119 HIS A ND1 1 
ATOM   943  C  CD2 . HIS A 1 119 ? 9.807   8.674   6.012   1.00 8.31  ? 119 HIS A CD2 1 
ATOM   944  C  CE1 . HIS A 1 119 ? 11.964  8.362   5.797   1.00 8.00  ? 119 HIS A CE1 1 
ATOM   945  N  NE2 . HIS A 1 119 ? 10.783  7.776   5.650   1.00 7.65  ? 119 HIS A NE2 1 
ATOM   946  N  N   . PRO A 1 120 ? 8.899   12.746  10.173  1.00 9.92  ? 120 PRO A N   1 
ATOM   947  C  CA  . PRO A 1 120 ? 8.052   13.846  10.636  1.00 10.60 ? 120 PRO A CA  1 
ATOM   948  C  C   . PRO A 1 120 ? 8.669   15.172  10.266  1.00 11.34 ? 120 PRO A C   1 
ATOM   949  O  O   . PRO A 1 120 ? 9.874   15.356  10.443  1.00 10.93 ? 120 PRO A O   1 
ATOM   950  C  CB  . PRO A 1 120 ? 8.019   13.647  12.119  1.00 10.45 ? 120 PRO A CB  1 
ATOM   951  C  CG  . PRO A 1 120 ? 9.294   12.922  12.436  1.00 10.88 ? 120 PRO A CG  1 
ATOM   952  C  CD  . PRO A 1 120 ? 9.385   11.935  11.294  1.00 10.56 ? 120 PRO A CD  1 
ATOM   953  N  N   . GLY A 1 121 ? 7.906   16.065  9.660   1.00 12.25 ? 121 GLY A N   1 
ATOM   954  C  CA  . GLY A 1 121 ? 8.553   17.302  9.281   1.00 13.07 ? 121 GLY A CA  1 
ATOM   955  C  C   . GLY A 1 121 ? 9.270   17.226  7.970   1.00 14.62 ? 121 GLY A C   1 
ATOM   956  O  O   . GLY A 1 121 ? 9.748   18.234  7.513   1.00 12.48 ? 121 GLY A O   1 
ATOM   957  N  N   . ASP A 1 122 ? 9.343   16.052  7.336   1.00 14.34 ? 122 ASP A N   1 
ATOM   958  C  CA  . ASP A 1 122 ? 10.034  15.931  6.071   1.00 16.28 ? 122 ASP A CA  1 
ATOM   959  C  C   . ASP A 1 122 ? 9.102   15.416  4.961   1.00 14.46 ? 122 ASP A C   1 
ATOM   960  O  O   . ASP A 1 122 ? 9.566   15.144  3.861   1.00 14.76 ? 122 ASP A O   1 
ATOM   961  C  CB  . ASP A 1 122 ? 11.239  14.977  6.273   1.00 20.06 ? 122 ASP A CB  1 
ATOM   962  C  CG  . ASP A 1 122 ? 12.225  15.011  5.152   1.00 24.91 ? 122 ASP A CG  1 
ATOM   963  O  OD1 . ASP A 1 122 ? 12.396  16.047  4.478   1.00 27.02 ? 122 ASP A OD1 1 
ATOM   964  O  OD2 . ASP A 1 122 ? 12.857  13.955  4.931   1.00 32.27 ? 122 ASP A OD2 1 
ATOM   965  N  N   . PHE A 1 123 ? 7.794   15.328  5.231   1.00 12.49 ? 123 PHE A N   1 
ATOM   966  C  CA  . PHE A 1 123 ? 6.799   14.905  4.219   1.00 11.56 ? 123 PHE A CA  1 
ATOM   967  C  C   . PHE A 1 123 ? 5.824   16.092  4.133   1.00 10.86 ? 123 PHE A C   1 
ATOM   968  O  O   . PHE A 1 123 ? 4.821   16.169  4.890   1.00 10.40 ? 123 PHE A O   1 
ATOM   969  C  CB  . PHE A 1 123 ? 6.123   13.606  4.724   1.00 11.00 ? 123 PHE A CB  1 
ATOM   970  C  CG  . PHE A 1 123 ? 5.079   12.995  3.792   1.00 10.04 ? 123 PHE A CG  1 
ATOM   971  C  CD1 . PHE A 1 123 ? 5.188   13.057  2.407   1.00 10.08 ? 123 PHE A CD1 1 
ATOM   972  C  CD2 . PHE A 1 123 ? 3.999   12.294  4.334   1.00 9.81  ? 123 PHE A CD2 1 
ATOM   973  C  CE1 . PHE A 1 123 ? 4.234   12.452  1.598   1.00 9.60  ? 123 PHE A CE1 1 
ATOM   974  C  CE2 . PHE A 1 123 ? 3.092   11.653  3.524   1.00 9.64  ? 123 PHE A CE2 1 
ATOM   975  C  CZ  . PHE A 1 123 ? 3.202   11.764  2.166   1.00 9.61  ? 123 PHE A CZ  1 
ATOM   976  N  N   . GLY A 1 124 ? 6.133   16.994  3.219   1.00 10.02 ? 124 GLY A N   1 
ATOM   977  C  CA  . GLY A 1 124 ? 5.493   18.320  3.179   1.00 11.38 ? 124 GLY A CA  1 
ATOM   978  C  C   . GLY A 1 124 ? 4.107   18.244  2.560   1.00 11.84 ? 124 GLY A C   1 
ATOM   979  O  O   . GLY A 1 124 ? 3.680   17.193  2.009   1.00 10.05 ? 124 GLY A O   1 
ATOM   980  N  N   . ALA A 1 125 ? 3.399   19.368  2.647   1.00 12.69 ? 125 ALA A N   1 
ATOM   981  C  CA  . ALA A 1 125 ? 1.994   19.386  2.292   1.00 11.53 ? 125 ALA A CA  1 
ATOM   982  C  C   . ALA A 1 125 ? 1.840   19.089  0.805   1.00 11.47 ? 125 ALA A C   1 
ATOM   983  O  O   . ALA A 1 125 ? 0.951   18.365  0.424   1.00 9.61  ? 125 ALA A O   1 
ATOM   984  C  CB  . ALA A 1 125 ? 1.361   20.747  2.642   1.00 12.07 ? 125 ALA A CB  1 
ATOM   985  N  N   . ASP A 1 126 ? 2.733   19.611  -0.025  1.00 12.03 ? 126 ASP A N   1 
ATOM   986  C  CA  . ASP A 1 126 ? 2.691   19.304  -1.451  1.00 13.31 ? 126 ASP A CA  1 
ATOM   987  C  C   . ASP A 1 126 ? 2.871   17.772  -1.781  1.00 11.96 ? 126 ASP A C   1 
ATOM   988  O  O   . ASP A 1 126 ? 2.126   17.208  -2.626  1.00 11.41 ? 126 ASP A O   1 
ATOM   989  C  CB  . ASP A 1 126 ? 3.669   20.241  -2.245  1.00 17.41 ? 126 ASP A CB  1 
ATOM   990  C  CG  . ASP A 1 126 ? 5.160   20.130  -1.826  1.00 20.60 ? 126 ASP A CG  1 
ATOM   991  O  OD1 . ASP A 1 126 ? 5.566   19.535  -0.784  1.00 23.39 ? 126 ASP A OD1 1 
ATOM   992  O  OD2 . ASP A 1 126 ? 5.966   20.676  -2.613  1.00 29.57 ? 126 ASP A OD2 1 
ATOM   993  N  N   . ALA A 1 127 ? 3.870   17.176  -1.154  1.00 10.44 ? 127 ALA A N   1 
ATOM   994  C  CA  . ALA A 1 127 ? 4.180   15.725  -1.198  1.00 11.47 ? 127 ALA A CA  1 
ATOM   995  C  C   . ALA A 1 127 ? 3.000   14.833  -0.718  1.00 10.86 ? 127 ALA A C   1 
ATOM   996  O  O   . ALA A 1 127 ? 2.655   13.839  -1.359  1.00 9.21  ? 127 ALA A O   1 
ATOM   997  C  CB  . ALA A 1 127 ? 5.402   15.436  -0.375  1.00 11.18 ? 127 ALA A CB  1 
ATOM   998  N  N   . GLN A 1 128 ? 2.369   15.200  0.383   1.00 10.32 ? 128 GLN A N   1 
ATOM   999  C  CA  . GLN A 1 128 ? 1.178   14.431  0.817   1.00 10.15 ? 128 GLN A CA  1 
ATOM   1000 C  C   . GLN A 1 128 ? 0.067   14.512  -0.222  1.00 10.02 ? 128 GLN A C   1 
ATOM   1001 O  O   . GLN A 1 128 ? -0.616  13.474  -0.488  1.00 7.83  ? 128 GLN A O   1 
ATOM   1002 C  CB  . GLN A 1 128 ? 0.638   14.860  2.204   1.00 9.71  ? 128 GLN A CB  1 
ATOM   1003 C  CG  . GLN A 1 128 ? -0.566  14.028  2.611   1.00 9.74  ? 128 GLN A CG  1 
ATOM   1004 C  CD  . GLN A 1 128 ? -1.129  14.374  3.988   1.00 9.22  ? 128 GLN A CD  1 
ATOM   1005 O  OE1 . GLN A 1 128 ? -2.333  14.067  4.311   1.00 10.34 ? 128 GLN A OE1 1 
ATOM   1006 N  NE2 . GLN A 1 128 ? -0.331  14.995  4.783   1.00 8.04  ? 128 GLN A NE2 1 
ATOM   1007 N  N   . GLY A 1 129 ? -0.124  15.724  -0.800  1.00 9.62  ? 129 GLY A N   1 
ATOM   1008 C  CA  . GLY A 1 129 ? -1.123  15.892  -1.892  1.00 9.12  ? 129 GLY A CA  1 
ATOM   1009 C  C   . GLY A 1 129 ? -0.876  14.972  -3.057  1.00 9.03  ? 129 GLY A C   1 
ATOM   1010 O  O   . GLY A 1 129 ? -1.772  14.262  -3.569  1.00 8.29  ? 129 GLY A O   1 
ATOM   1011 N  N   . ALA A 1 130 ? 0.359   14.978  -3.499  1.00 8.84  ? 130 ALA A N   1 
ATOM   1012 C  CA  . ALA A 1 130 ? 0.749   14.217  -4.683  1.00 8.72  ? 130 ALA A CA  1 
ATOM   1013 C  C   . ALA A 1 130 ? 0.687   12.719  -4.422  1.00 8.36  ? 130 ALA A C   1 
ATOM   1014 O  O   . ALA A 1 130 ? 0.103   11.999  -5.234  1.00 8.59  ? 130 ALA A O   1 
ATOM   1015 C  CB  . ALA A 1 130 ? 2.146   14.592  -5.107  1.00 8.79  ? 130 ALA A CB  1 
ATOM   1016 N  N   . MET A 1 131 ? 1.217   12.286  -3.283  1.00 7.95  ? 131 MET A N   1 
ATOM   1017 C  CA  . MET A 1 131 ? 1.149   10.861  -2.880  1.00 8.51  ? 131 MET A CA  1 
ATOM   1018 C  C   . MET A 1 131 ? -0.318  10.395  -2.725  1.00 7.80  ? 131 MET A C   1 
ATOM   1019 O  O   . MET A 1 131 ? -0.704  9.319   -3.233  1.00 6.60  ? 131 MET A O   1 
ATOM   1020 C  CB  . MET A 1 131 ? 1.940   10.620  -1.619  1.00 9.98  ? 131 MET A CB  1 
ATOM   1021 C  CG  . MET A 1 131 ? 2.054   9.140   -1.224  1.00 11.31 ? 131 MET A CG  1 
ATOM   1022 S  SD  . MET A 1 131 ? 2.740   8.088   -2.559  1.00 14.04 ? 131 MET A SD  1 
ATOM   1023 C  CE  . MET A 1 131 ? 4.402   8.607   -2.641  1.00 13.84 ? 131 MET A CE  1 
ATOM   1024 N  N   . THR A 1 132 ? -1.158  11.234  -2.142  1.00 6.99  ? 132 THR A N   1 
ATOM   1025 C  CA  . THR A 1 132 ? -2.580  10.862  -1.974  1.00 7.57  ? 132 THR A CA  1 
ATOM   1026 C  C   . THR A 1 132 ? -3.276  10.724  -3.332  1.00 7.95  ? 132 THR A C   1 
ATOM   1027 O  O   . THR A 1 132 ? -4.033  9.760   -3.602  1.00 7.58  ? 132 THR A O   1 
ATOM   1028 C  CB  . THR A 1 132 ? -3.272  11.951  -1.107  1.00 8.13  ? 132 THR A CB  1 
ATOM   1029 O  OG1 . THR A 1 132 ? -2.651  11.932  0.175   1.00 8.15  ? 132 THR A OG1 1 
ATOM   1030 C  CG2 . THR A 1 132 ? -4.733  11.646  -0.957  1.00 8.59  ? 132 THR A CG2 1 
ATOM   1031 N  N   . LYS A 1 133 ? -3.067  11.680  -4.223  1.00 8.31  ? 133 LYS A N   1 
ATOM   1032 C  CA  . LYS A 1 133 ? -3.555  11.489  -5.574  1.00 8.84  ? 133 LYS A CA  1 
ATOM   1033 C  C   . LYS A 1 133 ? -3.088  10.235  -6.303  1.00 7.61  ? 133 LYS A C   1 
ATOM   1034 O  O   . LYS A 1 133 ? -3.886  9.632   -7.060  1.00 6.56  ? 133 LYS A O   1 
ATOM   1035 C  CB  . LYS A 1 133 ? -3.175  12.662  -6.485  1.00 11.26 ? 133 LYS A CB  1 
ATOM   1036 C  CG  . LYS A 1 133 ? -3.884  13.965  -6.271  1.00 13.56 ? 133 LYS A CG  1 
ATOM   1037 C  CD  . LYS A 1 133 ? -3.550  14.921  -7.422  1.00 15.74 ? 133 LYS A CD  1 
ATOM   1038 C  CE  . LYS A 1 133 ? -4.337  14.543  -8.674  1.00 18.52 ? 133 LYS A CE  1 
ATOM   1039 N  NZ  . LYS A 1 133 ? -4.124  15.515  -9.805  1.00 21.47 ? 133 LYS A NZ  1 
ATOM   1040 N  N   . ALA A 1 134 ? -1.813  9.865   -6.169  1.00 7.09  ? 134 ALA A N   1 
ATOM   1041 C  CA  . ALA A 1 134 ? -1.324  8.620   -6.823  1.00 6.94  ? 134 ALA A CA  1 
ATOM   1042 C  C   . ALA A 1 134 ? -2.008  7.386   -6.300  1.00 7.01  ? 134 ALA A C   1 
ATOM   1043 O  O   . ALA A 1 134 ? -2.410  6.441   -7.065  1.00 6.27  ? 134 ALA A O   1 
ATOM   1044 C  CB  . ALA A 1 134 ? 0.200   8.479   -6.671  1.00 6.79  ? 134 ALA A CB  1 
ATOM   1045 N  N   . LEU A 1 135 ? -2.141  7.382   -4.979  1.00 7.32  ? 135 LEU A N   1 
ATOM   1046 C  CA  . LEU A 1 135 ? -2.837  6.278   -4.311  1.00 8.04  ? 135 LEU A CA  1 
ATOM   1047 C  C   . LEU A 1 135 ? -4.295  6.174   -4.667  1.00 8.44  ? 135 LEU A C   1 
ATOM   1048 O  O   . LEU A 1 135 ? -4.818  5.038   -4.854  1.00 8.17  ? 135 LEU A O   1 
ATOM   1049 C  CB  . LEU A 1 135 ? -2.574  6.346   -2.810  1.00 8.03  ? 135 LEU A CB  1 
ATOM   1050 C  CG  . LEU A 1 135 ? -1.093  6.112   -2.407  1.00 8.78  ? 135 LEU A CG  1 
ATOM   1051 C  CD1 . LEU A 1 135 ? -0.914  6.351   -0.914  1.00 9.10  ? 135 LEU A CD1 1 
ATOM   1052 C  CD2 . LEU A 1 135 ? -0.590  4.711   -2.696  1.00 9.62  ? 135 LEU A CD2 1 
ATOM   1053 N  N   . GLU A 1 136 ? -4.952  7.337   -4.845  1.00 8.27  ? 136 GLU A N   1 
ATOM   1054 C  CA  . GLU A 1 136 ? -6.332  7.368   -5.294  1.00 8.84  ? 136 GLU A CA  1 
ATOM   1055 C  C   . GLU A 1 136 ? -6.483  6.873   -6.725  1.00 8.48  ? 136 GLU A C   1 
ATOM   1056 O  O   . GLU A 1 136 ? -7.438  6.180   -7.012  1.00 7.58  ? 136 GLU A O   1 
ATOM   1057 C  CB  . GLU A 1 136 ? -6.906  8.777   -5.208  1.00 10.69 ? 136 GLU A CB  1 
ATOM   1058 C  CG  . GLU A 1 136 ? -7.236  9.100   -3.765  1.00 12.03 ? 136 GLU A CG  1 
ATOM   1059 C  CD  . GLU A 1 136 ? -7.561  10.566  -3.453  1.00 14.45 ? 136 GLU A CD  1 
ATOM   1060 O  OE1 . GLU A 1 136 ? -7.439  11.463  -4.318  1.00 16.71 ? 136 GLU A OE1 1 
ATOM   1061 O  OE2 . GLU A 1 136 ? -7.887  10.790  -2.262  1.00 16.76 ? 136 GLU A OE2 1 
ATOM   1062 N  N   . LEU A 1 137 ? -5.539  7.226   -7.580  1.00 7.60  ? 137 LEU A N   1 
ATOM   1063 C  CA  . LEU A 1 137 ? -5.491  6.751   -8.957  1.00 8.55  ? 137 LEU A CA  1 
ATOM   1064 C  C   . LEU A 1 137 ? -5.386  5.227   -9.048  1.00 8.56  ? 137 LEU A C   1 
ATOM   1065 O  O   . LEU A 1 137 ? -6.152  4.590   -9.799  1.00 8.54  ? 137 LEU A O   1 
ATOM   1066 C  CB  . LEU A 1 137 ? -4.378  7.449   -9.755  1.00 8.41  ? 137 LEU A CB  1 
ATOM   1067 C  CG  . LEU A 1 137 ? -4.252  7.028   -11.233 1.00 8.71  ? 137 LEU A CG  1 
ATOM   1068 C  CD1 . LEU A 1 137 ? -5.534  7.298   -11.991 1.00 9.44  ? 137 LEU A CD1 1 
ATOM   1069 C  CD2 . LEU A 1 137 ? -3.102  7.731   -11.910 1.00 8.76  ? 137 LEU A CD2 1 
ATOM   1070 N  N   . PHE A 1 138 ? -4.501  4.665   -8.245  1.00 9.18  ? 138 PHE A N   1 
ATOM   1071 C  CA  . PHE A 1 138 ? -4.344  3.239   -8.070  1.00 10.68 ? 138 PHE A CA  1 
ATOM   1072 C  C   . PHE A 1 138 ? -5.681  2.596   -7.639  1.00 10.66 ? 138 PHE A C   1 
ATOM   1073 O  O   . PHE A 1 138 ? -6.109  1.622   -8.230  1.00 9.55  ? 138 PHE A O   1 
ATOM   1074 C  CB  . PHE A 1 138 ? -3.231  2.971   -7.063  1.00 12.23 ? 138 PHE A CB  1 
ATOM   1075 C  CG  . PHE A 1 138 ? -3.204  1.574   -6.507  1.00 15.12 ? 138 PHE A CG  1 
ATOM   1076 C  CD1 . PHE A 1 138 ? -2.564  0.550   -7.205  1.00 17.85 ? 138 PHE A CD1 1 
ATOM   1077 C  CD2 . PHE A 1 138 ? -3.764  1.287   -5.265  1.00 17.00 ? 138 PHE A CD2 1 
ATOM   1078 C  CE1 . PHE A 1 138 ? -2.512  -0.749  -6.702  1.00 19.10 ? 138 PHE A CE1 1 
ATOM   1079 C  CE2 . PHE A 1 138 ? -3.728  0.001   -4.756  1.00 19.38 ? 138 PHE A CE2 1 
ATOM   1080 C  CZ  . PHE A 1 138 ? -3.118  -1.029  -5.482  1.00 20.00 ? 138 PHE A CZ  1 
ATOM   1081 N  N   . ARG A 1 139 ? -6.273  3.118   -6.559  1.00 10.45 ? 139 ARG A N   1 
ATOM   1082 C  CA  . ARG A 1 139 ? -7.571  2.600   -6.051  1.00 10.49 ? 139 ARG A CA  1 
ATOM   1083 C  C   . ARG A 1 139 ? -8.695  2.701   -7.062  1.00 10.51 ? 139 ARG A C   1 
ATOM   1084 O  O   . ARG A 1 139 ? -9.534  1.789   -7.169  1.00 10.41 ? 139 ARG A O   1 
ATOM   1085 C  CB  . ARG A 1 139 ? -7.914  3.324   -4.744  1.00 11.73 ? 139 ARG A CB  1 
ATOM   1086 C  CG  . ARG A 1 139 ? -8.421  2.389   -3.703  1.00 13.01 ? 139 ARG A CG  1 
ATOM   1087 C  CD  . ARG A 1 139 ? -8.341  2.904   -2.280  1.00 12.82 ? 139 ARG A CD  1 
ATOM   1088 N  NE  . ARG A 1 139 ? -8.864  4.231   -2.058  1.00 12.04 ? 139 ARG A NE  1 
ATOM   1089 C  CZ  . ARG A 1 139 ? -8.122  5.266   -1.750  1.00 12.80 ? 139 ARG A CZ  1 
ATOM   1090 N  NH1 . ARG A 1 139 ? -6.802  5.216   -1.724  1.00 13.25 ? 139 ARG A NH1 1 
ATOM   1091 N  NH2 . ARG A 1 139 ? -8.702  6.394   -1.515  1.00 13.55 ? 139 ARG A NH2 1 
ATOM   1092 N  N   . ASN A 1 140 ? -8.749  3.792   -7.826  1.00 10.78 ? 140 ASN A N   1 
ATOM   1093 C  CA  . ASN A 1 140 ? -9.796  3.965   -8.796  1.00 11.59 ? 140 ASN A CA  1 
ATOM   1094 C  C   . ASN A 1 140 ? -9.657  2.929   -9.925  1.00 11.67 ? 140 ASN A C   1 
ATOM   1095 O  O   . ASN A 1 140 ? -10.643 2.289   -10.403 1.00 9.47  ? 140 ASN A O   1 
ATOM   1096 C  CB  . ASN A 1 140 ? -9.716  5.366   -9.346  1.00 12.97 ? 140 ASN A CB  1 
ATOM   1097 C  CG  . ASN A 1 140 ? -10.910 5.739   -10.174 1.00 15.49 ? 140 ASN A CG  1 
ATOM   1098 O  OD1 . ASN A 1 140 ? -12.028 5.881   -9.653  1.00 19.20 ? 140 ASN A OD1 1 
ATOM   1099 N  ND2 . ASN A 1 140 ? -10.703 5.897   -11.440 1.00 15.52 ? 140 ASN A ND2 1 
ATOM   1100 N  N   . ASP A 1 141 ? -8.411  2.764   -10.382 1.00 11.52 ? 141 ASP A N   1 
ATOM   1101 C  CA  . ASP A 1 141 ? -8.150  1.800   -11.461 1.00 12.17 ? 141 ASP A CA  1 
ATOM   1102 C  C   . ASP A 1 141 ? -8.404  0.367   -10.994 1.00 12.19 ? 141 ASP A C   1 
ATOM   1103 O  O   . ASP A 1 141 ? -9.032  -0.412  -11.696 1.00 12.35 ? 141 ASP A O   1 
ATOM   1104 C  CB  . ASP A 1 141 ? -6.747  1.999   -12.064 1.00 12.36 ? 141 ASP A CB  1 
ATOM   1105 C  CG  . ASP A 1 141 ? -6.660  3.275   -12.937 1.00 13.29 ? 141 ASP A CG  1 
ATOM   1106 O  OD1 . ASP A 1 141 ? -7.731  3.800   -13.282 1.00 14.07 ? 141 ASP A OD1 1 
ATOM   1107 O  OD2 . ASP A 1 141 ? -5.559  3.750   -13.309 1.00 13.52 ? 141 ASP A OD2 1 
ATOM   1108 N  N   . ILE A 1 142 ? -7.925  0.014   -9.808  1.00 12.54 ? 142 ILE A N   1 
ATOM   1109 C  CA  . ILE A 1 142 ? -8.243  -1.281  -9.194  1.00 13.81 ? 142 ILE A CA  1 
ATOM   1110 C  C   . ILE A 1 142 ? -9.773  -1.434  -9.059  1.00 13.19 ? 142 ILE A C   1 
ATOM   1111 O  O   . ILE A 1 142 ? -10.320 -2.525  -9.319  1.00 12.17 ? 142 ILE A O   1 
ATOM   1112 C  CB  . ILE A 1 142 ? -7.557  -1.435  -7.788  1.00 16.18 ? 142 ILE A CB  1 
ATOM   1113 C  CG1 . ILE A 1 142 ? -6.106  -1.884  -7.901  1.00 19.35 ? 142 ILE A CG1 1 
ATOM   1114 C  CG2 . ILE A 1 142 ? -8.318  -2.382  -6.869  1.00 18.92 ? 142 ILE A CG2 1 
ATOM   1115 C  CD1 . ILE A 1 142 ? -5.839  -3.389  -7.718  1.00 18.72 ? 142 ILE A CD1 1 
ATOM   1116 N  N   . ALA A 1 143 ? -10.466 -0.374  -8.615  1.00 13.20 ? 143 ALA A N   1 
ATOM   1117 C  CA  . ALA A 1 143 ? -11.928 -0.460  -8.376  1.00 13.39 ? 143 ALA A CA  1 
ATOM   1118 C  C   . ALA A 1 143 ? -12.661 -0.828  -9.676  1.00 12.25 ? 143 ALA A C   1 
ATOM   1119 O  O   . ALA A 1 143 ? -13.602 -1.585  -9.651  1.00 12.87 ? 143 ALA A O   1 
ATOM   1120 C  CB  . ALA A 1 143 ? -12.487 0.830   -7.772  1.00 14.04 ? 143 ALA A CB  1 
ATOM   1121 N  N   . ALA A 1 144 ? -12.250 -0.267  -10.785 1.00 11.27 ? 144 ALA A N   1 
ATOM   1122 C  CA  . ALA A 1 144 ? -12.787 -0.614  -12.077 1.00 11.66 ? 144 ALA A CA  1 
ATOM   1123 C  C   . ALA A 1 144 ? -12.686 -2.141  -12.387 1.00 11.19 ? 144 ALA A C   1 
ATOM   1124 O  O   . ALA A 1 144 ? -13.655 -2.747  -12.906 1.00 10.26 ? 144 ALA A O   1 
ATOM   1125 C  CB  . ALA A 1 144 ? -12.108 0.209   -13.143 1.00 12.64 ? 144 ALA A CB  1 
ATOM   1126 N  N   . LYS A 1 145 ? -11.544 -2.745  -12.049 1.00 10.85 ? 145 LYS A N   1 
ATOM   1127 C  CA  . LYS A 1 145 ? -11.330 -4.184  -12.253 1.00 12.44 ? 145 LYS A CA  1 
ATOM   1128 C  C   . LYS A 1 145 ? -12.151 -4.976  -11.279 1.00 12.45 ? 145 LYS A C   1 
ATOM   1129 O  O   . LYS A 1 145 ? -12.775 -5.976  -11.683 1.00 11.89 ? 145 LYS A O   1 
ATOM   1130 C  CB  . LYS A 1 145 ? -9.904  -4.605  -12.151 1.00 13.74 ? 145 LYS A CB  1 
ATOM   1131 C  CG  . LYS A 1 145 ? -8.949  -3.799  -12.978 1.00 16.21 ? 145 LYS A CG  1 
ATOM   1132 C  CD  . LYS A 1 145 ? -9.215  -3.847  -14.448 1.00 19.44 ? 145 LYS A CD  1 
ATOM   1133 C  CE  . LYS A 1 145 ? -7.929  -3.532  -15.201 1.00 24.19 ? 145 LYS A CE  1 
ATOM   1134 N  NZ  . LYS A 1 145 ? -8.131  -2.754  -16.453 1.00 26.79 ? 145 LYS A NZ  1 
ATOM   1135 N  N   . TYR A 1 146 ? -12.226 -4.526  -10.014 1.00 11.39 ? 146 TYR A N   1 
ATOM   1136 C  CA  . TYR A 1 146 ? -13.113 -5.201  -9.043  1.00 11.85 ? 146 TYR A CA  1 
ATOM   1137 C  C   . TYR A 1 146 ? -14.562 -5.205  -9.528  1.00 13.29 ? 146 TYR A C   1 
ATOM   1138 O  O   . TYR A 1 146 ? -15.245 -6.232  -9.399  1.00 13.49 ? 146 TYR A O   1 
ATOM   1139 C  CB  . TYR A 1 146 ? -13.083 -4.541  -7.662  1.00 11.16 ? 146 TYR A CB  1 
ATOM   1140 C  CG  . TYR A 1 146 ? -12.055 -5.055  -6.692  1.00 10.82 ? 146 TYR A CG  1 
ATOM   1141 C  CD1 . TYR A 1 146 ? -10.719 -5.203  -7.029  1.00 10.67 ? 146 TYR A CD1 1 
ATOM   1142 C  CD2 . TYR A 1 146 ? -12.399 -5.288  -5.388  1.00 11.16 ? 146 TYR A CD2 1 
ATOM   1143 C  CE1 . TYR A 1 146 ? -9.786  -5.623  -6.088  1.00 10.39 ? 146 TYR A CE1 1 
ATOM   1144 C  CE2 . TYR A 1 146 ? -11.481 -5.706  -4.457  1.00 10.69 ? 146 TYR A CE2 1 
ATOM   1145 C  CZ  . TYR A 1 146 ? -10.177 -5.863  -4.797  1.00 10.58 ? 146 TYR A CZ  1 
ATOM   1146 O  OH  . TYR A 1 146 ? -9.306  -6.292  -3.860  1.00 9.53  ? 146 TYR A OH  1 
ATOM   1147 N  N   . LYS A 1 147 ? -15.036 -4.069  -10.078 1.00 13.55 ? 147 LYS A N   1 
ATOM   1148 C  CA  . LYS A 1 147 ? -16.419 -3.968  -10.567 1.00 14.66 ? 147 LYS A CA  1 
ATOM   1149 C  C   . LYS A 1 147 ? -16.663 -4.958  -11.690 1.00 14.97 ? 147 LYS A C   1 
ATOM   1150 O  O   . LYS A 1 147 ? -17.678 -5.670  -11.708 1.00 15.31 ? 147 LYS A O   1 
ATOM   1151 C  CB  . LYS A 1 147 ? -16.773 -2.555  -11.070 1.00 14.66 ? 147 LYS A CB  1 
ATOM   1152 C  CG  . LYS A 1 147 ? -18.232 -2.473  -11.480 1.00 16.57 ? 147 LYS A CG  1 
ATOM   1153 C  CD  . LYS A 1 147 ? -18.672 -1.038  -11.806 1.00 18.98 ? 147 LYS A CD  1 
ATOM   1154 C  CE  . LYS A 1 147 ? -20.069 -1.090  -12.382 1.00 20.08 ? 147 LYS A CE  1 
ATOM   1155 N  NZ  . LYS A 1 147 ? -20.380 0.212   -12.982 1.00 21.99 ? 147 LYS A NZ  1 
ATOM   1156 N  N   . GLU A 1 148 ? -15.720 -5.009  -12.604 1.00 15.48 ? 148 GLU A N   1 
ATOM   1157 C  CA  . GLU A 1 148 ? -15.729 -5.956  -13.662 1.00 18.57 ? 148 GLU A CA  1 
ATOM   1158 C  C   . GLU A 1 148 ? -15.889 -7.413  -13.151 1.00 17.76 ? 148 GLU A C   1 
ATOM   1159 O  O   . GLU A 1 148 ? -16.737 -8.208  -13.668 1.00 17.53 ? 148 GLU A O   1 
ATOM   1160 C  CB  . GLU A 1 148 ? -14.488 -5.656  -14.513 1.00 20.87 ? 148 GLU A CB  1 
ATOM   1161 C  CG  . GLU A 1 148 ? -14.046 -6.698  -15.455 1.00 24.60 ? 148 GLU A CG  1 
ATOM   1162 C  CD  . GLU A 1 148 ? -12.683 -6.388  -16.045 1.00 23.81 ? 148 GLU A CD  1 
ATOM   1163 O  OE1 . GLU A 1 148 ? -12.172 -5.254  -15.914 1.00 27.24 ? 148 GLU A OE1 1 
ATOM   1164 O  OE2 . GLU A 1 148 ? -12.149 -7.320  -16.638 1.00 29.44 ? 148 GLU A OE2 1 
ATOM   1165 N  N   . LEU A 1 149 ? -15.192 -7.731  -12.066 1.00 15.22 ? 149 LEU A N   1 
ATOM   1166 C  CA  . LEU A 1 149 ? -15.249 -9.052  -11.414 1.00 15.08 ? 149 LEU A CA  1 
ATOM   1167 C  C   . LEU A 1 149 ? -16.418 -9.235  -10.433 1.00 15.59 ? 149 LEU A C   1 
ATOM   1168 O  O   . LEU A 1 149 ? -16.472 -10.231 -9.717  1.00 16.92 ? 149 LEU A O   1 
ATOM   1169 C  CB  . LEU A 1 149 ? -13.898 -9.324  -10.707 1.00 15.06 ? 149 LEU A CB  1 
ATOM   1170 C  CG  . LEU A 1 149 ? -12.633 -9.355  -11.579 1.00 14.70 ? 149 LEU A CG  1 
ATOM   1171 C  CD1 . LEU A 1 149 ? -11.351 -9.173  -10.786 1.00 14.91 ? 149 LEU A CD1 1 
ATOM   1172 C  CD2 . LEU A 1 149 ? -12.525 -10.597 -12.444 1.00 14.28 ? 149 LEU A CD2 1 
ATOM   1173 N  N   . GLY A 1 150 ? -17.314 -8.260  -10.348 1.00 14.83 ? 150 GLY A N   1 
ATOM   1174 C  CA  . GLY A 1 150 ? -18.379 -8.240  -9.377  1.00 16.23 ? 150 GLY A CA  1 
ATOM   1175 C  C   . GLY A 1 150 ? -17.957 -8.260  -7.944  1.00 19.01 ? 150 GLY A C   1 
ATOM   1176 O  O   . GLY A 1 150 ? -18.718 -8.745  -7.119  1.00 18.02 ? 150 GLY A O   1 
ATOM   1177 N  N   . PHE A 1 151 ? -16.764 -7.770  -7.593  1.00 20.78 ? 151 PHE A N   1 
ATOM   1178 C  CA  . PHE A 1 151 ? -16.411 -7.855  -6.127  1.00 29.17 ? 151 PHE A CA  1 
ATOM   1179 C  C   . PHE A 1 151 ? -16.783 -6.503  -5.505  1.00 31.59 ? 151 PHE A C   1 
ATOM   1180 O  O   . PHE A 1 151 ? -17.337 -6.501  -4.417  1.00 39.64 ? 151 PHE A O   1 
ATOM   1181 C  CB  . PHE A 1 151 ? -14.983 -8.381  -5.808  1.00 27.98 ? 151 PHE A CB  1 
ATOM   1182 C  CG  . PHE A 1 151 ? -14.816 -9.024  -4.416  1.00 32.20 ? 151 PHE A CG  1 
ATOM   1183 C  CD1 . PHE A 1 151 ? -15.361 -10.275 -4.126  1.00 33.92 ? 151 PHE A CD1 1 
ATOM   1184 C  CD2 . PHE A 1 151 ? -14.042 -8.412  -3.422  1.00 33.80 ? 151 PHE A CD2 1 
ATOM   1185 C  CE1 . PHE A 1 151 ? -15.190 -10.869 -2.878  1.00 39.60 ? 151 PHE A CE1 1 
ATOM   1186 C  CE2 . PHE A 1 151 ? -13.866 -8.993  -2.175  1.00 33.08 ? 151 PHE A CE2 1 
ATOM   1187 C  CZ  . PHE A 1 151 ? -14.430 -10.218 -1.894  1.00 39.23 ? 151 PHE A CZ  1 
ATOM   1188 N  N   . GLN A 1 152 ? -16.560 -5.397  -6.235  1.00 37.06 ? 152 GLN A N   1 
ATOM   1189 C  CA  . GLN A 1 152 ? -17.027 -4.027  -5.886  1.00 39.50 ? 152 GLN A CA  1 
ATOM   1190 C  C   . GLN A 1 152 ? -16.499 -2.959  -6.804  1.00 34.47 ? 152 GLN A C   1 
ATOM   1191 O  O   . GLN A 1 152 ? -17.245 -2.046  -7.112  1.00 33.56 ? 152 GLN A O   1 
ATOM   1192 C  CB  . GLN A 1 152 ? -16.675 -3.604  -4.438  1.00 42.57 ? 152 GLN A CB  1 
ATOM   1193 C  CG  . GLN A 1 152 ? -15.276 -4.033  -3.964  1.00 44.52 ? 152 GLN A CG  1 
ATOM   1194 C  CD  . GLN A 1 152 ? -15.250 -4.647  -2.568  1.00 34.21 ? 152 GLN A CD  1 
ATOM   1195 O  OE1 . GLN A 1 152 ? -15.184 -5.859  -2.391  1.00 37.11 ? 152 GLN A OE1 1 
ATOM   1196 N  NE2 . GLN A 1 152 ? -15.383 -3.819  -1.587  1.00 42.53 ? 152 GLN A NE2 1 
HETATM 1197 C  CHA . HEM B 2 .   ? -0.502  -10.992 -1.578  1.00 10.54 ? 201 HEM A CHA 1 
HETATM 1198 C  CHB . HEM B 2 .   ? 0.509   -6.543  -3.313  1.00 10.05 ? 201 HEM A CHB 1 
HETATM 1199 C  CHC . HEM B 2 .   ? -2.963  -4.603  -0.472  1.00 11.47 ? 201 HEM A CHC 1 
HETATM 1200 C  CHD . HEM B 2 .   ? -3.881  -8.986  1.266   1.00 11.61 ? 201 HEM A CHD 1 
HETATM 1201 C  C1A . HEM B 2 .   ? 0.034   -9.919  -2.258  1.00 10.33 ? 201 HEM A C1A 1 
HETATM 1202 C  C2A . HEM B 2 .   ? 1.058   -10.053 -3.256  1.00 10.29 ? 201 HEM A C2A 1 
HETATM 1203 C  C3A . HEM B 2 .   ? 1.346   -8.832  -3.743  1.00 10.30 ? 201 HEM A C3A 1 
HETATM 1204 C  C4A . HEM B 2 .   ? 0.499   -7.889  -3.062  1.00 10.05 ? 201 HEM A C4A 1 
HETATM 1205 C  CMA . HEM B 2 .   ? 2.415   -8.482  -4.795  1.00 10.21 ? 201 HEM A CMA 1 
HETATM 1206 C  CAA . HEM B 2 .   ? 1.698   -11.359 -3.689  1.00 10.74 ? 201 HEM A CAA 1 
HETATM 1207 C  CBA . HEM B 2 .   ? 1.214   -11.727 -5.100  1.00 12.16 ? 201 HEM A CBA 1 
HETATM 1208 C  CGA . HEM B 2 .   ? -0.268  -11.995 -5.234  1.00 13.06 ? 201 HEM A CGA 1 
HETATM 1209 O  O1A . HEM B 2 .   ? -0.851  -12.809 -4.484  1.00 13.10 ? 201 HEM A O1A 1 
HETATM 1210 O  O2A . HEM B 2 .   ? -0.907  -11.326 -6.105  1.00 13.33 ? 201 HEM A O2A 1 
HETATM 1211 C  C1B . HEM B 2 .   ? -0.348  -5.616  -2.691  1.00 10.96 ? 201 HEM A C1B 1 
HETATM 1212 C  C2B . HEM B 2 .   ? -0.381  -4.190  -2.937  1.00 11.47 ? 201 HEM A C2B 1 
HETATM 1213 C  C3B . HEM B 2 .   ? -1.358  -3.646  -2.161  1.00 11.85 ? 201 HEM A C3B 1 
HETATM 1214 C  C4B . HEM B 2 .   ? -1.949  -4.763  -1.433  1.00 11.79 ? 201 HEM A C4B 1 
HETATM 1215 C  CMB . HEM B 2 .   ? 0.519   -3.440  -3.890  1.00 11.73 ? 201 HEM A CMB 1 
HETATM 1216 C  CAB . HEM B 2 .   ? -1.788  -2.248  -1.941  1.00 13.43 ? 201 HEM A CAB 1 
HETATM 1217 C  CBB . HEM B 2 .   ? -1.123  -1.180  -2.359  1.00 16.35 ? 201 HEM A CBB 1 
HETATM 1218 C  C1C . HEM B 2 .   ? -3.513  -5.648  0.304   1.00 11.25 ? 201 HEM A C1C 1 
HETATM 1219 C  C2C . HEM B 2 .   ? -4.426  -5.515  1.373   1.00 11.37 ? 201 HEM A C2C 1 
HETATM 1220 C  C3C . HEM B 2 .   ? -4.677  -6.760  1.863   1.00 11.63 ? 201 HEM A C3C 1 
HETATM 1221 C  C4C . HEM B 2 .   ? -3.894  -7.656  1.074   1.00 10.87 ? 201 HEM A C4C 1 
HETATM 1222 C  CMC . HEM B 2 .   ? -5.049  -4.212  1.861   1.00 11.74 ? 201 HEM A CMC 1 
HETATM 1223 C  CAC . HEM B 2 .   ? -5.554  -7.242  2.989   1.00 12.29 ? 201 HEM A CAC 1 
HETATM 1224 C  CBC . HEM B 2 .   ? -6.171  -6.490  3.846   1.00 13.29 ? 201 HEM A CBC 1 
HETATM 1225 C  C1D . HEM B 2 .   ? -3.029  -9.858  0.591   1.00 11.97 ? 201 HEM A C1D 1 
HETATM 1226 C  C2D . HEM B 2 .   ? -3.029  -11.290 0.921   1.00 12.96 ? 201 HEM A C2D 1 
HETATM 1227 C  C3D . HEM B 2 .   ? -2.079  -11.874 0.140   1.00 13.21 ? 201 HEM A C3D 1 
HETATM 1228 C  C4D . HEM B 2 .   ? -1.530  -10.774 -0.672  1.00 11.62 ? 201 HEM A C4D 1 
HETATM 1229 C  CMD . HEM B 2 .   ? -3.906  -12.049 1.893   1.00 12.32 ? 201 HEM A CMD 1 
HETATM 1230 C  CAD . HEM B 2 .   ? -1.714  -13.349 0.155   1.00 15.24 ? 201 HEM A CAD 1 
HETATM 1231 C  CBD . HEM B 2 .   ? -0.594  -13.505 1.206   1.00 17.81 ? 201 HEM A CBD 1 
HETATM 1232 C  CGD . HEM B 2 .   ? 0.057   -14.881 1.300   1.00 21.88 ? 201 HEM A CGD 1 
HETATM 1233 O  O1D . HEM B 2 .   ? 1.065   -15.128 0.627   1.00 27.23 ? 201 HEM A O1D 1 
HETATM 1234 O  O2D . HEM B 2 .   ? -0.333  -15.758 2.094   1.00 23.39 ? 201 HEM A O2D 1 
HETATM 1235 N  NA  . HEM B 2 .   ? -0.273  -8.572  -2.139  1.00 10.10 ? 201 HEM A NA  1 
HETATM 1236 N  NB  . HEM B 2 .   ? -1.309  -5.923  -1.816  1.00 11.17 ? 201 HEM A NB  1 
HETATM 1237 N  NC  . HEM B 2 .   ? -3.189  -6.938  0.171   1.00 10.76 ? 201 HEM A NC  1 
HETATM 1238 N  ND  . HEM B 2 .   ? -2.111  -9.542  -0.368  1.00 11.36 ? 201 HEM A ND  1 
HETATM 1239 FE FE  . HEM B 2 .   ? -1.755  -7.781  -1.062  1.00 10.14 ? 201 HEM A FE  1 
HETATM 1240 S  S   . H2S C 3 .   ? -0.234  -7.268  0.685   1.00 20.45 ? 202 H2S A S   1 
HETATM 1241 N  N   . NO2 D 4 .   ? 3.167   21.009  -12.703 1.00 33.85 ? 203 NO2 A N   1 
HETATM 1242 O  O1  . NO2 D 4 .   ? 3.417   20.034  -13.434 1.00 32.58 ? 203 NO2 A O1  1 
HETATM 1243 O  O2  . NO2 D 4 .   ? 2.092   21.005  -11.786 1.00 36.36 ? 203 NO2 A O2  1 
HETATM 1244 S  S   . SO4 E 5 .   ? 8.363   -15.323 11.779  1.00 35.60 ? 204 SO4 A S   1 
HETATM 1245 O  O1  . SO4 E 5 .   ? 8.449   -15.083 10.336  1.00 32.38 ? 204 SO4 A O1  1 
HETATM 1246 O  O2  . SO4 E 5 .   ? 7.053   -14.836 12.330  1.00 36.52 ? 204 SO4 A O2  1 
HETATM 1247 O  O3  . SO4 E 5 .   ? 8.422   -16.817 11.864  1.00 36.35 ? 204 SO4 A O3  1 
HETATM 1248 O  O4  . SO4 E 5 .   ? 9.534   -14.616 12.386  1.00 30.80 ? 204 SO4 A O4  1 
HETATM 1249 S  S   . SO4 F 5 .   ? -1.569  1.358   -19.663 0.60 32.27 ? 205 SO4 A S   1 
HETATM 1250 O  O1  . SO4 F 5 .   ? -2.483  1.736   -18.584 0.60 31.83 ? 205 SO4 A O1  1 
HETATM 1251 O  O2  . SO4 F 5 .   ? -2.346  0.812   -20.797 0.60 31.87 ? 205 SO4 A O2  1 
HETATM 1252 O  O3  . SO4 F 5 .   ? -0.637  0.321   -19.233 0.60 32.84 ? 205 SO4 A O3  1 
HETATM 1253 O  O4  . SO4 F 5 .   ? -0.869  2.556   -20.167 0.60 35.50 ? 205 SO4 A O4  1 
HETATM 1254 C  C1  . GOL G 6 .   ? 3.866   -14.450 -0.504  1.00 27.57 ? 206 GOL A C1  1 
HETATM 1255 O  O1  . GOL G 6 .   ? 2.734   -13.697 -0.954  1.00 27.96 ? 206 GOL A O1  1 
HETATM 1256 C  C2  . GOL G 6 .   ? 4.997   -13.578 0.029   1.00 26.97 ? 206 GOL A C2  1 
HETATM 1257 O  O2  . GOL G 6 .   ? 4.702   -13.067 1.314   1.00 28.33 ? 206 GOL A O2  1 
HETATM 1258 C  C3  . GOL G 6 .   ? 6.298   -14.393 0.109   1.00 27.23 ? 206 GOL A C3  1 
HETATM 1259 O  O3  . GOL G 6 .   ? 6.348   -15.459 1.082   1.00 24.69 ? 206 GOL A O3  1 
HETATM 1260 O  O   . HOH H 7 .   ? -15.068 -2.335  0.177   1.00 15.00 ? 301 HOH A O   1 
HETATM 1261 O  O   . HOH H 7 .   ? -7.353  12.082  -6.590  1.00 34.88 ? 302 HOH A O   1 
HETATM 1262 O  O   . HOH H 7 .   ? -11.658 -1.382  10.282  1.00 20.42 ? 303 HOH A O   1 
HETATM 1263 O  O   . HOH H 7 .   ? 16.095  6.022   -1.969  1.00 24.26 ? 304 HOH A O   1 
HETATM 1264 O  O   . HOH H 7 .   ? 15.463  -0.649  0.638   1.00 18.18 ? 305 HOH A O   1 
HETATM 1265 O  O   . HOH H 7 .   ? 13.727  3.342   8.037   1.00 30.41 ? 306 HOH A O   1 
HETATM 1266 O  O   . HOH H 7 .   ? -7.761  4.434   7.464   1.00 34.07 ? 307 HOH A O   1 
HETATM 1267 O  O   . HOH H 7 .   ? 12.692  -10.514 7.765   1.00 25.46 ? 308 HOH A O   1 
HETATM 1268 O  O   . HOH H 7 .   ? 9.864   -15.726 5.999   1.00 23.31 ? 309 HOH A O   1 
HETATM 1269 O  O   . HOH H 7 .   ? -7.734  -14.299 2.329   1.00 22.50 ? 310 HOH A O   1 
HETATM 1270 O  O   . HOH H 7 .   ? 6.066   -13.763 3.580   1.00 31.99 ? 311 HOH A O   1 
HETATM 1271 O  O   . HOH H 7 .   ? 14.129  6.148   4.537   1.00 16.26 ? 312 HOH A O   1 
HETATM 1272 O  O   . HOH H 7 .   ? 12.400  -4.608  -3.446  1.00 21.07 ? 313 HOH A O   1 
HETATM 1273 O  O   . HOH H 7 .   ? -8.607  -0.121  -14.272 1.00 17.05 ? 314 HOH A O   1 
HETATM 1274 O  O   . HOH H 7 .   ? -14.040 6.030   3.321   1.00 24.24 ? 315 HOH A O   1 
HETATM 1275 O  O   . HOH H 7 .   ? -4.490  5.141   -15.300 1.00 31.11 ? 316 HOH A O   1 
HETATM 1276 O  O   . HOH H 7 .   ? 15.168  -2.567  4.216   1.00 21.72 ? 317 HOH A O   1 
HETATM 1277 O  O   . HOH H 7 .   ? 0.088   17.641  4.849   1.00 20.60 ? 318 HOH A O   1 
HETATM 1278 O  O   . HOH H 7 .   ? -7.643  8.991   -0.289  1.00 14.33 ? 319 HOH A O   1 
HETATM 1279 O  O   . HOH H 7 .   ? -4.966  -16.239 -0.464  1.00 32.47 ? 320 HOH A O   1 
HETATM 1280 O  O   . HOH H 7 .   ? -0.740  -7.942  -17.189 1.00 16.67 ? 321 HOH A O   1 
HETATM 1281 O  O   . HOH H 7 .   ? 11.695  6.959   -6.593  1.00 26.80 ? 322 HOH A O   1 
HETATM 1282 O  O   . HOH H 7 .   ? 0.863   18.308  -4.767  1.00 22.32 ? 323 HOH A O   1 
HETATM 1283 O  O   . HOH H 7 .   ? 2.762   17.881  5.371   1.00 21.51 ? 324 HOH A O   1 
HETATM 1284 O  O   . HOH H 7 .   ? -7.138  14.026  -3.435  1.00 30.72 ? 325 HOH A O   1 
HETATM 1285 O  O   . HOH H 7 .   ? 3.378   0.880   12.085  1.00 29.42 ? 326 HOH A O   1 
HETATM 1286 O  O   . HOH H 7 .   ? 0.484   -15.034 -3.612  1.00 28.30 ? 327 HOH A O   1 
HETATM 1287 O  O   . HOH H 7 .   ? -11.238 -2.326  12.488  1.00 12.55 ? 328 HOH A O   1 
HETATM 1288 O  O   . HOH H 7 .   ? 14.084  10.707  -2.441  1.00 18.16 ? 329 HOH A O   1 
HETATM 1289 O  O   . HOH H 7 .   ? 6.982   -7.442  -5.324  1.00 8.13  ? 330 HOH A O   1 
HETATM 1290 O  O   . HOH H 7 .   ? -3.868  12.142  2.636   1.00 15.92 ? 331 HOH A O   1 
HETATM 1291 O  O   . HOH H 7 .   ? -7.679  -10.157 13.749  1.00 20.32 ? 332 HOH A O   1 
HETATM 1292 O  O   . HOH H 7 .   ? 1.549   -6.894  -10.796 1.00 17.26 ? 333 HOH A O   1 
HETATM 1293 O  O   . HOH H 7 .   ? -5.524  0.480   -15.217 1.00 23.27 ? 334 HOH A O   1 
HETATM 1294 O  O   . HOH H 7 .   ? 14.403  -1.208  8.950   1.00 24.47 ? 335 HOH A O   1 
HETATM 1295 O  O   . HOH H 7 .   ? -5.865  10.850  -8.586  1.00 20.32 ? 336 HOH A O   1 
HETATM 1296 O  O   . HOH H 7 .   ? 5.815   15.424  7.923   1.00 13.25 ? 337 HOH A O   1 
HETATM 1297 O  O   . HOH H 7 .   ? 0.971   4.616   -11.549 1.00 10.14 ? 338 HOH A O   1 
HETATM 1298 O  O   . HOH H 7 .   ? -4.746  2.664   8.051   1.00 34.81 ? 339 HOH A O   1 
HETATM 1299 O  O   . HOH H 7 .   ? 6.784   -13.472 15.625  1.00 25.95 ? 340 HOH A O   1 
HETATM 1300 O  O   . HOH H 7 .   ? -4.467  14.924  -2.902  1.00 18.66 ? 341 HOH A O   1 
HETATM 1301 O  O   . HOH H 7 .   ? 7.610   -3.750  -8.907  1.00 12.83 ? 342 HOH A O   1 
HETATM 1302 O  O   . HOH H 7 .   ? -1.426  10.939  -14.646 1.00 17.10 ? 343 HOH A O   1 
HETATM 1303 O  O   . HOH H 7 .   ? 7.757   18.551  -8.162  1.00 25.38 ? 344 HOH A O   1 
HETATM 1304 O  O   . HOH H 7 .   ? -12.263 -14.374 3.534   1.00 25.10 ? 345 HOH A O   1 
HETATM 1305 O  O   . HOH H 7 .   ? 3.385   -3.474  3.234   1.00 29.51 ? 346 HOH A O   1 
HETATM 1306 O  O   . HOH H 7 .   ? -3.697  -12.816 -10.665 1.00 19.33 ? 347 HOH A O   1 
HETATM 1307 O  O   . HOH H 7 .   ? 2.933   5.375   14.760  1.00 28.30 ? 348 HOH A O   1 
HETATM 1308 O  O   . HOH H 7 .   ? -1.349  17.202  -5.449  1.00 13.46 ? 349 HOH A O   1 
HETATM 1309 O  O   . HOH H 7 .   ? 2.485   9.597   -17.321 1.00 23.75 ? 350 HOH A O   1 
HETATM 1310 O  O   . HOH H 7 .   ? -5.364  7.727   -0.804  1.00 28.66 ? 351 HOH A O   1 
HETATM 1311 O  O   . HOH H 7 .   ? -1.081  5.231   -9.572  1.00 15.48 ? 352 HOH A O   1 
HETATM 1312 O  O   . HOH H 7 .   ? -3.383  8.443   7.779   1.00 26.16 ? 353 HOH A O   1 
HETATM 1313 O  O   . HOH H 7 .   ? -3.809  4.869   9.040   1.00 17.48 ? 354 HOH A O   1 
HETATM 1314 O  O   . HOH H 7 .   ? 12.830  -8.902  2.870   1.00 26.64 ? 355 HOH A O   1 
HETATM 1315 O  O   . HOH H 7 .   ? 10.284  -0.993  -7.633  1.00 30.82 ? 356 HOH A O   1 
# 
